data_6K2M
#
_entry.id   6K2M
#
_cell.length_a   135.926
_cell.length_b   150.588
_cell.length_c   171.009
_cell.angle_alpha   90.00
_cell.angle_beta   90.00
_cell.angle_gamma   90.00
#
_symmetry.space_group_name_H-M   'P 21 21 21'
#
loop_
_entity.id
_entity.type
_entity.pdbx_description
1 polymer 'Proliferating cell nuclear antigen'
2 non-polymer ARGININE
3 water water
#
_entity_poly.entity_id   1
_entity_poly.type   'polypeptide(L)'
_entity_poly.pdbx_seq_one_letter_code
;HSGRPVLGSSMLEAQVQFASLWKRLVECINGLVNEANFDCNPGGLSVQAMDSSHVALVHMLLRDDCFVKYQCGRNSILGL
NLASLSKVLKIVDSNDSLSLRHDDDSDVVTLTSENPEKTRKCEYQLKLLEIEAESMGIPEMDYRSTVTLNSAEFAKIVRD
MQVFGDTVTIAISKEGVKFSSSGDVGQGYTFLQAAGVSDRSTKSEVKAEVKAEARDDDEEPLSRKYGKADSSANAIGVEV
TMEEPITLSFALRFMGIFAKGSTLSERVTLKFAKDSPCMVEYGIDNVGYLRYYLAPKVDDAE
;
_entity_poly.pdbx_strand_id   A,D,E,B,C,F
#
# COMPACT_ATOMS: atom_id res chain seq x y z
N MET A 11 -23.99 -18.08 42.19
CA MET A 11 -23.71 -18.33 40.74
C MET A 11 -24.79 -17.61 39.87
N LEU A 12 -24.46 -17.18 38.64
CA LEU A 12 -25.39 -16.52 37.66
C LEU A 12 -25.71 -17.47 36.49
N GLU A 13 -26.95 -17.48 35.98
CA GLU A 13 -27.32 -18.21 34.73
C GLU A 13 -28.32 -17.38 33.92
N ALA A 14 -28.08 -17.27 32.60
CA ALA A 14 -28.74 -16.34 31.66
C ALA A 14 -28.68 -16.89 30.24
N GLN A 15 -29.82 -17.44 29.81
CA GLN A 15 -30.01 -18.10 28.49
C GLN A 15 -30.77 -17.15 27.58
N VAL A 16 -30.22 -16.90 26.40
CA VAL A 16 -30.92 -16.15 25.33
C VAL A 16 -31.52 -17.18 24.37
N GLN A 17 -32.71 -16.93 23.82
CA GLN A 17 -33.34 -17.88 22.86
C GLN A 17 -32.51 -17.95 21.56
N PHE A 18 -32.08 -16.77 21.09
CA PHE A 18 -31.33 -16.60 19.81
C PHE A 18 -30.03 -15.82 20.05
N ALA A 19 -28.86 -16.45 19.86
CA ALA A 19 -27.52 -15.86 20.13
C ALA A 19 -27.26 -14.65 19.22
N SER A 20 -27.95 -14.59 18.07
CA SER A 20 -28.24 -13.35 17.32
C SER A 20 -27.86 -12.15 18.19
N LEU A 21 -28.60 -11.94 19.27
CA LEU A 21 -28.47 -10.75 20.13
C LEU A 21 -27.02 -10.54 20.61
N TRP A 22 -26.47 -11.51 21.34
CA TRP A 22 -25.12 -11.44 21.94
C TRP A 22 -24.09 -11.14 20.84
N LYS A 23 -24.21 -11.82 19.71
CA LYS A 23 -23.33 -11.63 18.53
C LYS A 23 -23.40 -10.16 18.11
N ARG A 24 -24.63 -9.66 17.89
CA ARG A 24 -24.87 -8.28 17.41
C ARG A 24 -24.42 -7.31 18.51
N LEU A 25 -24.59 -7.65 19.78
CA LEU A 25 -24.26 -6.72 20.90
C LEU A 25 -22.75 -6.60 21.11
N VAL A 26 -22.06 -7.71 21.25
CA VAL A 26 -20.64 -7.65 21.67
C VAL A 26 -19.84 -6.94 20.58
N GLU A 27 -20.19 -7.16 19.31
CA GLU A 27 -19.63 -6.43 18.14
C GLU A 27 -19.62 -4.91 18.40
N CYS A 28 -20.78 -4.30 18.63
CA CYS A 28 -20.94 -2.85 18.92
C CYS A 28 -19.97 -2.43 20.01
N ILE A 29 -19.99 -3.10 21.16
CA ILE A 29 -19.26 -2.56 22.34
C ILE A 29 -17.76 -2.90 22.20
N ASN A 30 -17.36 -3.97 21.50
CA ASN A 30 -15.94 -4.34 21.28
C ASN A 30 -15.23 -3.26 20.44
N GLY A 31 -16.01 -2.59 19.58
CA GLY A 31 -15.60 -1.39 18.85
C GLY A 31 -15.07 -0.27 19.73
N LEU A 32 -15.57 -0.14 20.97
CA LEU A 32 -15.22 0.98 21.87
C LEU A 32 -14.12 0.57 22.84
N VAL A 33 -14.13 -0.66 23.35
CA VAL A 33 -13.30 -1.15 24.49
C VAL A 33 -13.01 -2.62 24.25
N ASN A 34 -11.86 -3.15 24.67
CA ASN A 34 -11.52 -4.56 24.32
C ASN A 34 -11.73 -5.45 25.56
N GLU A 35 -12.16 -4.85 26.67
CA GLU A 35 -12.50 -5.51 27.95
C GLU A 35 -13.50 -4.65 28.72
N ALA A 36 -14.50 -5.26 29.35
CA ALA A 36 -15.51 -4.52 30.13
C ALA A 36 -16.04 -5.42 31.24
N ASN A 37 -16.39 -4.82 32.39
CA ASN A 37 -17.10 -5.55 33.48
C ASN A 37 -18.58 -5.62 33.11
N PHE A 38 -19.14 -6.82 33.08
CA PHE A 38 -20.60 -7.08 33.17
C PHE A 38 -21.00 -6.99 34.65
N ASP A 39 -21.85 -6.02 35.02
CA ASP A 39 -22.57 -5.99 36.33
C ASP A 39 -23.87 -6.79 36.14
N CYS A 40 -23.94 -7.96 36.80
CA CYS A 40 -25.11 -8.86 36.87
C CYS A 40 -25.72 -8.81 38.28
N ASN A 41 -26.71 -7.94 38.43
CA ASN A 41 -27.74 -7.82 39.50
C ASN A 41 -28.95 -8.66 39.07
N PRO A 42 -30.01 -8.85 39.92
CA PRO A 42 -31.22 -9.57 39.48
C PRO A 42 -32.18 -8.81 38.56
N GLY A 43 -31.92 -7.50 38.38
CA GLY A 43 -32.57 -6.63 37.39
C GLY A 43 -32.14 -6.95 35.95
N GLY A 44 -30.89 -7.42 35.80
CA GLY A 44 -30.28 -7.94 34.56
C GLY A 44 -28.79 -7.56 34.42
N LEU A 45 -28.18 -7.94 33.29
CA LEU A 45 -26.80 -7.60 32.85
C LEU A 45 -26.65 -6.15 32.40
N SER A 46 -25.47 -5.58 32.63
CA SER A 46 -25.23 -4.12 32.51
C SER A 46 -23.74 -3.88 32.34
N VAL A 47 -23.27 -3.76 31.11
CA VAL A 47 -21.94 -3.17 30.81
C VAL A 47 -22.03 -1.64 30.83
N GLN A 48 -21.12 -0.96 31.49
CA GLN A 48 -20.99 0.51 31.35
C GLN A 48 -19.51 0.88 31.36
N ALA A 49 -18.89 1.15 30.20
CA ALA A 49 -17.43 1.37 30.06
C ALA A 49 -17.12 2.64 29.26
N MET A 50 -15.93 3.21 29.47
CA MET A 50 -15.39 4.34 28.66
C MET A 50 -14.31 3.87 27.69
N ASP A 51 -14.19 4.60 26.59
CA ASP A 51 -13.04 4.50 25.66
C ASP A 51 -11.81 5.08 26.38
N SER A 52 -10.62 4.77 25.88
CA SER A 52 -9.34 5.04 26.57
C SER A 52 -9.07 6.55 26.57
N SER A 53 -9.68 7.33 25.69
CA SER A 53 -9.46 8.80 25.62
C SER A 53 -10.42 9.53 26.55
N HIS A 54 -11.30 8.79 27.21
CA HIS A 54 -12.28 9.37 28.14
C HIS A 54 -13.15 10.42 27.41
N VAL A 55 -13.71 10.05 26.27
CA VAL A 55 -14.50 10.95 25.39
C VAL A 55 -15.86 10.35 25.06
N ALA A 56 -15.93 9.02 25.02
CA ALA A 56 -17.14 8.26 24.68
C ALA A 56 -17.37 7.20 25.76
N LEU A 57 -18.64 6.98 26.08
CA LEU A 57 -19.09 6.06 27.12
C LEU A 57 -20.18 5.17 26.52
N VAL A 58 -20.07 3.84 26.69
CA VAL A 58 -21.17 2.87 26.43
C VAL A 58 -21.87 2.63 27.74
N HIS A 59 -23.17 2.38 27.66
CA HIS A 59 -24.03 1.90 28.76
C HIS A 59 -25.03 0.99 28.09
N MET A 60 -24.92 -0.30 28.35
CA MET A 60 -25.87 -1.29 27.81
C MET A 60 -26.56 -1.89 29.03
N LEU A 61 -27.87 -2.03 28.93
CA LEU A 61 -28.68 -2.77 29.92
C LEU A 61 -29.44 -3.85 29.16
N LEU A 62 -29.17 -5.13 29.44
CA LEU A 62 -30.15 -6.21 29.14
C LEU A 62 -30.96 -6.50 30.40
N ARG A 63 -32.27 -6.34 30.29
CA ARG A 63 -33.18 -6.49 31.43
C ARG A 63 -33.41 -7.98 31.58
N ASP A 64 -33.84 -8.45 32.75
CA ASP A 64 -33.99 -9.90 33.02
C ASP A 64 -34.91 -10.55 31.96
N ASP A 65 -35.97 -9.85 31.51
CA ASP A 65 -37.04 -10.41 30.62
C ASP A 65 -36.57 -10.46 29.17
N CYS A 66 -35.37 -9.94 28.90
CA CYS A 66 -34.56 -10.20 27.67
C CYS A 66 -34.30 -11.70 27.49
N PHE A 67 -34.06 -12.40 28.60
CA PHE A 67 -33.66 -13.82 28.65
C PHE A 67 -34.89 -14.68 28.95
N VAL A 68 -34.84 -15.95 28.52
CA VAL A 68 -35.86 -16.99 28.86
C VAL A 68 -35.58 -17.51 30.28
N LYS A 69 -34.32 -17.70 30.65
CA LYS A 69 -33.90 -18.09 32.03
C LYS A 69 -32.95 -17.03 32.57
N TYR A 70 -33.26 -16.44 33.72
CA TYR A 70 -32.33 -15.53 34.44
C TYR A 70 -32.41 -15.77 35.94
N GLN A 71 -31.24 -16.01 36.53
CA GLN A 71 -31.00 -16.19 37.99
C GLN A 71 -29.75 -15.37 38.34
N CYS A 72 -29.85 -14.44 39.26
CA CYS A 72 -28.69 -13.72 39.82
C CYS A 72 -29.05 -13.22 41.21
N GLY A 73 -29.06 -14.12 42.19
CA GLY A 73 -29.47 -13.84 43.58
C GLY A 73 -28.82 -12.55 44.06
N ARG A 74 -27.49 -12.50 44.07
CA ARG A 74 -26.69 -11.35 44.57
C ARG A 74 -25.83 -10.80 43.42
N ASN A 75 -25.37 -9.55 43.50
CA ASN A 75 -24.68 -8.83 42.38
C ASN A 75 -23.24 -9.34 42.25
N SER A 76 -22.93 -10.14 41.22
CA SER A 76 -21.54 -10.42 40.79
C SER A 76 -21.13 -9.42 39.68
N ILE A 77 -19.82 -9.16 39.57
CA ILE A 77 -19.19 -8.33 38.51
C ILE A 77 -18.14 -9.17 37.75
N LEU A 78 -18.32 -9.42 36.44
CA LEU A 78 -17.40 -10.29 35.63
C LEU A 78 -16.63 -9.45 34.60
N GLY A 79 -15.32 -9.36 34.75
CA GLY A 79 -14.42 -8.84 33.71
C GLY A 79 -14.32 -9.81 32.55
N LEU A 80 -14.71 -9.38 31.35
CA LEU A 80 -14.57 -10.21 30.15
C LEU A 80 -13.72 -9.47 29.12
N ASN A 81 -12.93 -10.23 28.37
CA ASN A 81 -12.11 -9.72 27.25
C ASN A 81 -13.01 -9.73 26.02
N LEU A 82 -13.47 -8.57 25.59
CA LEU A 82 -14.52 -8.49 24.55
C LEU A 82 -13.93 -8.98 23.22
N ALA A 83 -12.62 -8.87 23.05
CA ALA A 83 -11.92 -9.44 21.88
C ALA A 83 -12.24 -10.94 21.78
N SER A 84 -11.85 -11.72 22.78
CA SER A 84 -12.08 -13.19 22.89
C SER A 84 -13.56 -13.50 22.74
N LEU A 85 -14.39 -12.87 23.58
CA LEU A 85 -15.87 -13.02 23.52
C LEU A 85 -16.31 -12.88 22.06
N SER A 86 -15.83 -11.82 21.38
CA SER A 86 -16.11 -11.58 19.94
C SER A 86 -15.65 -12.80 19.16
N LYS A 87 -14.40 -13.21 19.33
CA LYS A 87 -13.78 -14.29 18.51
C LYS A 87 -14.61 -15.55 18.64
N VAL A 88 -15.22 -15.80 19.80
CA VAL A 88 -16.15 -16.95 20.02
C VAL A 88 -17.52 -16.68 19.38
N LEU A 89 -18.26 -15.69 19.83
CA LEU A 89 -19.63 -15.43 19.32
C LEU A 89 -19.61 -15.45 17.78
N LYS A 90 -18.51 -15.05 17.15
CA LYS A 90 -18.35 -15.13 15.68
C LYS A 90 -18.59 -16.58 15.21
N ILE A 91 -18.32 -17.61 16.00
CA ILE A 91 -18.54 -19.02 15.53
C ILE A 91 -19.89 -19.56 15.99
N VAL A 92 -20.49 -19.00 17.04
CA VAL A 92 -21.83 -19.44 17.51
C VAL A 92 -22.85 -19.12 16.41
N ASP A 93 -23.76 -20.05 16.12
CA ASP A 93 -24.80 -19.89 15.07
C ASP A 93 -25.81 -18.84 15.53
N SER A 94 -26.32 -18.04 14.60
CA SER A 94 -27.43 -17.08 14.84
C SER A 94 -28.53 -17.72 15.70
N ASN A 95 -29.08 -18.86 15.27
CA ASN A 95 -30.41 -19.40 15.68
C ASN A 95 -30.24 -20.46 16.77
N ASP A 96 -29.01 -20.76 17.17
CA ASP A 96 -28.71 -21.51 18.42
C ASP A 96 -29.08 -20.63 19.61
N SER A 97 -29.50 -21.23 20.72
CA SER A 97 -29.62 -20.59 22.05
C SER A 97 -28.22 -20.41 22.62
N LEU A 98 -28.02 -19.46 23.53
CA LEU A 98 -26.71 -19.27 24.20
C LEU A 98 -26.94 -18.96 25.69
N SER A 99 -26.57 -19.92 26.52
CA SER A 99 -26.66 -19.79 27.99
C SER A 99 -25.30 -19.38 28.54
N LEU A 100 -25.27 -18.30 29.31
CA LEU A 100 -24.03 -17.79 29.92
C LEU A 100 -24.13 -18.04 31.44
N ARG A 101 -23.32 -18.96 32.00
CA ARG A 101 -23.25 -19.25 33.46
C ARG A 101 -21.87 -18.89 34.03
N HIS A 102 -21.84 -18.62 35.33
CA HIS A 102 -20.63 -18.51 36.16
C HIS A 102 -20.94 -19.10 37.53
N ASP A 103 -20.19 -20.12 37.97
CA ASP A 103 -20.36 -20.75 39.32
C ASP A 103 -19.40 -19.98 40.23
N ASP A 104 -19.96 -19.51 41.35
CA ASP A 104 -19.32 -18.55 42.28
C ASP A 104 -18.21 -19.16 43.12
N ASP A 105 -16.98 -19.02 42.64
CA ASP A 105 -15.67 -19.44 43.22
C ASP A 105 -14.66 -19.54 42.07
N SER A 106 -15.20 -19.76 40.87
CA SER A 106 -14.39 -20.14 39.68
C SER A 106 -13.80 -18.88 39.05
N ASP A 107 -12.77 -19.08 38.22
CA ASP A 107 -12.12 -17.95 37.52
C ASP A 107 -12.58 -18.00 36.07
N VAL A 108 -13.76 -18.56 35.81
CA VAL A 108 -14.21 -18.69 34.41
C VAL A 108 -15.71 -18.46 34.28
N VAL A 109 -16.11 -18.11 33.06
CA VAL A 109 -17.51 -17.90 32.58
C VAL A 109 -17.71 -18.92 31.47
N THR A 110 -18.93 -19.35 31.19
CA THR A 110 -19.15 -20.49 30.26
C THR A 110 -20.40 -20.25 29.39
N LEU A 111 -20.17 -20.20 28.08
CA LEU A 111 -21.25 -20.10 27.07
C LEU A 111 -21.56 -21.50 26.56
N THR A 112 -22.84 -21.81 26.35
CA THR A 112 -23.34 -23.15 25.96
C THR A 112 -24.43 -22.94 24.91
N SER A 113 -24.25 -23.54 23.73
CA SER A 113 -25.04 -23.26 22.50
C SER A 113 -25.70 -24.55 22.05
N GLU A 114 -27.04 -24.58 22.06
CA GLU A 114 -27.81 -25.74 21.56
C GLU A 114 -28.72 -25.29 20.41
N ASN A 115 -28.51 -25.95 19.27
CA ASN A 115 -29.51 -26.35 18.25
C ASN A 115 -30.93 -26.32 18.81
N PRO A 116 -31.96 -25.92 18.03
CA PRO A 116 -33.35 -26.13 18.43
C PRO A 116 -33.64 -27.62 18.64
N GLU A 117 -33.23 -28.44 17.66
CA GLU A 117 -33.46 -29.91 17.62
C GLU A 117 -32.37 -30.66 18.41
N LYS A 118 -31.66 -30.00 19.35
CA LYS A 118 -30.80 -30.65 20.38
C LYS A 118 -29.73 -31.60 19.80
N THR A 119 -29.58 -31.70 18.47
CA THR A 119 -28.66 -32.64 17.77
C THR A 119 -27.22 -32.22 17.96
N ARG A 120 -26.96 -30.94 18.28
CA ARG A 120 -25.60 -30.35 18.42
C ARG A 120 -25.56 -29.44 19.64
N LYS A 121 -24.55 -29.59 20.50
CA LYS A 121 -24.27 -28.71 21.67
C LYS A 121 -22.80 -28.26 21.62
N CYS A 122 -22.58 -26.95 21.73
CA CYS A 122 -21.24 -26.33 21.82
C CYS A 122 -21.08 -25.73 23.21
N GLU A 123 -19.91 -25.88 23.82
CA GLU A 123 -19.56 -25.23 25.10
C GLU A 123 -18.16 -24.63 25.01
N TYR A 124 -18.10 -23.32 25.21
CA TYR A 124 -16.88 -22.49 25.25
C TYR A 124 -16.73 -21.89 26.66
N GLN A 125 -15.51 -21.80 27.22
CA GLN A 125 -15.32 -21.07 28.49
C GLN A 125 -14.14 -20.09 28.39
N LEU A 126 -14.37 -18.83 28.82
CA LEU A 126 -13.41 -17.70 28.81
C LEU A 126 -12.95 -17.38 30.23
N LYS A 127 -11.66 -17.10 30.42
CA LYS A 127 -11.12 -16.62 31.71
C LYS A 127 -11.70 -15.23 31.99
N LEU A 128 -11.93 -14.93 33.28
CA LEU A 128 -12.30 -13.58 33.74
C LEU A 128 -11.03 -12.74 33.90
N LEU A 129 -11.17 -11.42 33.97
CA LEU A 129 -10.08 -10.46 34.25
C LEU A 129 -10.43 -9.65 35.49
N GLU A 130 -9.42 -9.09 36.13
CA GLU A 130 -9.60 -7.99 37.11
C GLU A 130 -9.63 -6.72 36.27
N ILE A 131 -10.80 -6.12 36.03
CA ILE A 131 -10.80 -4.86 35.25
C ILE A 131 -10.70 -3.67 36.23
N GLU A 132 -9.59 -2.95 36.08
CA GLU A 132 -9.04 -1.87 36.94
C GLU A 132 -10.08 -0.77 37.17
N ALA A 133 -10.21 0.20 36.24
CA ALA A 133 -10.87 1.52 36.45
C ALA A 133 -12.33 1.49 36.00
N GLU A 134 -13.28 1.76 36.92
CA GLU A 134 -14.71 2.06 36.63
C GLU A 134 -14.94 3.54 36.97
N SER A 135 -14.16 4.41 36.32
CA SER A 135 -14.12 5.90 36.46
C SER A 135 -15.51 6.53 36.21
N MET A 136 -16.16 6.21 35.07
CA MET A 136 -17.64 6.26 34.83
C MET A 136 -18.20 7.69 34.86
N GLY A 137 -19.50 7.80 35.15
CA GLY A 137 -20.20 9.06 35.40
C GLY A 137 -21.19 9.34 34.28
N ILE A 138 -22.25 8.52 34.20
CA ILE A 138 -23.36 8.66 33.19
C ILE A 138 -23.82 10.11 33.23
N PRO A 139 -23.45 10.95 32.25
CA PRO A 139 -23.57 12.41 32.42
C PRO A 139 -25.01 12.88 32.66
N GLU A 140 -25.98 12.05 32.25
CA GLU A 140 -27.42 12.37 32.11
C GLU A 140 -27.67 13.81 32.55
N MET A 141 -27.76 14.71 31.57
CA MET A 141 -28.36 16.06 31.71
C MET A 141 -29.75 16.04 31.04
N ASP A 142 -30.34 17.22 30.88
CA ASP A 142 -31.64 17.42 30.20
C ASP A 142 -31.32 17.66 28.73
N TYR A 143 -31.90 16.87 27.83
CA TYR A 143 -31.71 16.98 26.36
C TYR A 143 -32.87 17.81 25.76
N ARG A 144 -32.55 19.01 25.25
CA ARG A 144 -33.52 19.96 24.62
C ARG A 144 -33.91 19.40 23.24
N SER A 145 -32.93 19.21 22.36
CA SER A 145 -33.10 18.77 20.96
C SER A 145 -33.06 17.24 20.85
N THR A 146 -33.91 16.69 19.99
CA THR A 146 -34.02 15.25 19.64
C THR A 146 -34.15 15.08 18.12
N VAL A 147 -33.82 13.88 17.66
CA VAL A 147 -33.88 13.47 16.24
C VAL A 147 -33.73 11.95 16.22
N THR A 148 -34.60 11.31 15.44
CA THR A 148 -34.85 9.86 15.41
C THR A 148 -34.88 9.49 13.94
N LEU A 149 -34.23 8.42 13.51
CA LEU A 149 -34.15 8.16 12.04
C LEU A 149 -33.78 6.71 11.83
N ASN A 150 -33.97 6.22 10.60
CA ASN A 150 -33.65 4.81 10.26
C ASN A 150 -32.16 4.68 10.61
N SER A 151 -31.81 3.66 11.40
CA SER A 151 -30.47 3.49 12.01
C SER A 151 -29.44 3.34 10.88
N ALA A 152 -29.84 2.63 9.83
CA ALA A 152 -28.97 2.26 8.72
C ALA A 152 -28.66 3.49 7.87
N GLU A 153 -29.58 4.46 7.83
CA GLU A 153 -29.38 5.77 7.15
C GLU A 153 -28.30 6.49 7.93
N PHE A 154 -28.46 6.52 9.25
CA PHE A 154 -27.51 7.21 10.16
C PHE A 154 -26.12 6.63 9.84
N ALA A 155 -26.08 5.30 9.66
CA ALA A 155 -24.83 4.55 9.49
C ALA A 155 -24.14 4.96 8.19
N LYS A 156 -24.92 4.99 7.11
CA LYS A 156 -24.53 5.48 5.77
C LYS A 156 -24.01 6.90 5.94
N ILE A 157 -24.79 7.78 6.54
CA ILE A 157 -24.40 9.22 6.64
C ILE A 157 -23.02 9.34 7.32
N VAL A 158 -22.67 8.53 8.32
CA VAL A 158 -21.35 8.72 9.00
C VAL A 158 -20.28 8.12 8.10
N ARG A 159 -20.51 6.95 7.50
CA ARG A 159 -19.64 6.34 6.45
C ARG A 159 -19.42 7.34 5.30
N ASP A 160 -20.46 8.11 4.96
CA ASP A 160 -20.47 9.14 3.89
C ASP A 160 -19.59 10.29 4.34
N MET A 161 -19.92 10.96 5.44
CA MET A 161 -19.13 12.10 5.99
C MET A 161 -17.66 11.68 6.14
N GLN A 162 -17.40 10.39 6.36
CA GLN A 162 -16.03 9.89 6.60
C GLN A 162 -15.20 10.14 5.33
N VAL A 163 -15.71 9.97 4.10
CA VAL A 163 -14.88 10.16 2.85
C VAL A 163 -14.28 11.57 2.80
N PHE A 164 -14.95 12.58 3.40
CA PHE A 164 -14.54 13.99 3.40
C PHE A 164 -13.50 14.22 4.47
N GLY A 165 -13.95 14.41 5.71
CA GLY A 165 -13.09 14.66 6.89
C GLY A 165 -13.25 13.60 7.97
N ASP A 166 -12.91 13.96 9.20
CA ASP A 166 -13.07 13.09 10.39
C ASP A 166 -13.79 13.89 11.50
N THR A 167 -14.76 14.75 11.15
CA THR A 167 -15.52 15.55 12.14
C THR A 167 -16.87 16.01 11.60
N VAL A 168 -17.87 15.15 11.66
CA VAL A 168 -19.25 15.53 11.28
C VAL A 168 -19.73 16.66 12.19
N THR A 169 -20.45 17.62 11.59
CA THR A 169 -21.05 18.81 12.24
C THR A 169 -22.56 18.73 12.06
N ILE A 170 -23.28 18.51 13.14
CA ILE A 170 -24.74 18.26 13.08
C ILE A 170 -25.45 19.56 13.45
N ALA A 171 -26.17 20.13 12.48
CA ALA A 171 -27.00 21.34 12.64
C ALA A 171 -28.46 20.90 12.64
N ILE A 172 -29.22 21.25 13.70
CA ILE A 172 -30.65 20.84 13.87
C ILE A 172 -31.51 22.10 13.83
N SER A 173 -32.62 22.03 13.08
CA SER A 173 -33.57 23.14 12.79
C SER A 173 -34.95 22.58 12.45
N LYS A 174 -36.01 23.30 12.81
CA LYS A 174 -37.45 22.90 12.76
C LYS A 174 -37.69 21.89 11.63
N GLU A 175 -37.14 22.15 10.43
CA GLU A 175 -37.51 21.46 9.15
C GLU A 175 -36.46 20.42 8.72
N GLY A 176 -35.40 20.19 9.51
CA GLY A 176 -34.50 19.04 9.27
C GLY A 176 -33.15 19.13 9.98
N VAL A 177 -32.26 18.18 9.66
CA VAL A 177 -30.92 18.03 10.29
C VAL A 177 -29.88 17.94 9.16
N LYS A 178 -28.74 18.62 9.35
CA LYS A 178 -27.64 18.79 8.36
C LYS A 178 -26.35 18.24 8.95
N PHE A 179 -25.97 17.04 8.52
CA PHE A 179 -24.62 16.46 8.74
C PHE A 179 -23.65 16.98 7.66
N SER A 180 -22.63 17.74 8.05
CA SER A 180 -21.62 18.39 7.17
C SER A 180 -20.21 17.94 7.55
N SER A 181 -19.36 17.59 6.58
CA SER A 181 -17.92 17.36 6.82
C SER A 181 -17.04 18.09 5.79
N SER A 182 -15.71 18.08 5.99
CA SER A 182 -14.66 18.80 5.19
C SER A 182 -13.32 18.09 5.28
N GLY A 183 -12.70 17.87 4.13
CA GLY A 183 -11.39 17.20 4.01
C GLY A 183 -10.65 17.71 2.80
N ASP A 184 -9.62 16.96 2.37
CA ASP A 184 -8.80 17.30 1.19
C ASP A 184 -9.68 17.04 -0.06
N VAL A 185 -10.42 15.93 -0.04
CA VAL A 185 -11.40 15.54 -1.11
C VAL A 185 -12.38 16.67 -1.41
N GLY A 186 -12.73 17.46 -0.40
CA GLY A 186 -13.61 18.64 -0.58
C GLY A 186 -14.49 18.87 0.64
N GLN A 187 -15.80 18.79 0.47
CA GLN A 187 -16.75 19.36 1.43
C GLN A 187 -18.15 18.81 1.18
N GLY A 188 -18.66 18.00 2.11
CA GLY A 188 -19.96 17.31 2.00
C GLY A 188 -21.03 17.91 2.90
N TYR A 189 -22.29 17.63 2.59
CA TYR A 189 -23.43 17.79 3.51
C TYR A 189 -24.56 16.88 3.02
N THR A 190 -25.06 16.09 3.96
CA THR A 190 -26.32 15.33 3.85
C THR A 190 -27.33 16.09 4.69
N PHE A 191 -28.51 16.36 4.13
CA PHE A 191 -29.62 17.05 4.81
C PHE A 191 -30.83 16.13 4.76
N LEU A 192 -31.42 15.90 5.93
CA LEU A 192 -32.64 15.08 6.08
C LEU A 192 -33.77 16.04 6.44
N GLN A 193 -34.75 16.21 5.54
CA GLN A 193 -35.97 17.03 5.79
C GLN A 193 -36.79 16.29 6.85
N ALA A 194 -37.49 17.03 7.72
CA ALA A 194 -38.22 16.54 8.91
C ALA A 194 -39.46 15.73 8.51
N ALA A 195 -39.24 14.59 7.80
CA ALA A 195 -40.26 13.62 7.31
C ALA A 195 -40.98 12.97 8.48
N GLY A 237 -39.84 8.23 9.46
CA GLY A 237 -39.14 9.15 8.56
C GLY A 237 -37.91 9.77 9.22
N VAL A 238 -38.10 10.93 9.86
CA VAL A 238 -37.06 11.69 10.63
C VAL A 238 -37.74 12.59 11.67
N GLU A 239 -37.97 12.12 12.90
CA GLU A 239 -38.64 12.93 13.96
C GLU A 239 -37.61 13.84 14.63
N VAL A 240 -37.28 14.97 14.01
CA VAL A 240 -36.77 16.15 14.77
C VAL A 240 -37.89 16.61 15.70
N THR A 241 -37.49 17.12 16.86
CA THR A 241 -38.38 17.71 17.90
C THR A 241 -37.45 18.42 18.88
N MET A 242 -37.04 19.64 18.56
CA MET A 242 -36.09 20.47 19.34
C MET A 242 -36.83 21.57 20.15
N GLU A 243 -36.05 22.46 20.77
CA GLU A 243 -36.52 23.70 21.46
C GLU A 243 -35.91 24.92 20.76
N GLU A 244 -34.59 24.93 20.50
CA GLU A 244 -33.89 26.02 19.78
C GLU A 244 -33.22 25.43 18.53
N PRO A 245 -32.70 26.25 17.60
CA PRO A 245 -31.64 25.80 16.69
C PRO A 245 -30.45 25.40 17.58
N ILE A 246 -29.66 24.42 17.13
CA ILE A 246 -28.55 23.82 17.91
C ILE A 246 -27.59 23.11 16.95
N THR A 247 -26.31 23.42 17.05
CA THR A 247 -25.26 22.86 16.18
C THR A 247 -24.08 22.40 17.04
N LEU A 248 -23.75 21.13 16.98
CA LEU A 248 -22.55 20.55 17.61
C LEU A 248 -21.70 19.88 16.55
N SER A 249 -20.47 19.53 16.89
CA SER A 249 -19.59 18.73 16.03
C SER A 249 -19.04 17.57 16.87
N PHE A 250 -18.40 16.58 16.25
CA PHE A 250 -18.16 15.26 16.88
C PHE A 250 -17.12 14.46 16.11
N ALA A 251 -16.26 13.75 16.84
CA ALA A 251 -15.25 12.81 16.30
C ALA A 251 -15.97 11.78 15.42
N LEU A 252 -15.59 11.63 14.17
CA LEU A 252 -16.42 10.76 13.30
C LEU A 252 -16.05 9.31 13.59
N ARG A 253 -14.82 9.06 14.05
CA ARG A 253 -14.38 7.72 14.51
C ARG A 253 -15.44 7.09 15.40
N PHE A 254 -15.91 7.86 16.37
CA PHE A 254 -16.81 7.36 17.45
C PHE A 254 -18.21 7.19 16.90
N MET A 255 -18.74 8.20 16.22
CA MET A 255 -20.06 8.08 15.55
C MET A 255 -20.09 6.77 14.75
N GLY A 256 -19.00 6.44 14.07
CA GLY A 256 -18.78 5.18 13.34
C GLY A 256 -18.93 3.94 14.22
N ILE A 257 -18.29 3.94 15.38
CA ILE A 257 -18.37 2.78 16.33
C ILE A 257 -19.82 2.61 16.76
N PHE A 258 -20.49 3.73 17.01
CA PHE A 258 -21.87 3.76 17.56
C PHE A 258 -22.84 3.23 16.53
N ALA A 259 -22.58 3.51 15.25
CA ALA A 259 -23.56 3.35 14.15
C ALA A 259 -23.75 1.85 13.84
N LYS A 260 -22.74 1.05 14.17
CA LYS A 260 -22.78 -0.44 14.21
C LYS A 260 -23.98 -0.86 15.07
N GLY A 261 -24.47 0.05 15.91
CA GLY A 261 -25.76 -0.06 16.61
C GLY A 261 -26.89 -0.52 15.71
N SER A 262 -26.81 -0.27 14.41
CA SER A 262 -27.97 -0.43 13.48
C SER A 262 -28.38 -1.91 13.38
N THR A 263 -27.46 -2.84 13.68
CA THR A 263 -27.69 -4.31 13.75
C THR A 263 -28.78 -4.67 14.77
N LEU A 264 -29.10 -3.80 15.74
CA LEU A 264 -29.98 -4.08 16.92
C LEU A 264 -31.36 -3.43 16.79
N SER A 265 -31.45 -2.24 16.21
CA SER A 265 -32.68 -1.42 16.18
C SER A 265 -32.86 -0.88 14.77
N GLU A 266 -34.07 -1.01 14.22
CA GLU A 266 -34.49 -0.37 12.93
C GLU A 266 -34.22 1.13 13.04
N ARG A 267 -34.41 1.74 14.23
CA ARG A 267 -34.26 3.20 14.45
C ARG A 267 -33.31 3.53 15.63
N VAL A 268 -32.49 4.55 15.42
CA VAL A 268 -31.58 5.13 16.42
C VAL A 268 -32.19 6.47 16.82
N THR A 269 -31.81 6.98 17.98
CA THR A 269 -32.17 8.33 18.45
C THR A 269 -30.94 9.08 18.92
N LEU A 270 -30.74 10.28 18.39
CA LEU A 270 -29.65 11.16 18.85
C LEU A 270 -30.31 12.22 19.72
N LYS A 271 -29.73 12.54 20.87
CA LYS A 271 -30.21 13.61 21.78
C LYS A 271 -29.04 14.58 21.99
N PHE A 272 -29.29 15.88 22.02
CA PHE A 272 -28.22 16.91 22.06
C PHE A 272 -28.57 18.02 23.03
N ALA A 273 -27.55 18.70 23.54
CA ALA A 273 -27.66 19.95 24.32
C ALA A 273 -26.35 20.71 24.19
N LYS A 274 -26.35 22.04 24.31
CA LYS A 274 -25.12 22.87 24.11
C LYS A 274 -24.06 22.35 25.09
N ASP A 275 -22.77 22.52 24.76
CA ASP A 275 -21.61 22.17 25.64
C ASP A 275 -21.74 20.76 26.24
N SER A 276 -22.58 19.90 25.68
CA SER A 276 -23.00 18.64 26.35
C SER A 276 -22.92 17.45 25.41
N PRO A 277 -22.32 16.36 25.95
CA PRO A 277 -22.38 15.06 25.32
C PRO A 277 -23.73 14.85 24.63
N CYS A 278 -23.70 14.62 23.33
CA CYS A 278 -24.77 13.90 22.63
C CYS A 278 -24.89 12.50 23.24
N MET A 279 -26.08 11.95 23.16
CA MET A 279 -26.34 10.55 23.46
C MET A 279 -26.96 9.97 22.21
N VAL A 280 -26.58 8.77 21.82
CA VAL A 280 -27.23 8.07 20.69
C VAL A 280 -27.68 6.75 21.30
N GLU A 281 -28.95 6.41 21.16
CA GLU A 281 -29.57 5.29 21.88
C GLU A 281 -30.21 4.37 20.86
N TYR A 282 -29.87 3.10 20.97
CA TYR A 282 -30.46 1.99 20.20
C TYR A 282 -31.37 1.23 21.18
N GLY A 283 -32.67 1.22 20.93
CA GLY A 283 -33.59 0.38 21.68
C GLY A 283 -33.44 -1.09 21.31
N ILE A 284 -33.06 -1.93 22.27
CA ILE A 284 -33.21 -3.42 22.14
C ILE A 284 -34.65 -3.81 22.53
N ASP A 285 -35.48 -4.19 21.56
CA ASP A 285 -36.92 -4.59 21.71
C ASP A 285 -37.54 -3.65 22.75
N ASN A 286 -38.16 -4.19 23.81
CA ASN A 286 -38.53 -3.35 24.98
C ASN A 286 -37.90 -3.96 26.23
N VAL A 287 -36.69 -4.53 26.07
CA VAL A 287 -36.01 -5.40 27.08
C VAL A 287 -34.56 -4.97 27.26
N GLY A 288 -34.22 -3.73 26.91
CA GLY A 288 -32.86 -3.21 27.13
C GLY A 288 -32.56 -2.03 26.23
N TYR A 289 -31.44 -1.37 26.51
CA TYR A 289 -30.90 -0.30 25.66
C TYR A 289 -29.39 -0.50 25.51
N LEU A 290 -28.87 -0.14 24.34
CA LEU A 290 -27.45 0.20 24.12
C LEU A 290 -27.42 1.69 23.88
N ARG A 291 -26.68 2.40 24.71
CA ARG A 291 -26.75 3.85 24.79
C ARG A 291 -25.30 4.36 24.82
N TYR A 292 -24.91 5.19 23.87
CA TYR A 292 -23.54 5.77 23.76
C TYR A 292 -23.64 7.27 24.02
N TYR A 293 -22.65 7.83 24.70
CA TYR A 293 -22.49 9.28 24.88
C TYR A 293 -21.08 9.63 24.42
N LEU A 294 -20.93 10.83 23.87
CA LEU A 294 -19.72 11.31 23.17
C LEU A 294 -19.62 12.82 23.36
N ALA A 295 -18.42 13.27 23.69
CA ALA A 295 -18.11 14.68 23.95
C ALA A 295 -18.14 15.42 22.62
N PRO A 296 -18.78 16.59 22.59
CA PRO A 296 -18.62 17.50 21.45
C PRO A 296 -17.12 17.73 21.24
N LYS A 297 -16.70 17.94 19.99
CA LYS A 297 -15.38 18.55 19.66
C LYS A 297 -15.50 20.05 19.91
N VAL A 298 -14.58 20.62 20.70
CA VAL A 298 -14.29 22.09 20.83
C VAL A 298 -12.80 22.26 20.45
N ASP A 299 -12.15 23.38 20.84
CA ASP A 299 -10.72 23.70 20.59
C ASP A 299 -10.51 23.89 19.08
N MET B 11 15.09 40.66 -29.48
CA MET B 11 15.00 41.99 -28.82
C MET B 11 14.36 41.86 -27.42
N LEU B 12 14.60 40.73 -26.70
CA LEU B 12 14.73 40.61 -25.22
C LEU B 12 15.75 39.53 -24.85
N GLU B 13 16.81 39.94 -24.14
CA GLU B 13 17.84 39.00 -23.62
C GLU B 13 18.07 39.34 -22.14
N ALA B 14 17.85 38.36 -21.28
CA ALA B 14 18.33 38.33 -19.89
C ALA B 14 19.18 37.06 -19.71
N GLN B 15 20.41 37.26 -19.27
CA GLN B 15 21.35 36.15 -18.98
C GLN B 15 21.91 36.41 -17.59
N VAL B 16 22.08 35.33 -16.83
CA VAL B 16 22.68 35.39 -15.48
C VAL B 16 23.80 34.35 -15.44
N GLN B 17 24.86 34.66 -14.69
CA GLN B 17 26.13 33.90 -14.68
C GLN B 17 25.86 32.50 -14.14
N PHE B 18 25.14 32.42 -13.02
CA PHE B 18 24.74 31.16 -12.33
C PHE B 18 23.22 30.94 -12.47
N ALA B 19 22.81 29.78 -13.01
CA ALA B 19 21.40 29.33 -13.21
C ALA B 19 20.72 28.95 -11.88
N SER B 20 21.50 28.53 -10.88
CA SER B 20 21.07 28.40 -9.47
C SER B 20 19.89 29.34 -9.23
N LEU B 21 20.07 30.64 -9.51
CA LEU B 21 19.06 31.67 -9.19
C LEU B 21 17.70 31.34 -9.84
N TRP B 22 17.64 31.22 -11.17
CA TRP B 22 16.36 30.91 -11.87
C TRP B 22 15.77 29.62 -11.29
N LYS B 23 16.58 28.57 -11.15
CA LYS B 23 16.15 27.28 -10.56
C LYS B 23 15.46 27.52 -9.20
N ARG B 24 16.10 28.22 -8.24
CA ARG B 24 15.64 28.33 -6.81
C ARG B 24 14.35 29.17 -6.78
N LEU B 25 14.19 30.06 -7.76
CA LEU B 25 13.09 31.05 -7.88
C LEU B 25 11.84 30.42 -8.46
N VAL B 26 11.97 29.77 -9.61
CA VAL B 26 10.80 29.10 -10.25
C VAL B 26 10.18 28.12 -9.23
N GLU B 27 10.99 27.33 -8.51
CA GLU B 27 10.51 26.47 -7.38
C GLU B 27 9.64 27.29 -6.43
N CYS B 28 10.09 28.46 -6.00
CA CYS B 28 9.34 29.32 -5.05
C CYS B 28 7.98 29.74 -5.61
N ILE B 29 7.91 30.21 -6.85
CA ILE B 29 6.61 30.75 -7.34
C ILE B 29 5.73 29.57 -7.80
N ASN B 30 6.30 28.49 -8.36
CA ASN B 30 5.54 27.30 -8.84
C ASN B 30 4.85 26.61 -7.67
N GLY B 31 5.47 26.69 -6.48
CA GLY B 31 4.78 26.46 -5.20
C GLY B 31 3.33 26.96 -5.19
N LEU B 32 3.06 28.11 -5.81
CA LEU B 32 1.85 28.90 -5.50
C LEU B 32 0.90 28.95 -6.69
N VAL B 33 1.44 28.91 -7.91
CA VAL B 33 0.69 29.08 -9.19
C VAL B 33 1.50 28.37 -10.28
N ASN B 34 0.86 27.92 -11.35
CA ASN B 34 1.51 27.08 -12.40
C ASN B 34 1.57 27.86 -13.72
N GLU B 35 1.25 29.15 -13.70
CA GLU B 35 1.49 30.10 -14.82
C GLU B 35 1.57 31.51 -14.29
N ALA B 36 2.43 32.33 -14.89
CA ALA B 36 2.50 33.77 -14.61
C ALA B 36 3.09 34.51 -15.78
N ASN B 37 2.79 35.80 -15.84
CA ASN B 37 3.44 36.76 -16.77
C ASN B 37 4.74 37.28 -16.12
N PHE B 38 5.84 37.02 -16.83
CA PHE B 38 7.15 37.72 -16.68
C PHE B 38 7.03 39.10 -17.32
N ASP B 39 6.90 40.15 -16.52
CA ASP B 39 6.83 41.57 -16.96
C ASP B 39 8.25 42.16 -16.91
N CYS B 40 8.97 42.13 -18.04
CA CYS B 40 10.33 42.68 -18.22
C CYS B 40 10.31 44.15 -18.70
N ASN B 41 11.13 45.00 -18.06
CA ASN B 41 11.21 46.47 -18.28
C ASN B 41 12.66 46.90 -18.12
N PRO B 42 13.07 48.12 -18.56
CA PRO B 42 14.37 48.66 -18.22
C PRO B 42 14.73 48.42 -16.76
N GLY B 43 13.77 48.65 -15.83
CA GLY B 43 13.98 48.46 -14.38
C GLY B 43 14.46 47.05 -13.99
N GLY B 44 14.00 46.03 -14.73
CA GLY B 44 14.22 44.59 -14.49
C GLY B 44 12.94 43.76 -14.65
N LEU B 45 13.05 42.44 -14.48
CA LEU B 45 11.95 41.45 -14.55
C LEU B 45 11.08 41.47 -13.30
N SER B 46 9.78 41.27 -13.45
CA SER B 46 8.85 41.11 -12.30
C SER B 46 7.84 39.98 -12.62
N VAL B 47 7.51 39.18 -11.61
CA VAL B 47 6.30 38.31 -11.66
C VAL B 47 5.36 38.78 -10.54
N GLN B 48 4.06 38.80 -10.80
CA GLN B 48 3.06 39.22 -9.79
C GLN B 48 1.79 38.43 -10.11
N ALA B 49 1.67 37.28 -9.46
CA ALA B 49 0.56 36.32 -9.67
C ALA B 49 -0.05 35.97 -8.32
N MET B 50 -1.30 35.52 -8.35
CA MET B 50 -2.17 35.24 -7.18
C MET B 50 -2.64 33.78 -7.26
N ASP B 51 -2.85 33.12 -6.11
CA ASP B 51 -3.16 31.66 -6.13
C ASP B 51 -4.61 31.51 -6.60
N SER B 52 -4.92 30.31 -7.12
CA SER B 52 -6.21 29.97 -7.77
C SER B 52 -7.38 30.26 -6.82
N SER B 53 -7.09 30.30 -5.52
CA SER B 53 -8.10 30.53 -4.46
C SER B 53 -8.12 32.00 -4.05
N HIS B 54 -7.51 32.90 -4.82
CA HIS B 54 -7.44 34.36 -4.51
C HIS B 54 -7.24 34.61 -3.00
N VAL B 55 -6.12 34.22 -2.41
CA VAL B 55 -5.87 34.38 -0.95
C VAL B 55 -4.41 34.71 -0.64
N ALA B 56 -3.48 34.42 -1.56
CA ALA B 56 -2.05 34.75 -1.43
C ALA B 56 -1.54 35.26 -2.77
N LEU B 57 -0.51 36.08 -2.73
CA LEU B 57 0.11 36.61 -3.96
C LEU B 57 1.64 36.55 -3.83
N VAL B 58 2.36 36.30 -4.93
CA VAL B 58 3.80 36.65 -5.08
C VAL B 58 3.94 37.95 -5.86
N HIS B 59 4.81 38.85 -5.38
CA HIS B 59 5.62 39.80 -6.20
C HIS B 59 7.08 39.34 -6.15
N MET B 60 7.65 38.98 -7.29
CA MET B 60 9.12 38.82 -7.44
C MET B 60 9.61 39.90 -8.36
N LEU B 61 10.74 40.50 -8.00
CA LEU B 61 11.44 41.50 -8.82
C LEU B 61 12.93 41.15 -8.89
N LEU B 62 13.40 40.85 -10.09
CA LEU B 62 14.84 40.79 -10.40
C LEU B 62 15.24 42.09 -11.10
N ARG B 63 15.82 43.03 -10.34
CA ARG B 63 16.40 44.31 -10.85
C ARG B 63 17.40 44.03 -11.99
N ASP B 64 17.55 44.94 -12.96
CA ASP B 64 18.48 44.84 -14.11
C ASP B 64 19.94 44.64 -13.65
N ASP B 65 20.33 45.23 -12.51
CA ASP B 65 21.70 45.17 -11.92
C ASP B 65 22.06 43.72 -11.55
N CYS B 66 21.14 42.77 -11.74
CA CYS B 66 21.23 41.36 -11.27
C CYS B 66 21.80 40.46 -12.36
N PHE B 67 21.67 40.83 -13.64
CA PHE B 67 22.09 40.00 -14.80
C PHE B 67 23.52 40.40 -15.20
N VAL B 68 24.21 39.53 -15.93
CA VAL B 68 25.43 39.92 -16.70
C VAL B 68 24.94 40.68 -17.94
N LYS B 69 24.08 40.05 -18.74
CA LYS B 69 23.51 40.58 -20.00
C LYS B 69 22.01 40.87 -19.77
N TYR B 70 21.57 42.14 -19.81
CA TYR B 70 20.12 42.50 -19.73
C TYR B 70 19.72 43.61 -20.71
N GLN B 71 19.20 43.21 -21.88
CA GLN B 71 18.70 44.12 -22.94
C GLN B 71 17.15 43.99 -23.00
N CYS B 72 16.47 45.07 -22.61
CA CYS B 72 14.99 45.18 -22.57
C CYS B 72 14.60 46.65 -22.83
N GLY B 73 14.72 47.03 -24.11
CA GLY B 73 14.40 48.36 -24.67
C GLY B 73 12.97 48.71 -24.33
N ARG B 74 12.03 47.92 -24.87
CA ARG B 74 10.57 48.18 -24.91
C ARG B 74 9.98 47.95 -23.51
N ASN B 75 8.87 47.21 -23.41
CA ASN B 75 8.12 47.02 -22.14
C ASN B 75 7.25 45.77 -22.28
N SER B 76 7.83 44.70 -22.86
CA SER B 76 7.22 43.37 -23.23
C SER B 76 6.97 42.45 -22.01
N ILE B 77 6.03 41.51 -22.19
CA ILE B 77 5.36 40.65 -21.16
C ILE B 77 5.28 39.20 -21.67
N LEU B 78 6.07 38.27 -21.14
CA LEU B 78 5.99 36.83 -21.55
C LEU B 78 5.25 36.04 -20.47
N GLY B 79 4.11 35.46 -20.83
CA GLY B 79 3.41 34.45 -20.01
C GLY B 79 4.05 33.08 -20.22
N LEU B 80 4.11 32.28 -19.16
CA LEU B 80 4.94 31.06 -19.11
C LEU B 80 4.28 29.96 -18.29
N ASN B 81 4.30 28.73 -18.80
CA ASN B 81 3.80 27.54 -18.07
C ASN B 81 4.92 27.11 -17.10
N LEU B 82 4.81 27.50 -15.83
CA LEU B 82 5.80 27.20 -14.76
C LEU B 82 5.91 25.69 -14.55
N ALA B 83 4.83 24.95 -14.77
CA ALA B 83 4.85 23.48 -14.79
C ALA B 83 6.08 23.07 -15.58
N SER B 84 6.21 23.61 -16.80
CA SER B 84 7.21 23.24 -17.82
C SER B 84 8.55 23.91 -17.50
N LEU B 85 8.53 25.23 -17.33
CA LEU B 85 9.76 26.00 -17.03
C LEU B 85 10.52 25.23 -15.95
N SER B 86 9.82 24.90 -14.86
CA SER B 86 10.32 24.12 -13.69
C SER B 86 10.95 22.82 -14.16
N LYS B 87 10.24 22.02 -14.98
CA LYS B 87 10.74 20.70 -15.48
C LYS B 87 12.02 20.88 -16.30
N VAL B 88 12.15 22.00 -17.02
CA VAL B 88 13.34 22.31 -17.85
C VAL B 88 14.48 22.73 -16.91
N LEU B 89 14.26 23.75 -16.09
CA LEU B 89 15.30 24.28 -15.16
C LEU B 89 15.83 23.13 -14.28
N LYS B 90 15.00 22.14 -13.97
CA LYS B 90 15.36 21.03 -13.05
C LYS B 90 16.55 20.25 -13.63
N ILE B 91 16.82 20.36 -14.94
CA ILE B 91 17.91 19.58 -15.63
C ILE B 91 19.03 20.49 -16.13
N VAL B 92 18.88 21.81 -16.02
CA VAL B 92 20.00 22.78 -16.18
C VAL B 92 20.92 22.64 -14.97
N ASP B 93 22.23 22.76 -15.18
CA ASP B 93 23.23 22.75 -14.08
C ASP B 93 23.16 24.08 -13.31
N SER B 94 23.33 24.02 -11.99
CA SER B 94 23.56 25.19 -11.07
C SER B 94 24.52 26.20 -11.71
N ASN B 95 25.72 25.73 -12.12
CA ASN B 95 26.94 26.58 -12.25
C ASN B 95 27.11 27.00 -13.70
N ASP B 96 26.23 26.53 -14.58
CA ASP B 96 26.14 27.01 -15.98
C ASP B 96 25.48 28.40 -15.98
N SER B 97 25.65 29.14 -17.08
CA SER B 97 24.91 30.38 -17.40
C SER B 97 23.49 29.99 -17.75
N LEU B 98 22.57 30.95 -17.71
CA LEU B 98 21.27 30.80 -18.39
C LEU B 98 20.81 32.14 -18.97
N SER B 99 20.69 32.14 -20.29
CA SER B 99 20.19 33.27 -21.11
C SER B 99 18.76 32.96 -21.50
N LEU B 100 17.85 33.76 -20.93
CA LEU B 100 16.42 33.87 -21.34
C LEU B 100 16.33 34.86 -22.51
N ARG B 101 15.89 34.39 -23.67
CA ARG B 101 15.94 35.14 -24.94
C ARG B 101 14.61 34.97 -25.68
N HIS B 102 13.99 36.08 -26.13
CA HIS B 102 12.71 36.13 -26.88
C HIS B 102 12.66 37.31 -27.85
N ASP B 103 12.38 37.01 -29.13
CA ASP B 103 12.48 37.95 -30.29
C ASP B 103 11.14 38.68 -30.48
N ASP B 104 11.18 40.00 -30.75
CA ASP B 104 9.98 40.82 -31.08
C ASP B 104 9.09 40.01 -32.04
N ASP B 105 7.78 39.99 -31.75
CA ASP B 105 6.77 38.93 -32.06
C ASP B 105 7.42 37.62 -32.56
N SER B 106 7.22 36.53 -31.81
CA SER B 106 7.97 35.24 -31.95
C SER B 106 7.16 34.03 -31.52
N ASP B 107 6.43 34.11 -30.40
CA ASP B 107 5.48 33.05 -29.90
C ASP B 107 6.23 32.04 -29.01
N VAL B 108 7.56 32.01 -29.06
CA VAL B 108 8.38 31.12 -28.20
C VAL B 108 9.45 31.95 -27.50
N VAL B 109 9.93 31.41 -26.39
CA VAL B 109 11.11 31.94 -25.63
C VAL B 109 12.09 30.77 -25.49
N THR B 110 13.39 31.05 -25.55
CA THR B 110 14.46 30.03 -25.58
C THR B 110 15.40 30.27 -24.39
N LEU B 111 15.76 29.19 -23.70
CA LEU B 111 16.76 29.19 -22.60
C LEU B 111 18.04 28.60 -23.17
N THR B 112 19.16 29.26 -22.92
CA THR B 112 20.49 28.94 -23.48
C THR B 112 21.44 28.77 -22.29
N SER B 113 21.92 27.55 -22.09
CA SER B 113 22.77 27.18 -20.94
C SER B 113 24.13 26.76 -21.47
N GLU B 114 25.20 27.36 -20.96
CA GLU B 114 26.61 27.07 -21.32
C GLU B 114 27.38 26.92 -20.01
N ASN B 115 28.25 25.91 -19.88
CA ASN B 115 29.21 25.75 -18.75
C ASN B 115 30.26 26.87 -18.84
N PRO B 116 31.09 27.11 -17.80
CA PRO B 116 32.15 28.12 -17.88
C PRO B 116 33.19 27.85 -19.00
N GLU B 117 33.42 26.57 -19.30
CA GLU B 117 34.46 26.05 -20.24
C GLU B 117 33.93 25.97 -21.68
N LYS B 118 32.68 26.34 -21.96
CA LYS B 118 32.06 26.37 -23.33
C LYS B 118 32.13 25.00 -24.04
N THR B 119 32.35 23.90 -23.30
CA THR B 119 32.53 22.54 -23.85
C THR B 119 31.15 21.87 -24.00
N ARG B 120 30.10 22.52 -23.49
CA ARG B 120 28.68 22.08 -23.63
C ARG B 120 27.79 23.33 -23.79
N LYS B 121 26.80 23.24 -24.67
CA LYS B 121 25.75 24.28 -24.89
C LYS B 121 24.43 23.52 -24.89
N CYS B 122 23.48 23.98 -24.06
CA CYS B 122 22.08 23.50 -24.02
C CYS B 122 21.18 24.68 -24.39
N GLU B 123 20.20 24.40 -25.26
CA GLU B 123 19.15 25.38 -25.62
C GLU B 123 17.79 24.64 -25.63
N TYR B 124 16.84 25.22 -24.91
CA TYR B 124 15.47 24.69 -24.76
C TYR B 124 14.50 25.77 -25.25
N GLN B 125 13.47 25.37 -26.00
CA GLN B 125 12.42 26.29 -26.51
C GLN B 125 11.09 25.98 -25.82
N LEU B 126 10.44 27.02 -25.28
CA LEU B 126 9.19 26.96 -24.51
C LEU B 126 8.12 27.85 -25.16
N LYS B 127 6.95 27.30 -25.44
CA LYS B 127 5.79 28.05 -26.00
C LYS B 127 5.33 29.10 -24.97
N LEU B 128 4.75 30.20 -25.45
CA LEU B 128 4.27 31.31 -24.59
C LEU B 128 2.79 31.15 -24.29
N LEU B 129 2.22 32.07 -23.51
CA LEU B 129 0.78 32.11 -23.13
C LEU B 129 0.39 33.58 -22.91
N GLU B 130 -0.60 34.09 -23.64
CA GLU B 130 -2.05 33.88 -23.43
C GLU B 130 -2.40 33.93 -21.94
N ILE B 131 -2.18 35.05 -21.25
CA ILE B 131 -2.52 35.14 -19.80
C ILE B 131 -3.02 36.54 -19.47
N GLU B 132 -4.33 36.69 -19.25
CA GLU B 132 -4.96 38.00 -18.90
C GLU B 132 -4.36 38.57 -17.58
N ALA B 133 -4.38 39.89 -17.44
CA ALA B 133 -3.66 40.63 -16.37
C ALA B 133 -4.25 40.32 -14.98
N GLU B 134 -3.39 40.36 -13.96
CA GLU B 134 -3.71 40.29 -12.51
C GLU B 134 -4.70 41.41 -12.14
N SER B 135 -5.51 41.20 -11.10
CA SER B 135 -6.25 42.25 -10.33
C SER B 135 -5.97 42.08 -8.83
N MET B 136 -6.98 42.08 -7.93
CA MET B 136 -6.83 42.35 -6.46
C MET B 136 -5.32 42.22 -6.16
N GLY B 137 -4.53 43.17 -6.71
CA GLY B 137 -3.06 43.23 -6.71
C GLY B 137 -2.52 43.82 -5.42
N ILE B 138 -1.19 43.95 -5.31
CA ILE B 138 -0.47 44.20 -4.01
C ILE B 138 -1.33 45.14 -3.16
N PRO B 139 -1.62 44.81 -1.87
CA PRO B 139 -2.35 45.74 -1.02
C PRO B 139 -1.38 46.80 -0.49
N GLU B 140 -1.66 48.10 -0.67
CA GLU B 140 -0.93 49.19 0.04
C GLU B 140 -1.36 49.08 1.50
N MET B 141 -0.41 49.04 2.46
CA MET B 141 -0.68 48.40 3.77
C MET B 141 0.04 49.11 4.91
N ASP B 142 1.35 49.35 4.82
CA ASP B 142 2.07 50.15 5.85
C ASP B 142 2.04 49.34 7.16
N TYR B 143 3.17 48.76 7.59
CA TYR B 143 3.18 47.58 8.51
C TYR B 143 3.55 47.99 9.95
N ARG B 144 2.67 47.64 10.92
CA ARG B 144 2.83 47.85 12.39
C ARG B 144 4.10 47.15 12.92
N SER B 145 4.12 45.82 12.87
CA SER B 145 5.12 44.94 13.54
C SER B 145 5.94 44.17 12.51
N THR B 146 7.24 44.04 12.78
CA THR B 146 8.24 43.32 11.95
C THR B 146 8.91 42.27 12.82
N VAL B 147 9.08 41.06 12.30
CA VAL B 147 10.02 40.07 12.88
C VAL B 147 10.85 39.49 11.72
N THR B 148 12.12 39.34 12.02
CA THR B 148 13.17 38.92 11.07
C THR B 148 13.87 37.78 11.80
N LEU B 149 13.94 36.61 11.18
CA LEU B 149 14.54 35.40 11.81
C LEU B 149 15.23 34.61 10.72
N ASN B 150 16.08 33.64 11.10
CA ASN B 150 16.78 32.77 10.11
C ASN B 150 15.67 32.08 9.30
N SER B 151 15.74 32.20 7.98
CA SER B 151 14.83 31.58 7.00
C SER B 151 14.67 30.07 7.28
N ALA B 152 15.75 29.31 7.41
CA ALA B 152 15.69 27.84 7.59
C ALA B 152 15.00 27.50 8.92
N GLU B 153 15.13 28.36 9.94
CA GLU B 153 14.40 28.19 11.23
C GLU B 153 12.92 28.43 10.99
N PHE B 154 12.53 29.49 10.29
CA PHE B 154 11.13 29.73 9.86
C PHE B 154 10.59 28.51 9.11
N ALA B 155 11.37 27.99 8.17
CA ALA B 155 10.91 26.90 7.29
C ALA B 155 10.63 25.69 8.15
N LYS B 156 11.48 25.48 9.16
CA LYS B 156 11.39 24.37 10.15
C LYS B 156 10.13 24.62 10.98
N ILE B 157 10.02 25.79 11.54
CA ILE B 157 8.88 26.12 12.43
C ILE B 157 7.56 25.83 11.72
N VAL B 158 7.46 25.90 10.40
CA VAL B 158 6.10 25.73 9.79
C VAL B 158 5.88 24.24 9.56
N ARG B 159 6.87 23.53 9.02
CA ARG B 159 6.78 22.06 8.83
C ARG B 159 6.43 21.35 10.16
N ASP B 160 7.04 21.81 11.26
CA ASP B 160 6.74 21.37 12.66
C ASP B 160 5.25 21.63 12.98
N MET B 161 4.81 22.89 12.98
CA MET B 161 3.40 23.29 13.27
C MET B 161 2.41 22.47 12.41
N GLN B 162 2.85 21.95 11.25
CA GLN B 162 1.96 21.17 10.36
C GLN B 162 1.65 19.80 10.98
N VAL B 163 2.47 19.25 11.89
CA VAL B 163 2.10 17.92 12.50
C VAL B 163 0.80 18.12 13.26
N PHE B 164 0.61 19.31 13.86
CA PHE B 164 -0.54 19.61 14.74
C PHE B 164 -1.73 20.01 13.89
N GLY B 165 -1.71 21.20 13.31
CA GLY B 165 -2.86 21.84 12.64
C GLY B 165 -2.71 21.98 11.13
N ASP B 166 -3.55 22.85 10.58
CA ASP B 166 -3.44 23.38 9.20
C ASP B 166 -3.45 24.91 9.33
N THR B 167 -3.53 25.40 10.58
CA THR B 167 -3.48 26.83 10.98
C THR B 167 -2.43 27.02 12.08
N VAL B 168 -1.44 27.87 11.81
CA VAL B 168 -0.46 28.42 12.78
C VAL B 168 -0.92 29.80 13.25
N THR B 169 -0.65 30.11 14.50
CA THR B 169 -0.95 31.41 15.14
C THR B 169 0.36 32.06 15.56
N ILE B 170 0.70 33.16 14.88
CA ILE B 170 1.88 34.00 15.24
C ILE B 170 1.41 35.05 16.23
N ALA B 171 2.23 35.24 17.28
CA ALA B 171 2.04 36.18 18.38
C ALA B 171 3.36 36.88 18.67
N ILE B 172 3.51 38.12 18.18
CA ILE B 172 4.68 39.02 18.46
C ILE B 172 4.40 39.81 19.75
N SER B 173 5.25 39.64 20.77
CA SER B 173 5.34 40.50 21.98
C SER B 173 6.75 41.09 22.04
N LYS B 174 6.99 42.04 22.95
CA LYS B 174 8.34 42.58 23.24
C LYS B 174 9.34 41.41 23.32
N GLU B 175 9.00 40.39 24.12
CA GLU B 175 9.92 39.30 24.56
C GLU B 175 10.36 38.44 23.36
N GLY B 176 9.44 38.24 22.41
CA GLY B 176 9.71 37.41 21.22
C GLY B 176 8.47 37.20 20.37
N VAL B 177 8.54 36.19 19.51
CA VAL B 177 7.43 35.75 18.64
C VAL B 177 7.11 34.30 19.05
N LYS B 178 5.84 33.90 18.94
CA LYS B 178 5.31 32.58 19.38
C LYS B 178 4.38 32.03 18.31
N PHE B 179 4.93 31.12 17.52
CA PHE B 179 4.22 30.25 16.56
C PHE B 179 3.59 29.09 17.34
N SER B 180 2.31 28.79 17.09
CA SER B 180 1.50 27.84 17.91
C SER B 180 0.36 27.25 17.07
N SER B 181 0.15 25.93 17.18
CA SER B 181 -0.87 25.16 16.44
C SER B 181 -1.45 24.06 17.34
N SER B 182 -2.64 23.54 16.96
CA SER B 182 -3.48 22.57 17.73
C SER B 182 -4.15 21.59 16.78
N GLY B 183 -4.02 20.30 17.04
CA GLY B 183 -4.61 19.23 16.19
C GLY B 183 -4.99 18.02 17.00
N ASP B 184 -5.18 16.88 16.35
CA ASP B 184 -5.54 15.61 17.03
C ASP B 184 -4.29 15.17 17.80
N VAL B 185 -3.10 15.35 17.23
CA VAL B 185 -1.80 14.92 17.83
C VAL B 185 -1.61 15.56 19.22
N GLY B 186 -2.13 16.78 19.39
CA GLY B 186 -2.02 17.58 20.61
C GLY B 186 -1.82 19.04 20.26
N GLN B 187 -0.94 19.73 20.98
CA GLN B 187 -0.74 21.18 20.82
C GLN B 187 0.72 21.50 21.04
N GLY B 188 1.22 22.43 20.26
CA GLY B 188 2.64 22.79 20.23
C GLY B 188 2.81 24.28 20.07
N TYR B 189 3.97 24.76 20.46
CA TYR B 189 4.44 26.10 20.07
C TYR B 189 5.96 26.04 20.07
N THR B 190 6.55 26.73 19.11
CA THR B 190 7.96 27.19 19.16
C THR B 190 7.89 28.67 19.52
N PHE B 191 8.65 29.08 20.55
CA PHE B 191 8.85 30.47 21.01
C PHE B 191 10.27 30.87 20.62
N LEU B 192 10.40 32.00 19.93
CA LEU B 192 11.71 32.60 19.59
C LEU B 192 11.89 33.88 20.41
N GLN B 193 12.96 33.94 21.20
CA GLN B 193 13.29 35.09 22.08
C GLN B 193 14.22 36.02 21.29
N ALA B 194 14.18 37.32 21.60
CA ALA B 194 14.69 38.44 20.77
C ALA B 194 16.22 38.65 20.93
N ALA B 195 17.01 37.56 20.93
CA ALA B 195 18.49 37.55 21.08
C ALA B 195 19.15 37.34 19.71
N GLY B 237 19.34 34.43 15.64
CA GLY B 237 18.98 35.67 16.36
C GLY B 237 17.81 36.39 15.68
N VAL B 238 16.90 36.95 16.48
CA VAL B 238 15.50 37.27 16.05
C VAL B 238 15.20 38.75 16.30
N GLU B 239 15.13 39.58 15.25
CA GLU B 239 14.86 41.05 15.37
C GLU B 239 13.35 41.31 15.38
N VAL B 240 12.75 41.26 16.56
CA VAL B 240 11.36 41.77 16.83
C VAL B 240 11.42 43.29 16.74
N THR B 241 10.28 43.95 16.53
CA THR B 241 10.17 45.42 16.44
C THR B 241 8.73 45.78 16.05
N MET B 242 7.83 45.88 17.02
CA MET B 242 6.41 46.24 16.78
C MET B 242 6.20 47.71 17.14
N GLU B 243 4.95 48.13 17.29
CA GLU B 243 4.62 49.27 18.19
C GLU B 243 3.76 48.76 19.35
N GLU B 244 2.94 47.72 19.15
CA GLU B 244 2.16 47.07 20.25
C GLU B 244 2.10 45.55 20.02
N PRO B 245 1.69 44.75 21.04
CA PRO B 245 1.39 43.33 20.86
C PRO B 245 0.40 43.10 19.70
N ILE B 246 0.48 41.95 19.04
CA ILE B 246 -0.25 41.66 17.76
C ILE B 246 -0.23 40.14 17.52
N THR B 247 -1.40 39.54 17.31
CA THR B 247 -1.58 38.07 17.25
C THR B 247 -2.48 37.75 16.05
N LEU B 248 -1.96 36.97 15.10
CA LEU B 248 -2.68 36.61 13.84
C LEU B 248 -2.55 35.12 13.55
N SER B 249 -3.52 34.58 12.80
CA SER B 249 -3.56 33.15 12.38
C SER B 249 -3.55 33.09 10.85
N PHE B 250 -2.80 32.16 10.28
CA PHE B 250 -2.68 31.96 8.81
C PHE B 250 -2.65 30.47 8.47
N ALA B 251 -2.98 30.18 7.23
CA ALA B 251 -2.94 28.82 6.65
C ALA B 251 -1.50 28.34 6.52
N LEU B 252 -1.11 27.32 7.29
CA LEU B 252 0.22 26.69 7.11
C LEU B 252 0.40 26.24 5.66
N ARG B 253 -0.66 25.88 4.95
CA ARG B 253 -0.51 25.39 3.55
C ARG B 253 0.38 26.37 2.76
N PHE B 254 0.17 27.67 2.99
CA PHE B 254 0.80 28.76 2.21
C PHE B 254 2.12 29.17 2.88
N MET B 255 2.12 29.31 4.19
CA MET B 255 3.39 29.57 4.92
C MET B 255 4.45 28.59 4.41
N GLY B 256 4.08 27.31 4.27
CA GLY B 256 4.95 26.23 3.77
C GLY B 256 5.50 26.52 2.38
N ILE B 257 4.65 27.06 1.49
CA ILE B 257 4.98 27.38 0.07
C ILE B 257 5.93 28.57 0.06
N PHE B 258 5.73 29.52 0.97
CA PHE B 258 6.54 30.75 1.09
C PHE B 258 7.91 30.38 1.64
N ALA B 259 7.91 29.59 2.71
CA ALA B 259 9.13 29.19 3.44
C ALA B 259 10.09 28.47 2.51
N LYS B 260 9.60 27.98 1.36
CA LYS B 260 10.42 27.27 0.34
C LYS B 260 11.43 28.23 -0.29
N GLY B 261 11.39 29.52 0.05
CA GLY B 261 12.36 30.54 -0.39
C GLY B 261 13.40 30.88 0.67
N SER B 262 13.64 29.98 1.61
CA SER B 262 14.87 30.01 2.42
C SER B 262 16.02 29.68 1.47
N THR B 263 15.71 29.00 0.36
CA THR B 263 16.66 28.67 -0.73
C THR B 263 17.34 29.93 -1.26
N LEU B 264 16.73 31.12 -1.15
CA LEU B 264 17.21 32.38 -1.79
C LEU B 264 17.98 33.30 -0.84
N SER B 265 17.78 33.18 0.45
CA SER B 265 18.07 34.27 1.42
C SER B 265 18.14 33.65 2.80
N GLU B 266 19.26 33.83 3.50
CA GLU B 266 19.51 33.17 4.80
C GLU B 266 18.66 33.83 5.89
N ARG B 267 18.12 35.04 5.71
CA ARG B 267 17.07 35.60 6.64
C ARG B 267 15.80 35.91 5.85
N VAL B 268 14.70 36.14 6.58
CA VAL B 268 13.32 36.30 6.05
C VAL B 268 12.65 37.31 6.97
N THR B 269 11.81 38.17 6.45
CA THR B 269 11.08 39.15 7.29
C THR B 269 9.59 38.98 7.12
N LEU B 270 8.89 38.94 8.24
CA LEU B 270 7.41 38.87 8.24
C LEU B 270 6.96 40.23 8.73
N LYS B 271 5.95 40.82 8.09
CA LYS B 271 5.40 42.14 8.48
C LYS B 271 3.90 41.96 8.68
N PHE B 272 3.34 42.43 9.79
CA PHE B 272 1.90 42.28 10.10
C PHE B 272 1.29 43.60 10.58
N ALA B 273 0.31 44.07 9.84
CA ALA B 273 -0.77 44.95 10.37
C ALA B 273 -1.81 44.00 10.95
N LYS B 274 -2.60 44.48 11.93
CA LYS B 274 -3.79 43.78 12.49
C LYS B 274 -4.89 43.67 11.41
N ASP B 275 -5.85 42.75 11.61
CA ASP B 275 -7.00 42.42 10.72
C ASP B 275 -6.62 42.73 9.26
N SER B 276 -5.37 42.44 8.87
CA SER B 276 -4.77 42.75 7.54
C SER B 276 -3.70 41.71 7.20
N PRO B 277 -3.54 41.35 5.91
CA PRO B 277 -2.48 40.47 5.47
C PRO B 277 -1.21 40.50 6.31
N CYS B 278 -0.41 39.47 6.13
CA CYS B 278 1.04 39.56 6.35
C CYS B 278 1.66 39.66 4.97
N MET B 279 2.88 40.15 5.00
CA MET B 279 3.85 40.00 3.91
C MET B 279 4.98 39.18 4.51
N VAL B 280 5.53 38.27 3.72
CA VAL B 280 6.83 37.66 4.04
C VAL B 280 7.70 37.95 2.85
N GLU B 281 8.75 38.72 3.10
CA GLU B 281 9.75 39.16 2.09
C GLU B 281 11.00 38.32 2.33
N TYR B 282 11.55 37.75 1.26
CA TYR B 282 12.96 37.32 1.15
C TYR B 282 13.66 38.30 0.23
N GLY B 283 14.55 39.14 0.76
CA GLY B 283 15.44 39.96 -0.08
C GLY B 283 16.46 39.06 -0.74
N ILE B 284 16.63 39.16 -2.07
CA ILE B 284 17.72 38.50 -2.83
C ILE B 284 18.91 39.47 -2.88
N ASP B 285 19.40 39.88 -1.69
CA ASP B 285 20.40 40.97 -1.44
C ASP B 285 19.85 42.31 -1.99
N ASN B 286 20.60 42.98 -2.89
CA ASN B 286 20.24 44.28 -3.53
C ASN B 286 19.82 44.04 -4.99
N VAL B 287 19.93 42.78 -5.45
CA VAL B 287 19.70 42.31 -6.85
C VAL B 287 18.21 42.03 -7.11
N GLY B 288 17.37 42.05 -6.07
CA GLY B 288 15.91 41.85 -6.18
C GLY B 288 15.29 41.49 -4.85
N TYR B 289 13.97 41.35 -4.81
CA TYR B 289 13.25 40.70 -3.70
C TYR B 289 12.34 39.59 -4.24
N LEU B 290 11.99 38.63 -3.39
CA LEU B 290 10.75 37.80 -3.51
C LEU B 290 9.84 38.03 -2.31
N ARG B 291 8.56 38.16 -2.58
CA ARG B 291 7.62 38.81 -1.64
C ARG B 291 6.26 38.12 -1.75
N TYR B 292 5.76 37.57 -0.64
CA TYR B 292 4.48 36.83 -0.56
C TYR B 292 3.54 37.61 0.36
N TYR B 293 2.30 37.78 -0.07
CA TYR B 293 1.23 38.41 0.74
C TYR B 293 0.13 37.36 0.92
N LEU B 294 -0.24 37.11 2.16
CA LEU B 294 -1.28 36.12 2.50
C LEU B 294 -2.28 36.72 3.50
N ALA B 295 -3.56 36.56 3.17
CA ALA B 295 -4.74 36.93 4.00
C ALA B 295 -4.72 36.14 5.30
N PRO B 296 -5.03 36.77 6.44
CA PRO B 296 -5.25 36.04 7.68
C PRO B 296 -6.62 35.35 7.64
N LYS B 297 -6.72 34.23 8.35
CA LYS B 297 -7.99 33.62 8.85
C LYS B 297 -8.50 34.51 9.98
N VAL B 298 -9.78 34.87 9.91
CA VAL B 298 -10.50 35.77 10.85
C VAL B 298 -11.85 35.12 11.09
N ASP B 299 -12.22 34.91 12.35
CA ASP B 299 -13.26 33.91 12.74
C ASP B 299 -12.83 32.58 12.10
N ASP B 300 -13.46 32.17 10.99
CA ASP B 300 -13.05 31.01 10.14
C ASP B 300 -12.98 31.49 8.68
N ALA B 301 -12.14 30.85 7.86
CA ALA B 301 -11.99 31.11 6.40
C ALA B 301 -11.23 32.43 6.15
N GLU B 302 -11.01 32.78 4.88
CA GLU B 302 -10.05 33.82 4.37
C GLU B 302 -8.68 33.58 5.04
N HIS C 1 13.77 26.16 59.38
CA HIS C 1 12.89 25.72 60.52
C HIS C 1 11.66 24.92 60.03
N SER C 2 11.62 24.42 58.79
CA SER C 2 10.71 23.31 58.34
C SER C 2 11.00 22.86 56.89
N GLY C 3 10.69 21.59 56.56
CA GLY C 3 10.57 21.07 55.18
C GLY C 3 9.26 21.53 54.52
N ARG C 4 9.05 22.87 54.50
CA ARG C 4 8.10 23.75 53.76
C ARG C 4 7.30 23.08 52.63
N PRO C 5 6.17 22.37 52.89
CA PRO C 5 5.54 21.54 51.86
C PRO C 5 4.94 22.38 50.72
N VAL C 6 5.64 22.50 49.59
CA VAL C 6 5.25 23.35 48.41
C VAL C 6 4.02 22.72 47.73
N LEU C 7 3.14 23.57 47.18
CA LEU C 7 1.96 23.19 46.33
C LEU C 7 2.37 23.42 44.86
N GLY C 8 3.53 22.88 44.47
CA GLY C 8 4.14 23.04 43.13
C GLY C 8 3.42 22.24 42.07
N SER C 9 2.84 21.07 42.43
CA SER C 9 1.95 20.16 41.64
C SER C 9 2.71 19.01 40.93
N SER C 10 3.97 19.22 40.51
CA SER C 10 4.78 18.39 39.56
C SER C 10 5.12 17.00 40.10
N MET C 11 4.13 16.11 40.08
CA MET C 11 4.24 14.62 40.29
C MET C 11 5.46 14.04 39.55
N LEU C 12 5.71 14.45 38.30
CA LEU C 12 6.80 13.92 37.43
C LEU C 12 7.53 15.08 36.74
N GLU C 13 8.86 15.03 36.74
CA GLU C 13 9.74 15.85 35.88
C GLU C 13 10.95 15.01 35.49
N ALA C 14 11.27 14.93 34.20
CA ALA C 14 12.34 14.07 33.67
C ALA C 14 12.97 14.76 32.44
N GLN C 15 13.85 15.72 32.74
CA GLN C 15 14.74 16.37 31.75
C GLN C 15 15.88 15.41 31.43
N VAL C 16 16.19 15.22 30.14
CA VAL C 16 17.43 14.60 29.59
C VAL C 16 18.21 15.74 28.94
N GLN C 17 19.51 15.54 28.71
CA GLN C 17 20.37 16.63 28.19
C GLN C 17 20.13 16.78 26.70
N PHE C 18 20.18 15.63 26.01
CA PHE C 18 20.14 15.49 24.53
C PHE C 18 18.91 14.63 24.17
N ALA C 19 17.95 15.22 23.45
CA ALA C 19 16.63 14.61 23.10
C ALA C 19 16.80 13.38 22.21
N SER C 20 17.90 13.29 21.44
CA SER C 20 18.38 12.09 20.71
C SER C 20 17.73 10.84 21.32
N LEU C 21 18.02 10.61 22.60
CA LEU C 21 17.66 9.38 23.33
C LEU C 21 16.16 9.12 23.20
N TRP C 22 15.34 10.05 23.69
CA TRP C 22 13.87 9.92 23.68
C TRP C 22 13.42 9.60 22.25
N LYS C 23 13.92 10.35 21.26
CA LYS C 23 13.54 10.16 19.83
C LYS C 23 13.82 8.72 19.42
N ARG C 24 15.04 8.26 19.59
CA ARG C 24 15.47 6.92 19.15
C ARG C 24 14.66 5.87 19.91
N LEU C 25 14.38 6.08 21.21
CA LEU C 25 13.65 5.07 22.03
C LEU C 25 12.21 4.95 21.54
N VAL C 26 11.51 6.07 21.31
CA VAL C 26 10.11 5.98 20.85
C VAL C 26 10.08 5.33 19.47
N GLU C 27 10.88 5.78 18.50
CA GLU C 27 10.81 5.18 17.13
C GLU C 27 11.02 3.68 17.35
N CYS C 28 11.85 3.31 18.31
CA CYS C 28 12.16 1.90 18.61
C CYS C 28 10.91 1.12 19.01
N ILE C 29 10.38 1.41 20.21
CA ILE C 29 9.22 0.70 20.84
C ILE C 29 7.93 1.00 20.05
N ASN C 30 7.80 2.14 19.35
CA ASN C 30 6.62 2.45 18.48
C ASN C 30 6.45 1.39 17.42
N GLY C 31 7.55 0.75 17.03
CA GLY C 31 7.54 -0.32 16.03
C GLY C 31 6.81 -1.55 16.50
N LEU C 32 6.57 -1.70 17.80
CA LEU C 32 6.02 -2.96 18.37
C LEU C 32 4.59 -2.74 18.88
N VAL C 33 4.21 -1.50 19.23
CA VAL C 33 2.93 -1.16 19.95
C VAL C 33 2.61 0.31 19.72
N ASN C 34 1.35 0.71 19.83
CA ASN C 34 0.92 2.10 19.50
C ASN C 34 0.59 2.87 20.77
N GLU C 35 -0.10 2.24 21.70
CA GLU C 35 -0.25 2.75 23.08
C GLU C 35 0.76 1.99 23.95
N ALA C 36 1.06 2.50 25.13
CA ALA C 36 1.91 1.84 26.14
C ALA C 36 1.88 2.71 27.39
N ASN C 37 1.71 2.09 28.56
CA ASN C 37 1.76 2.81 29.86
C ASN C 37 3.24 3.04 30.15
N PHE C 38 3.60 4.28 30.47
CA PHE C 38 4.87 4.64 31.15
C PHE C 38 4.67 4.55 32.67
N ASP C 39 5.20 3.49 33.30
CA ASP C 39 5.36 3.36 34.76
C ASP C 39 6.51 4.31 35.19
N CYS C 40 6.17 5.36 35.95
CA CYS C 40 7.14 6.35 36.51
C CYS C 40 7.17 6.26 38.05
N ASN C 41 8.20 5.59 38.59
CA ASN C 41 8.54 5.47 40.03
C ASN C 41 9.77 6.35 40.29
N PRO C 42 10.31 6.42 41.53
CA PRO C 42 11.60 7.09 41.78
C PRO C 42 12.78 6.23 41.33
N GLY C 43 12.57 4.90 41.18
CA GLY C 43 13.43 4.00 40.38
C GLY C 43 13.84 4.54 39.00
N GLY C 44 12.89 5.21 38.31
CA GLY C 44 12.95 5.66 36.91
C GLY C 44 11.68 5.31 36.10
N LEU C 45 11.73 5.47 34.76
CA LEU C 45 10.64 5.16 33.81
C LEU C 45 10.83 3.76 33.24
N SER C 46 9.78 2.96 33.30
CA SER C 46 9.72 1.66 32.59
C SER C 46 8.56 1.73 31.59
N VAL C 47 8.61 0.91 30.56
CA VAL C 47 7.47 0.61 29.65
C VAL C 47 7.46 -0.91 29.59
N GLN C 48 6.29 -1.51 29.61
CA GLN C 48 6.16 -2.98 29.41
C GLN C 48 4.85 -3.23 28.67
N ALA C 49 4.90 -4.07 27.64
CA ALA C 49 4.05 -3.99 26.43
C ALA C 49 4.24 -5.20 25.50
N MET C 50 3.13 -5.67 24.95
CA MET C 50 3.04 -6.77 23.97
C MET C 50 2.41 -6.25 22.66
N ASP C 51 2.90 -6.76 21.54
CA ASP C 51 2.27 -6.56 20.21
C ASP C 51 0.87 -7.17 20.29
N SER C 52 -0.02 -6.72 19.40
CA SER C 52 -1.46 -7.12 19.37
C SER C 52 -1.58 -8.66 19.29
N SER C 53 -0.62 -9.38 18.71
CA SER C 53 -0.68 -10.87 18.57
C SER C 53 0.04 -11.58 19.74
N HIS C 54 -0.01 -11.02 20.93
CA HIS C 54 0.42 -11.68 22.19
C HIS C 54 1.60 -12.63 21.95
N VAL C 55 2.62 -12.19 21.19
CA VAL C 55 3.81 -13.03 20.80
C VAL C 55 5.17 -12.35 21.12
N ALA C 56 5.18 -11.04 21.37
CA ALA C 56 6.41 -10.26 21.56
C ALA C 56 6.19 -9.18 22.61
N LEU C 57 7.22 -8.90 23.39
CA LEU C 57 7.16 -8.17 24.67
C LEU C 57 8.29 -7.13 24.62
N VAL C 58 7.99 -5.85 24.76
CA VAL C 58 9.05 -4.84 25.04
C VAL C 58 9.07 -4.67 26.53
N HIS C 59 10.27 -4.45 27.05
CA HIS C 59 10.49 -3.93 28.41
C HIS C 59 11.66 -2.93 28.30
N MET C 60 11.37 -1.66 28.53
CA MET C 60 12.40 -0.58 28.50
C MET C 60 12.48 -0.05 29.93
N LEU C 61 13.66 0.39 30.33
CA LEU C 61 13.90 0.91 31.69
C LEU C 61 14.92 2.05 31.62
N LEU C 62 14.44 3.28 31.63
CA LEU C 62 15.31 4.45 31.86
C LEU C 62 15.36 4.66 33.35
N ARG C 63 16.56 4.49 33.91
CA ARG C 63 16.84 4.57 35.36
C ARG C 63 16.95 6.06 35.68
N ASP C 64 16.79 6.44 36.94
CA ASP C 64 16.71 7.85 37.41
C ASP C 64 18.00 8.61 37.06
N ASP C 65 19.17 7.94 37.14
CA ASP C 65 20.53 8.48 36.81
C ASP C 65 20.59 8.89 35.33
N CYS C 66 19.69 8.36 34.51
CA CYS C 66 19.64 8.57 33.05
C CYS C 66 19.28 10.01 32.68
N PHE C 67 19.16 10.91 33.65
CA PHE C 67 18.45 12.21 33.50
C PHE C 67 19.17 13.29 34.31
N VAL C 68 19.38 14.46 33.72
CA VAL C 68 19.99 15.64 34.39
C VAL C 68 19.17 15.95 35.65
N LYS C 69 17.87 15.66 35.65
CA LYS C 69 16.95 16.06 36.73
C LYS C 69 15.74 15.12 36.73
N TYR C 70 15.37 14.55 37.89
CA TYR C 70 14.33 13.50 38.01
C TYR C 70 13.62 13.55 39.37
N GLN C 71 12.47 14.19 39.38
CA GLN C 71 11.52 14.27 40.52
C GLN C 71 10.39 13.27 40.25
N CYS C 72 10.26 12.19 41.03
CA CYS C 72 9.05 11.34 40.99
C CYS C 72 8.78 10.71 42.37
N GLY C 73 8.12 11.45 43.28
CA GLY C 73 7.63 11.00 44.60
C GLY C 73 6.80 9.72 44.42
N ARG C 74 5.48 9.86 44.33
CA ARG C 74 4.53 8.71 44.24
C ARG C 74 4.73 8.06 42.86
N ASN C 75 4.18 6.86 42.70
CA ASN C 75 4.48 5.90 41.61
C ASN C 75 3.38 6.03 40.56
N SER C 76 3.28 7.18 39.88
CA SER C 76 2.28 7.49 38.81
C SER C 76 2.50 6.65 37.53
N ILE C 77 1.44 6.51 36.74
CA ILE C 77 1.34 5.67 35.51
C ILE C 77 0.75 6.52 34.36
N LEU C 78 1.40 6.61 33.19
CA LEU C 78 0.96 7.50 32.07
C LEU C 78 0.69 6.72 30.78
N GLY C 79 -0.57 6.57 30.41
CA GLY C 79 -0.94 6.05 29.09
C GLY C 79 -0.58 7.03 27.99
N LEU C 80 0.14 6.60 26.96
CA LEU C 80 0.56 7.50 25.87
C LEU C 80 0.33 6.85 24.52
N ASN C 81 -0.18 7.63 23.59
CA ASN C 81 -0.27 7.25 22.17
C ASN C 81 1.12 7.42 21.54
N LEU C 82 1.86 6.33 21.32
CA LEU C 82 3.29 6.34 20.85
C LEU C 82 3.38 6.84 19.41
N ALA C 83 2.40 6.45 18.57
CA ALA C 83 2.14 7.08 17.25
C ALA C 83 2.28 8.59 17.38
N SER C 84 1.37 9.27 18.10
CA SER C 84 1.44 10.72 18.37
C SER C 84 2.79 11.13 18.99
N LEU C 85 3.21 10.49 20.08
CA LEU C 85 4.45 10.89 20.80
C LEU C 85 5.56 10.89 19.76
N SER C 86 5.53 9.94 18.82
CA SER C 86 6.57 9.83 17.77
C SER C 86 6.51 11.03 16.84
N LYS C 87 5.34 11.25 16.23
CA LYS C 87 5.07 12.39 15.32
C LYS C 87 5.64 13.68 15.90
N VAL C 88 5.52 13.86 17.22
CA VAL C 88 6.00 15.06 17.96
C VAL C 88 7.52 14.99 18.13
N LEU C 89 8.07 13.84 18.48
CA LEU C 89 9.54 13.72 18.71
C LEU C 89 10.32 13.74 17.39
N LYS C 90 9.66 13.54 16.23
CA LYS C 90 10.28 13.70 14.89
C LYS C 90 10.79 15.14 14.69
N ILE C 91 10.21 16.13 15.37
CA ILE C 91 10.38 17.60 15.09
C ILE C 91 11.15 18.27 16.24
N VAL C 92 11.56 17.47 17.22
CA VAL C 92 12.32 17.99 18.38
C VAL C 92 13.78 17.90 17.96
N ASP C 93 14.57 18.97 18.06
CA ASP C 93 15.97 18.86 17.59
C ASP C 93 16.68 17.79 18.42
N SER C 94 17.37 16.89 17.74
CA SER C 94 18.25 15.85 18.37
C SER C 94 19.01 16.42 19.59
N ASN C 95 19.47 17.68 19.57
CA ASN C 95 20.53 18.19 20.49
C ASN C 95 19.97 19.12 21.56
N ASP C 96 18.69 19.46 21.49
CA ASP C 96 18.01 20.25 22.54
C ASP C 96 17.81 19.37 23.78
N SER C 97 17.58 20.00 24.93
CA SER C 97 17.03 19.37 26.16
C SER C 97 15.61 18.92 25.85
N LEU C 98 15.13 17.88 26.52
CA LEU C 98 13.68 17.54 26.51
C LEU C 98 13.23 17.16 27.93
N SER C 99 12.49 18.07 28.56
CA SER C 99 11.82 17.87 29.87
C SER C 99 10.39 17.38 29.64
N LEU C 100 10.14 16.15 30.11
CA LEU C 100 8.81 15.49 30.24
C LEU C 100 8.27 15.78 31.66
N ARG C 101 7.12 16.44 31.80
CA ARG C 101 6.55 16.79 33.12
C ARG C 101 5.02 16.59 33.10
N HIS C 102 4.45 16.20 34.23
CA HIS C 102 3.01 15.88 34.41
C HIS C 102 2.53 16.33 35.79
N ASP C 103 1.40 17.05 35.88
CA ASP C 103 0.84 17.56 37.16
C ASP C 103 -0.39 16.69 37.56
N ASP C 104 -0.96 16.88 38.77
CA ASP C 104 -1.99 15.95 39.33
C ASP C 104 -3.37 16.25 38.73
N ASP C 105 -3.61 17.50 38.34
CA ASP C 105 -4.68 17.86 37.35
C ASP C 105 -4.23 17.38 35.95
N SER C 106 -3.66 18.31 35.17
CA SER C 106 -3.03 18.13 33.83
C SER C 106 -3.89 17.28 32.91
N ASP C 107 -4.12 15.99 33.24
CA ASP C 107 -4.79 15.00 32.35
C ASP C 107 -4.22 15.14 30.92
N VAL C 108 -2.88 15.10 30.83
CA VAL C 108 -1.98 15.64 29.76
C VAL C 108 -0.53 15.60 30.28
N VAL C 109 0.38 14.97 29.53
CA VAL C 109 1.85 15.14 29.68
C VAL C 109 2.26 16.39 28.91
N THR C 110 3.31 17.09 29.33
CA THR C 110 3.93 18.15 28.49
C THR C 110 5.41 17.83 28.26
N LEU C 111 5.83 17.81 26.99
CA LEU C 111 7.24 17.77 26.55
C LEU C 111 7.71 19.19 26.28
N THR C 112 8.92 19.54 26.73
CA THR C 112 9.47 20.92 26.58
C THR C 112 10.95 20.84 26.17
N SER C 113 11.27 21.48 25.06
CA SER C 113 12.64 21.53 24.47
C SER C 113 13.08 23.00 24.50
N GLU C 114 14.37 23.18 24.73
CA GLU C 114 15.07 24.47 24.68
C GLU C 114 16.41 24.12 24.07
N ASN C 115 16.99 24.98 23.23
CA ASN C 115 18.32 24.74 22.60
C ASN C 115 19.41 24.94 23.67
N PRO C 116 20.67 24.55 23.41
CA PRO C 116 21.77 24.93 24.29
C PRO C 116 21.79 26.43 24.69
N GLU C 117 21.24 27.31 23.84
CA GLU C 117 21.40 28.78 23.90
C GLU C 117 20.21 29.49 24.56
N LYS C 118 19.14 28.78 24.96
CA LYS C 118 17.90 29.38 25.53
C LYS C 118 17.39 30.54 24.65
N THR C 119 17.50 30.41 23.32
CA THR C 119 17.02 31.43 22.34
C THR C 119 15.74 30.93 21.66
N ARG C 120 15.55 29.60 21.61
CA ARG C 120 14.30 28.92 21.20
C ARG C 120 13.84 27.98 22.32
N LYS C 121 12.54 28.04 22.64
CA LYS C 121 11.84 27.05 23.50
C LYS C 121 10.63 26.49 22.75
N CYS C 122 10.61 25.18 22.51
CA CYS C 122 9.41 24.41 22.09
C CYS C 122 8.75 23.76 23.32
N GLU C 123 7.42 23.79 23.38
CA GLU C 123 6.61 22.98 24.33
C GLU C 123 5.41 22.37 23.60
N TYR C 124 5.31 21.04 23.69
CA TYR C 124 4.22 20.21 23.12
C TYR C 124 3.42 19.58 24.28
N GLN C 125 2.13 19.31 24.08
CA GLN C 125 1.24 18.68 25.08
C GLN C 125 0.45 17.49 24.52
N LEU C 126 0.80 16.26 24.91
CA LEU C 126 0.06 15.03 24.50
C LEU C 126 -1.05 14.69 25.50
N LYS C 127 -2.28 14.45 25.03
CA LYS C 127 -3.43 14.04 25.91
C LYS C 127 -3.16 12.62 26.43
N LEU C 128 -3.65 12.28 27.61
CA LEU C 128 -3.29 10.98 28.23
C LEU C 128 -4.34 9.91 27.93
N LEU C 129 -3.96 8.64 28.04
CA LEU C 129 -4.83 7.46 27.77
C LEU C 129 -4.95 6.57 29.01
N GLU C 130 -6.08 5.86 29.11
CA GLU C 130 -6.30 4.82 30.15
C GLU C 130 -6.08 3.48 29.47
N ILE C 131 -4.97 2.82 29.82
CA ILE C 131 -4.59 1.49 29.26
C ILE C 131 -4.49 0.46 30.39
N GLU C 132 -5.27 -0.62 30.29
CA GLU C 132 -5.12 -1.84 31.16
C GLU C 132 -3.63 -2.14 31.27
N ALA C 133 -3.07 -2.07 32.49
CA ALA C 133 -1.63 -2.35 32.74
C ALA C 133 -1.34 -3.79 32.29
N GLU C 134 -0.14 -4.01 31.71
CA GLU C 134 0.18 -5.18 30.84
C GLU C 134 -0.84 -6.31 31.07
N SER C 135 -0.45 -7.38 31.77
CA SER C 135 -0.98 -8.77 31.63
C SER C 135 0.23 -9.73 31.66
N MET C 136 0.81 -10.06 30.50
CA MET C 136 2.03 -10.91 30.43
C MET C 136 3.14 -10.19 31.22
N GLY C 137 3.69 -10.88 32.21
CA GLY C 137 4.95 -10.49 32.88
C GLY C 137 6.13 -10.93 32.05
N ILE C 138 7.29 -10.33 32.32
CA ILE C 138 8.61 -10.78 31.80
C ILE C 138 8.66 -12.30 32.01
N PRO C 139 9.15 -13.10 31.04
CA PRO C 139 9.25 -14.55 31.24
C PRO C 139 10.47 -14.84 32.13
N GLU C 140 10.48 -16.00 32.79
CA GLU C 140 11.61 -16.42 33.67
C GLU C 140 12.91 -16.27 32.87
N MET C 141 13.95 -15.68 33.47
CA MET C 141 15.28 -15.46 32.83
C MET C 141 15.98 -16.82 32.72
N ASP C 142 17.22 -16.97 33.25
CA ASP C 142 18.06 -18.22 33.22
C ASP C 142 18.23 -18.71 31.76
N TYR C 143 19.19 -18.09 31.06
CA TYR C 143 19.41 -18.25 29.61
C TYR C 143 20.61 -19.18 29.39
N ARG C 144 20.36 -20.33 28.77
CA ARG C 144 21.38 -21.31 28.29
C ARG C 144 22.51 -20.60 27.51
N SER C 145 22.22 -20.11 26.30
CA SER C 145 23.25 -19.71 25.29
C SER C 145 23.17 -18.20 25.03
N THR C 146 24.29 -17.48 25.19
CA THR C 146 24.47 -16.03 24.86
C THR C 146 25.21 -15.89 23.55
N VAL C 147 25.03 -14.75 22.88
CA VAL C 147 25.87 -14.24 21.75
C VAL C 147 25.70 -12.72 21.69
N THR C 148 26.79 -12.01 21.44
CA THR C 148 26.82 -10.53 21.46
C THR C 148 27.57 -10.08 20.21
N LEU C 149 26.91 -9.30 19.34
CA LEU C 149 27.49 -8.84 18.06
C LEU C 149 27.23 -7.35 17.90
N ASN C 150 27.92 -6.72 16.94
CA ASN C 150 27.68 -5.27 16.67
C ASN C 150 26.21 -5.19 16.21
N SER C 151 25.52 -4.18 16.75
CA SER C 151 24.05 -3.96 16.70
C SER C 151 23.64 -3.71 15.25
N ALA C 152 24.52 -3.01 14.53
CA ALA C 152 24.36 -2.62 13.12
C ALA C 152 24.45 -3.86 12.23
N GLU C 153 25.43 -4.72 12.50
CA GLU C 153 25.63 -6.00 11.79
C GLU C 153 24.36 -6.83 12.02
N PHE C 154 23.93 -6.95 13.27
CA PHE C 154 22.71 -7.72 13.61
C PHE C 154 21.54 -7.23 12.74
N ALA C 155 21.47 -5.92 12.53
CA ALA C 155 20.36 -5.27 11.77
C ALA C 155 20.49 -5.65 10.30
N LYS C 156 21.69 -5.47 9.72
CA LYS C 156 22.00 -5.88 8.32
C LYS C 156 21.49 -7.31 8.14
N ILE C 157 21.92 -8.21 9.02
CA ILE C 157 21.67 -9.67 8.86
C ILE C 157 20.16 -9.88 8.72
N VAL C 158 19.35 -9.34 9.63
CA VAL C 158 17.89 -9.68 9.66
C VAL C 158 17.24 -9.01 8.45
N ARG C 159 17.77 -7.86 8.00
CA ARG C 159 17.26 -7.13 6.80
C ARG C 159 17.54 -7.97 5.54
N ASP C 160 18.68 -8.67 5.54
CA ASP C 160 19.17 -9.48 4.39
C ASP C 160 18.36 -10.76 4.35
N MET C 161 18.33 -11.51 5.46
CA MET C 161 17.53 -12.76 5.59
C MET C 161 16.08 -12.46 5.19
N GLN C 162 15.67 -11.21 5.36
CA GLN C 162 14.32 -10.73 4.95
C GLN C 162 14.12 -10.97 3.45
N VAL C 163 15.15 -11.08 2.59
CA VAL C 163 14.92 -11.25 1.10
C VAL C 163 14.57 -12.72 0.80
N PHE C 164 15.06 -13.67 1.60
CA PHE C 164 14.81 -15.12 1.36
C PHE C 164 13.36 -15.44 1.78
N GLY C 165 13.11 -15.55 3.09
CA GLY C 165 11.77 -15.83 3.65
C GLY C 165 11.35 -14.87 4.76
N ASP C 166 10.50 -15.37 5.64
CA ASP C 166 9.87 -14.62 6.77
C ASP C 166 10.27 -15.30 8.09
N THR C 167 11.18 -16.26 8.02
CA THR C 167 11.69 -17.01 9.20
C THR C 167 13.20 -17.13 9.11
N VAL C 168 13.89 -16.70 10.17
CA VAL C 168 15.36 -16.88 10.34
C VAL C 168 15.52 -18.07 11.28
N THR C 169 16.43 -18.97 10.95
CA THR C 169 16.98 -19.96 11.91
C THR C 169 18.30 -19.43 12.47
N ILE C 170 18.38 -19.30 13.78
CA ILE C 170 19.66 -19.01 14.47
C ILE C 170 20.11 -20.30 15.12
N ALA C 171 21.10 -20.93 14.48
CA ALA C 171 21.95 -22.00 15.03
C ALA C 171 23.18 -21.37 15.68
N ILE C 172 23.33 -21.52 17.00
CA ILE C 172 24.56 -21.14 17.74
C ILE C 172 25.38 -22.42 17.89
N SER C 173 26.70 -22.34 17.73
CA SER C 173 27.68 -23.44 18.00
C SER C 173 28.93 -22.89 18.72
N LYS C 174 29.84 -23.80 19.07
CA LYS C 174 31.06 -23.54 19.87
C LYS C 174 31.83 -22.33 19.29
N GLU C 175 31.94 -22.26 17.96
CA GLU C 175 32.88 -21.37 17.22
C GLU C 175 32.21 -20.09 16.71
N GLY C 176 30.91 -20.15 16.39
CA GLY C 176 30.18 -19.02 15.77
C GLY C 176 28.67 -19.21 15.80
N VAL C 177 27.95 -18.35 15.07
CA VAL C 177 26.46 -18.36 14.98
C VAL C 177 26.07 -18.15 13.51
N LYS C 178 25.04 -18.85 13.05
CA LYS C 178 24.64 -18.96 11.63
C LYS C 178 23.15 -18.62 11.47
N PHE C 179 22.88 -17.40 11.03
CA PHE C 179 21.55 -16.92 10.60
C PHE C 179 21.24 -17.50 9.21
N SER C 180 20.20 -18.35 9.12
CA SER C 180 19.79 -19.13 7.93
C SER C 180 18.37 -18.74 7.53
N SER C 181 18.07 -18.70 6.23
CA SER C 181 16.73 -18.33 5.72
C SER C 181 16.47 -19.03 4.37
N SER C 182 15.27 -18.86 3.81
CA SER C 182 14.79 -19.61 2.62
C SER C 182 13.36 -19.21 2.20
N GLY C 183 13.16 -19.11 0.90
CA GLY C 183 11.87 -18.81 0.24
C GLY C 183 12.09 -18.82 -1.27
N ASP C 184 11.17 -18.28 -2.07
CA ASP C 184 11.26 -18.34 -3.55
C ASP C 184 12.70 -18.05 -3.99
N VAL C 185 13.13 -16.79 -3.86
CA VAL C 185 14.46 -16.34 -4.38
C VAL C 185 15.46 -17.49 -4.26
N GLY C 186 15.72 -17.99 -3.05
CA GLY C 186 16.73 -19.05 -2.89
C GLY C 186 16.88 -19.52 -1.46
N GLN C 187 18.11 -19.79 -1.04
CA GLN C 187 18.49 -20.16 0.35
C GLN C 187 19.77 -19.41 0.69
N GLY C 188 19.74 -18.64 1.77
CA GLY C 188 20.89 -17.86 2.23
C GLY C 188 21.25 -18.22 3.65
N TYR C 189 22.50 -17.95 4.00
CA TYR C 189 23.02 -18.06 5.38
C TYR C 189 24.13 -17.04 5.55
N THR C 190 24.39 -16.69 6.79
CA THR C 190 25.42 -15.71 7.19
C THR C 190 26.08 -16.34 8.43
N PHE C 191 27.33 -16.76 8.32
CA PHE C 191 28.07 -17.36 9.45
C PHE C 191 28.95 -16.26 10.03
N LEU C 192 29.04 -16.23 11.36
CA LEU C 192 29.77 -15.21 12.16
C LEU C 192 30.74 -15.90 13.13
N GLN C 193 32.04 -15.85 12.84
CA GLN C 193 33.11 -16.52 13.62
C GLN C 193 33.27 -15.72 14.93
N ALA C 194 33.63 -16.38 16.04
CA ALA C 194 33.71 -15.78 17.41
C ALA C 194 35.04 -15.05 17.64
N ALA C 195 35.25 -13.89 16.99
CA ALA C 195 36.45 -13.01 17.09
C ALA C 195 36.49 -12.38 18.50
N GLY C 237 33.66 -7.90 16.36
CA GLY C 237 34.08 -8.97 17.30
C GLY C 237 32.88 -9.67 17.91
N VAL C 238 32.52 -10.85 17.40
CA VAL C 238 31.39 -11.67 17.94
C VAL C 238 31.88 -12.36 19.21
N GLU C 239 30.95 -12.71 20.10
CA GLU C 239 31.21 -13.29 21.44
C GLU C 239 30.09 -14.25 21.78
N VAL C 240 30.15 -15.46 21.24
CA VAL C 240 29.41 -16.61 21.83
C VAL C 240 29.91 -16.77 23.27
N THR C 241 29.00 -17.14 24.16
CA THR C 241 29.28 -17.73 25.49
C THR C 241 28.06 -18.62 25.77
N MET C 242 28.15 -19.88 25.33
CA MET C 242 27.00 -20.81 25.27
C MET C 242 27.24 -21.98 26.25
N GLU C 243 26.53 -23.10 26.06
CA GLU C 243 26.67 -24.30 26.94
C GLU C 243 26.45 -25.57 26.13
N GLU C 244 25.44 -25.61 25.25
CA GLU C 244 25.24 -26.69 24.25
C GLU C 244 24.76 -26.08 22.94
N PRO C 245 24.99 -26.78 21.80
CA PRO C 245 24.50 -26.31 20.50
C PRO C 245 22.98 -26.21 20.57
N ILE C 246 22.43 -25.11 20.06
CA ILE C 246 21.02 -24.65 20.24
C ILE C 246 20.57 -24.02 18.92
N THR C 247 19.35 -24.30 18.45
CA THR C 247 18.89 -23.97 17.08
C THR C 247 17.39 -23.70 17.10
N LEU C 248 17.03 -22.44 17.39
CA LEU C 248 15.64 -21.94 17.44
C LEU C 248 15.38 -21.11 16.19
N SER C 249 14.10 -20.90 15.84
CA SER C 249 13.66 -20.12 14.65
C SER C 249 12.59 -19.09 15.04
N PHE C 250 12.72 -17.88 14.50
CA PHE C 250 11.90 -16.69 14.85
C PHE C 250 11.33 -16.04 13.59
N ALA C 251 10.22 -15.32 13.72
CA ALA C 251 9.67 -14.45 12.64
C ALA C 251 10.62 -13.27 12.43
N LEU C 252 10.76 -12.86 11.18
CA LEU C 252 11.66 -11.73 10.88
C LEU C 252 10.86 -10.43 11.05
N ARG C 253 9.57 -10.41 10.71
CA ARG C 253 8.72 -9.26 11.08
C ARG C 253 9.26 -8.71 12.42
N PHE C 254 9.38 -9.57 13.43
CA PHE C 254 9.63 -9.13 14.83
C PHE C 254 11.12 -8.86 15.05
N MET C 255 11.98 -9.74 14.52
CA MET C 255 13.44 -9.56 14.69
C MET C 255 13.82 -8.24 14.02
N GLY C 256 13.15 -7.91 12.91
CA GLY C 256 13.30 -6.62 12.22
C GLY C 256 12.95 -5.46 13.11
N ILE C 257 11.82 -5.54 13.82
CA ILE C 257 11.31 -4.42 14.67
C ILE C 257 12.31 -4.18 15.79
N PHE C 258 12.84 -5.28 16.34
CA PHE C 258 13.79 -5.27 17.48
C PHE C 258 15.09 -4.59 17.03
N ALA C 259 15.47 -4.82 15.77
CA ALA C 259 16.80 -4.51 15.21
C ALA C 259 17.01 -3.00 15.06
N LYS C 260 15.92 -2.19 15.05
CA LYS C 260 15.98 -0.70 15.10
C LYS C 260 16.67 -0.27 16.41
N GLY C 261 16.81 -1.20 17.36
CA GLY C 261 17.62 -1.04 18.58
C GLY C 261 19.03 -0.54 18.30
N SER C 262 19.54 -0.86 17.10
CA SER C 262 20.90 -0.49 16.62
C SER C 262 21.16 0.96 16.96
N THR C 263 20.13 1.82 16.99
CA THR C 263 20.31 3.29 17.15
C THR C 263 20.64 3.66 18.62
N LEU C 264 20.59 2.73 19.56
CA LEU C 264 20.75 3.04 21.01
C LEU C 264 22.10 2.55 21.53
N SER C 265 22.49 1.34 21.15
CA SER C 265 23.68 0.63 21.70
C SER C 265 24.45 0.09 20.50
N GLU C 266 25.78 0.24 20.50
CA GLU C 266 26.68 -0.29 19.43
C GLU C 266 26.64 -1.82 19.40
N ARG C 267 26.51 -2.50 20.55
CA ARG C 267 26.49 -3.98 20.65
C ARG C 267 25.04 -4.43 20.92
N VAL C 268 24.73 -5.72 20.79
CA VAL C 268 23.36 -6.28 21.06
C VAL C 268 23.47 -7.72 21.55
N THR C 269 23.06 -8.00 22.77
CA THR C 269 23.10 -9.38 23.30
C THR C 269 21.82 -10.13 22.89
N LEU C 270 21.97 -11.29 22.26
CA LEU C 270 20.86 -12.28 22.11
C LEU C 270 21.10 -13.41 23.11
N LYS C 271 20.15 -13.64 24.01
CA LYS C 271 20.16 -14.80 24.94
C LYS C 271 19.06 -15.75 24.45
N PHE C 272 19.28 -17.07 24.50
CA PHE C 272 18.34 -18.12 24.02
C PHE C 272 18.24 -19.24 25.05
N ALA C 273 17.19 -20.04 24.92
CA ALA C 273 16.99 -21.28 25.69
C ALA C 273 15.84 -22.02 25.02
N LYS C 274 15.91 -23.35 24.94
CA LYS C 274 14.98 -24.17 24.09
C LYS C 274 13.56 -23.99 24.62
N ASP C 275 12.55 -24.08 23.73
CA ASP C 275 11.10 -23.98 24.08
C ASP C 275 10.87 -22.86 25.11
N SER C 276 11.53 -21.72 24.90
CA SER C 276 11.53 -20.56 25.81
C SER C 276 11.76 -19.28 25.01
N PRO C 277 10.79 -18.33 25.06
CA PRO C 277 11.06 -16.93 24.76
C PRO C 277 12.55 -16.55 24.79
N CYS C 278 13.14 -16.37 23.60
CA CYS C 278 14.45 -15.70 23.41
C CYS C 278 14.34 -14.23 23.82
N MET C 279 15.48 -13.58 23.98
CA MET C 279 15.60 -12.16 24.40
C MET C 279 16.63 -11.42 23.52
N VAL C 280 16.35 -10.17 23.16
CA VAL C 280 17.37 -9.32 22.50
C VAL C 280 17.46 -8.03 23.33
N GLU C 281 18.65 -7.82 23.90
CA GLU C 281 18.97 -6.73 24.83
C GLU C 281 19.77 -5.64 24.11
N TYR C 282 19.45 -4.39 24.39
CA TYR C 282 20.19 -3.18 23.98
C TYR C 282 20.40 -2.35 25.25
N GLY C 283 21.63 -2.21 25.71
CA GLY C 283 21.94 -1.35 26.86
C GLY C 283 22.04 0.10 26.48
N ILE C 284 21.18 0.94 27.05
CA ILE C 284 21.39 2.41 27.11
C ILE C 284 22.44 2.66 28.20
N ASP C 285 23.73 2.49 27.89
CA ASP C 285 24.84 2.50 28.89
C ASP C 285 24.55 1.50 30.01
N ASN C 286 25.06 1.81 31.20
CA ASN C 286 24.68 1.29 32.54
C ASN C 286 23.34 1.90 33.01
N VAL C 287 22.88 2.98 32.37
CA VAL C 287 21.81 3.90 32.87
C VAL C 287 20.40 3.45 32.41
N GLY C 288 20.27 2.24 31.83
CA GLY C 288 18.98 1.70 31.37
C GLY C 288 19.13 0.59 30.34
N TYR C 289 18.04 -0.07 29.98
CA TYR C 289 18.03 -1.04 28.87
C TYR C 289 16.72 -0.99 28.08
N LEU C 290 16.81 -1.52 26.86
CA LEU C 290 15.68 -1.91 25.99
C LEU C 290 15.79 -3.40 25.69
N ARG C 291 14.69 -4.13 25.84
CA ARG C 291 14.72 -5.59 25.92
C ARG C 291 13.49 -6.12 25.19
N TYR C 292 13.69 -6.96 24.20
CA TYR C 292 12.60 -7.57 23.41
C TYR C 292 12.62 -9.05 23.79
N TYR C 293 11.45 -9.68 23.87
CA TYR C 293 11.32 -11.14 24.10
C TYR C 293 10.40 -11.65 23.00
N LEU C 294 10.74 -12.77 22.36
CA LEU C 294 9.94 -13.29 21.24
C LEU C 294 9.87 -14.81 21.35
N ALA C 295 8.66 -15.34 21.18
CA ALA C 295 8.37 -16.78 21.08
C ALA C 295 9.31 -17.34 20.02
N PRO C 296 9.98 -18.48 20.29
CA PRO C 296 10.55 -19.29 19.22
C PRO C 296 9.40 -19.78 18.33
N LYS C 297 9.66 -20.40 17.18
CA LYS C 297 8.60 -20.97 16.33
C LYS C 297 9.01 -22.37 15.88
N VAL C 298 8.53 -23.42 16.56
CA VAL C 298 8.75 -24.86 16.17
C VAL C 298 7.58 -25.28 15.26
N ASP C 299 7.84 -26.19 14.32
CA ASP C 299 6.89 -26.61 13.26
C ASP C 299 7.39 -27.89 12.59
N MET D 11 -1.82 -42.56 -25.64
CA MET D 11 -2.89 -41.66 -26.19
C MET D 11 -4.14 -41.71 -25.28
N LEU D 12 -4.54 -40.56 -24.70
CA LEU D 12 -5.65 -40.45 -23.69
C LEU D 12 -6.51 -39.21 -23.95
N GLU D 13 -7.80 -39.32 -23.60
CA GLU D 13 -8.81 -38.23 -23.63
C GLU D 13 -9.80 -38.52 -22.50
N ALA D 14 -10.09 -37.54 -21.63
CA ALA D 14 -11.16 -37.59 -20.59
C ALA D 14 -11.96 -36.29 -20.60
N GLN D 15 -13.09 -36.32 -21.33
CA GLN D 15 -14.16 -35.29 -21.32
C GLN D 15 -15.09 -35.58 -20.14
N VAL D 16 -15.32 -34.61 -19.26
CA VAL D 16 -16.43 -34.66 -18.26
C VAL D 16 -17.46 -33.64 -18.76
N GLN D 17 -18.74 -33.85 -18.43
CA GLN D 17 -19.85 -33.02 -18.99
C GLN D 17 -19.78 -31.64 -18.33
N PHE D 18 -19.86 -31.62 -16.98
CA PHE D 18 -19.90 -30.39 -16.15
C PHE D 18 -18.52 -30.19 -15.49
N ALA D 19 -17.70 -29.24 -16.01
CA ALA D 19 -16.33 -28.85 -15.54
C ALA D 19 -16.28 -28.61 -14.03
N SER D 20 -17.41 -28.32 -13.39
CA SER D 20 -17.54 -28.16 -11.92
C SER D 20 -16.68 -29.21 -11.22
N LEU D 21 -16.79 -30.45 -11.67
CA LEU D 21 -16.16 -31.60 -10.98
C LEU D 21 -14.65 -31.36 -10.91
N TRP D 22 -14.04 -31.04 -12.04
CA TRP D 22 -12.57 -30.83 -12.14
C TRP D 22 -12.18 -29.66 -11.23
N LYS D 23 -12.76 -28.48 -11.46
CA LYS D 23 -12.57 -27.27 -10.62
C LYS D 23 -12.57 -27.64 -9.14
N ARG D 24 -13.68 -28.19 -8.63
CA ARG D 24 -13.86 -28.50 -7.20
C ARG D 24 -12.79 -29.52 -6.75
N LEU D 25 -12.41 -30.45 -7.61
CA LEU D 25 -11.41 -31.48 -7.25
C LEU D 25 -10.02 -30.85 -7.09
N VAL D 26 -9.58 -30.09 -8.09
CA VAL D 26 -8.21 -29.53 -8.08
C VAL D 26 -8.08 -28.59 -6.89
N GLU D 27 -9.03 -27.67 -6.71
CA GLU D 27 -9.06 -26.82 -5.48
C GLU D 27 -8.84 -27.71 -4.26
N CYS D 28 -9.40 -28.93 -4.24
CA CYS D 28 -9.36 -29.80 -3.05
C CYS D 28 -7.93 -30.29 -2.78
N ILE D 29 -7.28 -30.89 -3.79
CA ILE D 29 -5.93 -31.52 -3.63
C ILE D 29 -4.86 -30.42 -3.68
N ASN D 30 -5.16 -29.24 -4.26
CA ASN D 30 -4.18 -28.12 -4.40
C ASN D 30 -3.83 -27.55 -3.02
N GLY D 31 -4.78 -27.63 -2.10
CA GLY D 31 -4.59 -27.20 -0.70
C GLY D 31 -3.47 -27.98 -0.08
N LEU D 32 -3.29 -29.23 -0.51
CA LEU D 32 -2.37 -30.16 0.17
C LEU D 32 -0.99 -30.09 -0.49
N VAL D 33 -0.95 -30.07 -1.83
CA VAL D 33 0.31 -30.23 -2.63
C VAL D 33 0.26 -29.30 -3.86
N ASN D 34 1.43 -28.93 -4.40
CA ASN D 34 1.55 -27.94 -5.51
C ASN D 34 1.59 -28.64 -6.87
N GLU D 35 2.07 -29.89 -6.88
CA GLU D 35 2.30 -30.72 -8.09
C GLU D 35 1.96 -32.17 -7.75
N ALA D 36 1.41 -32.90 -8.71
CA ALA D 36 1.02 -34.29 -8.45
C ALA D 36 0.90 -35.05 -9.78
N ASN D 37 0.98 -36.38 -9.67
CA ASN D 37 0.98 -37.34 -10.79
C ASN D 37 -0.45 -37.82 -11.07
N PHE D 38 -0.92 -37.58 -12.29
CA PHE D 38 -2.24 -37.99 -12.81
C PHE D 38 -2.07 -39.38 -13.43
N ASP D 39 -2.16 -40.40 -12.58
CA ASP D 39 -2.08 -41.85 -12.92
C ASP D 39 -3.35 -42.22 -13.71
N CYS D 40 -3.22 -42.47 -15.02
CA CYS D 40 -4.34 -42.73 -15.96
C CYS D 40 -4.38 -44.18 -16.44
N ASN D 41 -5.29 -44.98 -15.89
CA ASN D 41 -5.42 -46.43 -16.18
C ASN D 41 -6.60 -46.60 -17.12
N PRO D 42 -6.98 -47.82 -17.56
CA PRO D 42 -8.23 -47.99 -18.28
C PRO D 42 -9.38 -48.00 -17.26
N GLY D 43 -9.06 -48.20 -15.97
CA GLY D 43 -10.01 -48.33 -14.85
C GLY D 43 -10.40 -46.99 -14.19
N GLY D 44 -9.68 -45.89 -14.51
CA GLY D 44 -9.89 -44.53 -13.97
C GLY D 44 -8.62 -43.68 -13.81
N LEU D 45 -8.78 -42.40 -13.42
CA LEU D 45 -7.69 -41.47 -12.99
C LEU D 45 -7.47 -41.60 -11.50
N SER D 46 -6.21 -41.68 -11.11
CA SER D 46 -5.77 -41.74 -9.71
C SER D 46 -4.71 -40.67 -9.47
N VAL D 47 -4.82 -39.97 -8.35
CA VAL D 47 -3.82 -39.00 -7.84
C VAL D 47 -3.51 -39.44 -6.40
N GLN D 48 -2.26 -39.79 -6.16
CA GLN D 48 -1.77 -40.17 -4.82
C GLN D 48 -0.61 -39.23 -4.56
N ALA D 49 -0.57 -38.61 -3.38
CA ALA D 49 0.34 -37.49 -3.12
C ALA D 49 0.42 -37.19 -1.64
N MET D 50 1.65 -37.07 -1.15
CA MET D 50 1.93 -36.74 0.27
C MET D 50 2.32 -35.26 0.33
N ASP D 51 1.99 -34.58 1.43
CA ASP D 51 2.34 -33.16 1.61
C ASP D 51 3.82 -33.12 1.92
N SER D 52 4.45 -31.95 1.78
CA SER D 52 5.91 -31.71 1.96
C SER D 52 6.36 -32.13 3.37
N SER D 53 5.49 -32.04 4.38
CA SER D 53 5.88 -32.32 5.78
C SER D 53 5.60 -33.79 6.14
N HIS D 54 5.28 -34.62 5.15
CA HIS D 54 5.02 -36.07 5.31
C HIS D 54 4.19 -36.34 6.59
N VAL D 55 2.96 -35.78 6.68
CA VAL D 55 1.95 -36.07 7.76
C VAL D 55 0.58 -36.46 7.17
N ALA D 56 0.44 -36.46 5.84
CA ALA D 56 -0.87 -36.24 5.19
C ALA D 56 -0.84 -36.67 3.73
N LEU D 57 -1.88 -37.38 3.36
CA LEU D 57 -1.95 -38.11 2.08
C LEU D 57 -3.30 -37.83 1.43
N VAL D 58 -3.31 -37.56 0.13
CA VAL D 58 -4.53 -37.67 -0.72
C VAL D 58 -4.47 -38.97 -1.51
N HIS D 59 -5.54 -39.75 -1.47
CA HIS D 59 -5.90 -40.67 -2.58
C HIS D 59 -7.13 -40.08 -3.29
N MET D 60 -7.05 -39.89 -4.62
CA MET D 60 -8.19 -39.41 -5.44
C MET D 60 -8.40 -40.39 -6.59
N LEU D 61 -9.54 -41.07 -6.61
CA LEU D 61 -9.91 -41.95 -7.73
C LEU D 61 -11.14 -41.41 -8.44
N LEU D 62 -11.05 -41.26 -9.75
CA LEU D 62 -12.23 -41.05 -10.59
C LEU D 62 -12.35 -42.24 -11.53
N ARG D 63 -13.35 -43.10 -11.34
CA ARG D 63 -13.58 -44.34 -12.12
C ARG D 63 -13.96 -43.99 -13.58
N ASP D 64 -13.78 -44.93 -14.50
CA ASP D 64 -13.98 -44.72 -15.96
C ASP D 64 -15.40 -44.18 -16.23
N ASP D 65 -16.42 -44.64 -15.48
CA ASP D 65 -17.86 -44.32 -15.68
C ASP D 65 -18.15 -42.87 -15.31
N CYS D 66 -17.39 -42.32 -14.36
CA CYS D 66 -17.45 -40.91 -13.92
C CYS D 66 -17.45 -39.92 -15.09
N PHE D 67 -16.81 -40.25 -16.21
CA PHE D 67 -16.60 -39.31 -17.35
C PHE D 67 -17.72 -39.51 -18.39
N VAL D 68 -17.52 -39.03 -19.62
CA VAL D 68 -18.38 -39.35 -20.80
C VAL D 68 -17.50 -40.05 -21.85
N LYS D 69 -16.51 -39.37 -22.45
CA LYS D 69 -15.40 -40.04 -23.19
C LYS D 69 -14.30 -40.34 -22.15
N TYR D 70 -13.67 -41.52 -22.22
CA TYR D 70 -12.48 -41.89 -21.42
C TYR D 70 -11.68 -42.98 -22.13
N GLN D 71 -10.65 -42.60 -22.90
CA GLN D 71 -9.74 -43.49 -23.69
C GLN D 71 -8.39 -43.67 -22.95
N CYS D 72 -7.92 -44.90 -22.79
CA CYS D 72 -6.70 -45.23 -22.01
C CYS D 72 -6.40 -46.75 -22.00
N GLY D 73 -5.86 -47.28 -23.12
CA GLY D 73 -5.11 -48.55 -23.16
C GLY D 73 -3.99 -48.50 -22.13
N ARG D 74 -2.78 -48.08 -22.56
CA ARG D 74 -1.55 -47.75 -21.77
C ARG D 74 -1.82 -47.30 -20.31
N ASN D 75 -1.07 -47.83 -19.34
CA ASN D 75 -1.07 -47.49 -17.88
C ASN D 75 -0.34 -46.14 -17.63
N SER D 76 -0.48 -45.19 -18.59
CA SER D 76 0.19 -43.84 -18.72
C SER D 76 0.02 -42.87 -17.53
N ILE D 77 1.10 -42.18 -17.12
CA ILE D 77 1.19 -41.20 -15.99
C ILE D 77 1.24 -39.75 -16.52
N LEU D 78 0.83 -38.74 -15.74
CA LEU D 78 1.01 -37.28 -16.03
C LEU D 78 1.38 -36.49 -14.77
N GLY D 79 2.49 -35.77 -14.82
CA GLY D 79 2.91 -34.84 -13.75
C GLY D 79 2.36 -33.46 -14.02
N LEU D 80 1.65 -32.89 -13.07
CA LEU D 80 0.87 -31.67 -13.35
C LEU D 80 1.11 -30.68 -12.22
N ASN D 81 1.39 -29.44 -12.65
CA ASN D 81 1.57 -28.26 -11.77
C ASN D 81 0.18 -27.76 -11.36
N LEU D 82 -0.24 -28.05 -10.13
CA LEU D 82 -1.61 -27.78 -9.66
C LEU D 82 -1.76 -26.27 -9.39
N ALA D 83 -0.65 -25.60 -9.05
CA ALA D 83 -0.53 -24.12 -9.09
C ALA D 83 -1.14 -23.63 -10.40
N SER D 84 -0.47 -23.86 -11.54
CA SER D 84 -0.96 -23.62 -12.92
C SER D 84 -2.39 -24.17 -13.11
N LEU D 85 -2.59 -25.46 -12.87
CA LEU D 85 -3.85 -26.12 -13.30
C LEU D 85 -5.01 -25.36 -12.68
N SER D 86 -4.88 -25.06 -11.38
CA SER D 86 -5.88 -24.32 -10.58
C SER D 86 -6.17 -22.96 -11.20
N LYS D 87 -5.13 -22.17 -11.48
CA LYS D 87 -5.20 -20.83 -12.11
C LYS D 87 -6.00 -20.86 -13.41
N VAL D 88 -5.95 -21.98 -14.14
CA VAL D 88 -6.68 -22.16 -15.44
C VAL D 88 -8.13 -22.55 -15.17
N LEU D 89 -8.34 -23.65 -14.44
CA LEU D 89 -9.69 -24.14 -14.07
C LEU D 89 -10.52 -23.03 -13.41
N LYS D 90 -9.86 -22.10 -12.70
CA LYS D 90 -10.51 -20.88 -12.15
C LYS D 90 -11.38 -20.22 -13.21
N ILE D 91 -10.89 -20.05 -14.45
CA ILE D 91 -11.54 -19.21 -15.49
C ILE D 91 -12.38 -20.07 -16.45
N VAL D 92 -12.57 -21.35 -16.14
CA VAL D 92 -13.39 -22.27 -16.99
C VAL D 92 -14.81 -22.26 -16.42
N ASP D 93 -15.80 -22.00 -17.26
CA ASP D 93 -17.20 -21.85 -16.78
C ASP D 93 -17.60 -23.18 -16.11
N SER D 94 -18.20 -23.09 -14.94
CA SER D 94 -18.65 -24.26 -14.13
C SER D 94 -19.39 -25.25 -15.05
N ASN D 95 -20.29 -24.76 -15.91
CA ASN D 95 -21.32 -25.59 -16.58
C ASN D 95 -20.91 -25.87 -18.03
N ASP D 96 -19.62 -25.72 -18.36
CA ASP D 96 -19.08 -26.06 -19.69
C ASP D 96 -18.42 -27.45 -19.64
N SER D 97 -18.31 -28.09 -20.80
CA SER D 97 -17.59 -29.37 -21.00
C SER D 97 -16.09 -29.12 -20.83
N LEU D 98 -15.37 -30.05 -20.21
CA LEU D 98 -13.90 -29.95 -20.08
C LEU D 98 -13.24 -31.29 -20.46
N SER D 99 -12.59 -31.29 -21.64
CA SER D 99 -11.86 -32.42 -22.25
C SER D 99 -10.36 -32.32 -21.96
N LEU D 100 -9.86 -33.26 -21.16
CA LEU D 100 -8.42 -33.40 -20.84
C LEU D 100 -7.78 -34.41 -21.80
N ARG D 101 -6.87 -33.96 -22.68
CA ARG D 101 -6.24 -34.80 -23.74
C ARG D 101 -4.71 -34.71 -23.66
N HIS D 102 -4.03 -35.82 -23.97
CA HIS D 102 -2.55 -35.94 -24.12
C HIS D 102 -2.26 -36.82 -25.34
N ASP D 103 -1.54 -36.33 -26.35
CA ASP D 103 -1.36 -37.06 -27.63
C ASP D 103 -0.06 -37.85 -27.63
N ASP D 104 -0.11 -39.11 -28.13
CA ASP D 104 1.00 -40.11 -28.18
C ASP D 104 2.33 -39.41 -27.90
N ASP D 105 2.64 -39.15 -26.62
CA ASP D 105 3.93 -38.57 -26.20
C ASP D 105 4.12 -37.15 -26.78
N SER D 106 3.33 -36.20 -26.25
CA SER D 106 3.59 -34.72 -26.20
C SER D 106 4.43 -34.46 -24.95
N ASP D 107 4.77 -33.21 -24.65
CA ASP D 107 5.28 -32.81 -23.30
C ASP D 107 4.24 -31.91 -22.65
N VAL D 108 3.04 -31.77 -23.26
CA VAL D 108 1.94 -30.89 -22.77
C VAL D 108 0.61 -31.62 -22.84
N VAL D 109 -0.17 -31.51 -21.76
CA VAL D 109 -1.64 -31.74 -21.64
C VAL D 109 -2.40 -30.61 -22.37
N THR D 110 -3.60 -30.87 -22.90
CA THR D 110 -4.53 -29.79 -23.31
C THR D 110 -5.91 -30.00 -22.69
N LEU D 111 -6.31 -29.04 -21.85
CA LEU D 111 -7.72 -28.79 -21.42
C LEU D 111 -8.44 -28.09 -22.57
N THR D 112 -9.60 -28.60 -22.98
CA THR D 112 -10.46 -28.02 -24.05
C THR D 112 -11.86 -27.87 -23.47
N SER D 113 -12.56 -26.77 -23.78
CA SER D 113 -13.82 -26.34 -23.10
C SER D 113 -14.84 -25.76 -24.09
N GLU D 114 -16.09 -26.25 -24.03
CA GLU D 114 -17.21 -25.78 -24.88
C GLU D 114 -18.47 -25.60 -24.01
N ASN D 115 -19.25 -24.58 -24.33
CA ASN D 115 -20.61 -24.36 -23.76
C ASN D 115 -21.56 -25.28 -24.51
N PRO D 116 -22.66 -25.75 -23.88
CA PRO D 116 -23.69 -26.52 -24.59
C PRO D 116 -23.98 -26.03 -26.02
N GLU D 117 -24.19 -24.72 -26.20
CA GLU D 117 -24.66 -24.11 -27.48
C GLU D 117 -23.52 -24.05 -28.51
N LYS D 118 -22.29 -24.44 -28.15
CA LYS D 118 -21.16 -24.65 -29.09
C LYS D 118 -20.75 -23.34 -29.78
N THR D 119 -20.91 -22.20 -29.09
CA THR D 119 -20.72 -20.82 -29.65
C THR D 119 -19.34 -20.28 -29.22
N ARG D 120 -18.85 -20.76 -28.08
CA ARG D 120 -17.52 -20.45 -27.50
C ARG D 120 -16.73 -21.74 -27.38
N LYS D 121 -15.45 -21.69 -27.73
CA LYS D 121 -14.47 -22.77 -27.48
C LYS D 121 -13.26 -22.17 -26.76
N CYS D 122 -12.80 -22.86 -25.72
CA CYS D 122 -11.58 -22.55 -24.93
C CYS D 122 -10.62 -23.74 -25.04
N GLU D 123 -9.35 -23.50 -25.40
CA GLU D 123 -8.28 -24.54 -25.43
C GLU D 123 -7.04 -24.02 -24.69
N TYR D 124 -6.73 -24.63 -23.55
CA TYR D 124 -5.60 -24.24 -22.67
C TYR D 124 -4.53 -25.32 -22.79
N GLN D 125 -3.25 -24.97 -22.80
CA GLN D 125 -2.12 -25.94 -22.87
C GLN D 125 -1.19 -25.78 -21.67
N LEU D 126 -0.95 -26.88 -20.93
CA LEU D 126 -0.06 -26.96 -19.74
C LEU D 126 1.14 -27.86 -20.05
N LYS D 127 2.35 -27.37 -19.81
CA LYS D 127 3.60 -28.18 -19.83
C LYS D 127 3.52 -29.15 -18.66
N LEU D 128 3.98 -30.39 -18.88
CA LEU D 128 3.99 -31.46 -17.86
C LEU D 128 5.29 -31.37 -17.06
N LEU D 129 5.33 -32.03 -15.91
CA LEU D 129 6.56 -32.14 -15.08
C LEU D 129 6.97 -33.61 -15.04
N GLU D 130 8.22 -33.85 -14.65
CA GLU D 130 8.67 -35.14 -14.06
C GLU D 130 8.49 -34.95 -12.55
N ILE D 131 7.68 -35.79 -11.91
CA ILE D 131 7.57 -35.81 -10.42
C ILE D 131 7.82 -37.23 -9.98
N GLU D 132 8.86 -37.47 -9.19
CA GLU D 132 9.16 -38.82 -8.66
C GLU D 132 7.90 -39.30 -7.95
N ALA D 133 7.37 -40.45 -8.36
CA ALA D 133 6.21 -41.13 -7.74
C ALA D 133 6.60 -41.48 -6.30
N GLU D 134 5.94 -40.88 -5.30
CA GLU D 134 6.54 -40.79 -3.94
C GLU D 134 6.43 -42.17 -3.28
N SER D 135 7.37 -42.48 -2.37
CA SER D 135 7.47 -43.76 -1.62
C SER D 135 6.24 -43.90 -0.72
N MET D 136 5.98 -42.86 0.07
CA MET D 136 4.70 -42.58 0.78
C MET D 136 3.96 -43.89 1.09
N GLY D 137 3.27 -44.48 0.09
CA GLY D 137 2.38 -45.66 0.20
C GLY D 137 1.22 -45.39 1.13
N ILE D 138 0.11 -46.12 0.99
CA ILE D 138 -1.13 -45.87 1.78
C ILE D 138 -1.01 -46.55 3.15
N PRO D 139 -1.39 -45.86 4.26
CA PRO D 139 -1.58 -46.52 5.56
C PRO D 139 -2.37 -47.83 5.46
N GLU D 140 -1.90 -48.89 6.12
CA GLU D 140 -2.36 -50.29 5.94
C GLU D 140 -3.62 -50.56 6.78
N MET D 141 -3.82 -49.85 7.89
CA MET D 141 -4.83 -50.17 8.95
C MET D 141 -6.22 -50.47 8.36
N ASP D 142 -6.92 -51.43 8.98
CA ASP D 142 -8.40 -51.45 9.07
C ASP D 142 -8.74 -50.62 10.31
N TYR D 143 -9.84 -49.86 10.21
CA TYR D 143 -10.32 -48.88 11.22
C TYR D 143 -11.52 -49.51 11.93
N ARG D 144 -11.50 -49.63 13.26
CA ARG D 144 -12.67 -50.10 14.04
C ARG D 144 -13.14 -48.96 14.97
N SER D 145 -13.90 -48.05 14.37
CA SER D 145 -14.43 -46.74 14.85
C SER D 145 -14.62 -45.81 13.65
N THR D 146 -15.87 -45.50 13.34
CA THR D 146 -16.30 -44.73 12.14
C THR D 146 -17.34 -43.70 12.56
N VAL D 147 -17.18 -42.46 12.12
CA VAL D 147 -18.26 -41.45 12.23
C VAL D 147 -18.48 -40.86 10.83
N THR D 148 -19.74 -40.73 10.47
CA THR D 148 -20.22 -40.11 9.22
C THR D 148 -21.07 -38.92 9.66
N LEU D 149 -20.90 -37.75 9.04
CA LEU D 149 -21.62 -36.51 9.41
C LEU D 149 -21.73 -35.61 8.20
N ASN D 150 -22.53 -34.55 8.28
CA ASN D 150 -22.79 -33.65 7.12
C ASN D 150 -21.48 -32.92 6.85
N SER D 151 -21.05 -32.93 5.58
CA SER D 151 -19.73 -32.48 5.10
C SER D 151 -19.46 -31.05 5.58
N ALA D 152 -20.51 -30.22 5.58
CA ALA D 152 -20.42 -28.78 5.80
C ALA D 152 -20.39 -28.54 7.30
N GLU D 153 -21.11 -29.35 8.09
CA GLU D 153 -21.04 -29.21 9.58
C GLU D 153 -19.62 -29.56 10.01
N PHE D 154 -19.03 -30.59 9.42
CA PHE D 154 -17.60 -30.92 9.65
C PHE D 154 -16.76 -29.66 9.39
N ALA D 155 -16.92 -29.10 8.19
CA ALA D 155 -16.06 -27.98 7.73
C ALA D 155 -16.19 -26.81 8.70
N LYS D 156 -17.42 -26.47 9.13
CA LYS D 156 -17.70 -25.43 10.15
C LYS D 156 -16.87 -25.77 11.40
N ILE D 157 -17.03 -26.97 11.95
CA ILE D 157 -16.39 -27.36 13.24
C ILE D 157 -14.87 -27.20 13.18
N VAL D 158 -14.18 -27.35 12.04
CA VAL D 158 -12.72 -27.09 12.06
C VAL D 158 -12.50 -25.57 12.19
N ARG D 159 -13.10 -24.74 11.33
CA ARG D 159 -13.01 -23.27 11.43
C ARG D 159 -13.31 -22.88 12.88
N ASP D 160 -14.46 -23.31 13.38
CA ASP D 160 -14.88 -23.14 14.80
C ASP D 160 -13.69 -23.43 15.73
N MET D 161 -13.19 -24.66 15.75
CA MET D 161 -12.11 -25.10 16.69
C MET D 161 -10.85 -24.24 16.50
N GLN D 162 -10.48 -23.89 15.26
CA GLN D 162 -9.23 -23.14 14.95
C GLN D 162 -9.18 -21.76 15.63
N VAL D 163 -10.30 -21.22 16.12
CA VAL D 163 -10.27 -19.90 16.81
C VAL D 163 -9.58 -20.08 18.16
N PHE D 164 -9.54 -21.31 18.68
CA PHE D 164 -8.90 -21.66 19.98
C PHE D 164 -7.45 -22.08 19.73
N GLY D 165 -7.24 -23.15 18.98
CA GLY D 165 -5.93 -23.84 18.89
C GLY D 165 -5.53 -24.15 17.48
N ASP D 166 -4.48 -24.94 17.34
CA ASP D 166 -3.97 -25.47 16.05
C ASP D 166 -4.08 -27.00 16.08
N THR D 167 -4.49 -27.56 17.24
CA THR D 167 -4.76 -29.00 17.46
C THR D 167 -6.19 -29.21 17.98
N VAL D 168 -6.90 -30.21 17.43
CA VAL D 168 -8.30 -30.63 17.79
C VAL D 168 -8.28 -32.07 18.31
N THR D 169 -8.97 -32.32 19.42
CA THR D 169 -9.14 -33.67 20.00
C THR D 169 -10.52 -34.23 19.63
N ILE D 170 -10.57 -35.39 18.97
CA ILE D 170 -11.86 -36.00 18.52
C ILE D 170 -12.20 -37.21 19.36
N ALA D 171 -13.10 -37.07 20.34
CA ALA D 171 -13.62 -38.16 21.20
C ALA D 171 -14.76 -38.87 20.49
N ILE D 172 -14.55 -40.11 20.05
CA ILE D 172 -15.66 -41.02 19.59
C ILE D 172 -16.17 -41.81 20.80
N SER D 173 -17.50 -41.93 20.87
CA SER D 173 -18.27 -42.60 21.95
C SER D 173 -19.64 -43.03 21.38
N LYS D 174 -20.28 -44.05 21.97
CA LYS D 174 -21.61 -44.54 21.54
C LYS D 174 -22.57 -43.34 21.49
N GLU D 175 -22.43 -42.41 22.46
CA GLU D 175 -23.23 -41.16 22.63
C GLU D 175 -23.06 -40.26 21.39
N GLY D 176 -21.83 -40.10 20.92
CA GLY D 176 -21.49 -39.32 19.72
C GLY D 176 -20.07 -38.75 19.78
N VAL D 177 -19.61 -38.13 18.70
CA VAL D 177 -18.26 -37.49 18.61
C VAL D 177 -18.30 -36.14 19.33
N LYS D 178 -17.13 -35.74 19.85
CA LYS D 178 -16.92 -34.48 20.61
C LYS D 178 -15.56 -33.91 20.23
N PHE D 179 -15.58 -32.96 19.31
CA PHE D 179 -14.44 -32.09 18.93
C PHE D 179 -14.18 -31.04 20.04
N SER D 180 -13.06 -31.16 20.74
CA SER D 180 -12.51 -30.22 21.75
C SER D 180 -11.27 -29.53 21.17
N SER D 181 -10.98 -28.32 21.64
CA SER D 181 -9.73 -27.57 21.31
C SER D 181 -9.51 -26.51 22.38
N SER D 182 -8.27 -26.04 22.48
CA SER D 182 -7.88 -25.04 23.51
C SER D 182 -6.73 -24.18 23.03
N GLY D 183 -6.63 -22.98 23.58
CA GLY D 183 -5.62 -21.97 23.22
C GLY D 183 -5.83 -20.67 23.99
N ASP D 184 -5.26 -19.57 23.48
CA ASP D 184 -5.17 -18.28 24.20
C ASP D 184 -6.61 -17.84 24.49
N VAL D 185 -7.51 -17.95 23.51
CA VAL D 185 -8.88 -17.39 23.61
C VAL D 185 -9.60 -18.04 24.78
N GLY D 186 -9.25 -19.30 25.07
CA GLY D 186 -9.94 -20.17 26.03
C GLY D 186 -10.17 -21.55 25.44
N GLN D 187 -11.05 -22.34 26.04
CA GLN D 187 -11.36 -23.71 25.58
C GLN D 187 -12.72 -23.66 24.88
N GLY D 188 -12.90 -24.51 23.88
CA GLY D 188 -14.22 -24.84 23.34
C GLY D 188 -14.36 -26.33 23.09
N TYR D 189 -15.59 -26.81 23.00
CA TYR D 189 -15.94 -28.06 22.28
C TYR D 189 -17.29 -27.90 21.57
N THR D 190 -17.48 -28.80 20.62
CA THR D 190 -18.72 -29.01 19.85
C THR D 190 -19.06 -30.49 19.99
N PHE D 191 -20.14 -30.81 20.70
CA PHE D 191 -20.65 -32.20 20.87
C PHE D 191 -21.74 -32.50 19.83
N LEU D 192 -21.61 -33.63 19.15
CA LEU D 192 -22.65 -34.18 18.26
C LEU D 192 -23.26 -35.42 18.94
N GLN D 193 -24.56 -35.63 18.74
CA GLN D 193 -25.31 -36.83 19.22
C GLN D 193 -25.52 -37.76 18.01
N ALA D 194 -25.59 -39.08 18.27
CA ALA D 194 -25.81 -40.14 17.26
C ALA D 194 -27.26 -40.09 16.77
N ALA D 195 -27.61 -40.90 15.77
CA ALA D 195 -28.97 -40.99 15.17
C ALA D 195 -29.35 -42.46 14.97
N GLY D 237 -28.75 -36.47 11.98
CA GLY D 237 -27.43 -35.93 11.62
C GLY D 237 -26.34 -37.00 11.53
N VAL D 238 -25.98 -37.64 12.66
CA VAL D 238 -24.64 -38.27 12.87
C VAL D 238 -24.75 -39.77 13.10
N GLU D 239 -23.88 -40.55 12.43
CA GLU D 239 -23.86 -42.04 12.41
C GLU D 239 -22.53 -42.55 12.97
N VAL D 240 -22.46 -42.75 14.29
CA VAL D 240 -21.33 -43.46 14.97
C VAL D 240 -21.36 -44.95 14.57
N THR D 241 -20.21 -45.62 14.55
CA THR D 241 -20.03 -47.10 14.51
C THR D 241 -18.70 -47.43 15.24
N MET D 242 -18.73 -47.25 16.55
CA MET D 242 -17.60 -47.43 17.49
C MET D 242 -17.53 -48.91 17.91
N GLU D 243 -16.55 -49.27 18.74
CA GLU D 243 -16.66 -50.34 19.77
C GLU D 243 -15.50 -50.18 20.76
N GLU D 244 -15.23 -48.92 21.18
CA GLU D 244 -13.96 -48.45 21.80
C GLU D 244 -14.15 -47.05 22.37
N PRO D 245 -13.81 -46.77 23.65
CA PRO D 245 -13.64 -45.39 24.10
C PRO D 245 -12.44 -44.70 23.42
N ILE D 246 -12.45 -44.59 22.09
CA ILE D 246 -11.28 -44.17 21.24
C ILE D 246 -11.36 -42.66 20.92
N THR D 247 -10.30 -41.92 21.30
CA THR D 247 -10.19 -40.44 21.22
C THR D 247 -8.75 -40.04 20.86
N LEU D 248 -8.53 -39.47 19.67
CA LEU D 248 -7.20 -38.99 19.17
C LEU D 248 -7.24 -37.49 18.93
N SER D 249 -6.07 -36.91 18.68
CA SER D 249 -5.86 -35.47 18.40
C SER D 249 -5.12 -35.29 17.08
N PHE D 250 -5.28 -34.12 16.44
CA PHE D 250 -4.86 -33.86 15.04
C PHE D 250 -4.64 -32.39 14.74
N ALA D 251 -3.80 -32.16 13.74
CA ALA D 251 -3.44 -30.83 13.21
C ALA D 251 -4.64 -30.25 12.48
N LEU D 252 -5.16 -29.12 12.95
CA LEU D 252 -6.29 -28.43 12.30
C LEU D 252 -5.83 -27.79 10.99
N ARG D 253 -4.59 -27.33 10.87
CA ARG D 253 -4.09 -26.88 9.54
C ARG D 253 -4.59 -27.87 8.45
N PHE D 254 -4.62 -29.16 8.77
CA PHE D 254 -4.80 -30.24 7.79
C PHE D 254 -6.27 -30.62 7.71
N MET D 255 -6.90 -30.85 8.86
CA MET D 255 -8.38 -31.04 8.94
C MET D 255 -9.07 -29.94 8.10
N GLY D 256 -8.66 -28.70 8.27
CA GLY D 256 -8.99 -27.61 7.33
C GLY D 256 -8.79 -28.05 5.89
N ILE D 257 -7.56 -28.29 5.47
CA ILE D 257 -7.28 -28.55 4.03
C ILE D 257 -8.30 -29.57 3.52
N PHE D 258 -8.54 -30.62 4.32
CA PHE D 258 -9.39 -31.78 3.97
C PHE D 258 -10.83 -31.34 3.73
N ALA D 259 -11.37 -30.56 4.67
CA ALA D 259 -12.82 -30.25 4.78
C ALA D 259 -13.31 -29.45 3.56
N LYS D 260 -12.40 -28.95 2.72
CA LYS D 260 -12.70 -28.48 1.34
C LYS D 260 -13.49 -29.58 0.60
N GLY D 261 -13.38 -30.81 1.07
CA GLY D 261 -14.14 -31.98 0.55
C GLY D 261 -15.63 -31.69 0.45
N SER D 262 -16.16 -30.88 1.37
CA SER D 262 -17.59 -30.46 1.40
C SER D 262 -18.06 -30.02 0.00
N THR D 263 -17.21 -29.36 -0.81
CA THR D 263 -17.59 -28.90 -2.17
C THR D 263 -17.95 -30.11 -3.05
N LEU D 264 -17.59 -31.32 -2.65
CA LEU D 264 -17.64 -32.53 -3.52
C LEU D 264 -18.78 -33.47 -3.13
N SER D 265 -19.29 -33.41 -1.91
CA SER D 265 -20.15 -34.47 -1.33
C SER D 265 -20.85 -33.98 -0.07
N GLU D 266 -22.17 -34.09 0.00
CA GLU D 266 -22.98 -33.57 1.14
C GLU D 266 -22.67 -34.33 2.42
N ARG D 267 -21.98 -35.49 2.38
CA ARG D 267 -21.54 -36.16 3.64
C ARG D 267 -20.06 -36.54 3.57
N VAL D 268 -19.49 -36.85 4.73
CA VAL D 268 -18.04 -37.18 4.91
C VAL D 268 -17.93 -38.26 5.98
N THR D 269 -17.12 -39.29 5.71
CA THR D 269 -16.85 -40.37 6.69
C THR D 269 -15.42 -40.20 7.21
N LEU D 270 -15.29 -40.18 8.53
CA LEU D 270 -14.00 -40.20 9.25
C LEU D 270 -13.83 -41.60 9.85
N LYS D 271 -12.67 -42.21 9.68
CA LYS D 271 -12.33 -43.55 10.24
C LYS D 271 -11.10 -43.42 11.14
N PHE D 272 -11.08 -44.13 12.27
CA PHE D 272 -10.00 -44.04 13.30
C PHE D 272 -9.60 -45.43 13.79
N ALA D 273 -8.29 -45.71 13.74
CA ALA D 273 -7.64 -46.80 14.50
C ALA D 273 -6.84 -46.18 15.64
N LYS D 274 -7.05 -46.67 16.87
CA LYS D 274 -6.14 -46.52 18.04
C LYS D 274 -4.72 -46.25 17.53
N ASP D 275 -4.08 -45.15 17.94
CA ASP D 275 -2.68 -44.75 17.60
C ASP D 275 -2.33 -44.95 16.12
N SER D 276 -3.12 -44.39 15.20
CA SER D 276 -2.91 -44.55 13.74
C SER D 276 -3.63 -43.47 12.92
N PRO D 277 -3.06 -43.15 11.73
CA PRO D 277 -3.73 -42.31 10.75
C PRO D 277 -5.25 -42.49 10.72
N CYS D 278 -5.96 -41.37 10.80
CA CYS D 278 -7.40 -41.30 10.44
C CYS D 278 -7.48 -41.17 8.91
N MET D 279 -8.63 -41.57 8.37
CA MET D 279 -8.99 -41.33 6.96
C MET D 279 -10.22 -40.43 6.96
N VAL D 280 -10.28 -39.45 6.06
CA VAL D 280 -11.57 -38.77 5.78
C VAL D 280 -11.92 -39.06 4.32
N GLU D 281 -13.07 -39.67 4.12
CA GLU D 281 -13.53 -40.10 2.79
C GLU D 281 -14.65 -39.17 2.34
N TYR D 282 -14.53 -38.70 1.11
CA TYR D 282 -15.59 -37.95 0.40
C TYR D 282 -15.98 -38.78 -0.81
N GLY D 283 -17.15 -39.42 -0.75
CA GLY D 283 -17.67 -40.14 -1.93
C GLY D 283 -18.08 -39.18 -3.03
N ILE D 284 -17.59 -39.35 -4.24
CA ILE D 284 -17.94 -38.49 -5.41
C ILE D 284 -19.01 -39.22 -6.23
N ASP D 285 -20.30 -38.96 -5.96
CA ASP D 285 -21.44 -39.73 -6.54
C ASP D 285 -21.17 -41.19 -6.10
N ASN D 286 -21.35 -42.18 -6.99
CA ASN D 286 -20.72 -43.52 -6.82
C ASN D 286 -19.65 -43.75 -7.90
N VAL D 287 -19.14 -42.68 -8.52
CA VAL D 287 -18.13 -42.72 -9.63
C VAL D 287 -16.70 -42.39 -9.13
N GLY D 288 -16.45 -42.26 -7.84
CA GLY D 288 -15.08 -41.96 -7.37
C GLY D 288 -15.02 -41.76 -5.87
N TYR D 289 -13.82 -41.48 -5.33
CA TYR D 289 -13.62 -41.02 -3.94
C TYR D 289 -12.49 -39.99 -3.90
N LEU D 290 -12.56 -39.10 -2.91
CA LEU D 290 -11.41 -38.33 -2.40
C LEU D 290 -11.14 -38.77 -0.96
N ARG D 291 -9.97 -39.34 -0.73
CA ARG D 291 -9.57 -39.94 0.56
C ARG D 291 -8.33 -39.19 1.06
N TYR D 292 -8.40 -38.65 2.26
CA TYR D 292 -7.30 -37.92 2.89
C TYR D 292 -6.94 -38.74 4.12
N TYR D 293 -5.65 -38.94 4.39
CA TYR D 293 -5.19 -39.63 5.62
C TYR D 293 -4.18 -38.74 6.31
N LEU D 294 -4.28 -38.66 7.64
CA LEU D 294 -3.46 -37.77 8.48
C LEU D 294 -2.99 -38.48 9.75
N ALA D 295 -1.74 -38.18 10.14
CA ALA D 295 -1.05 -38.74 11.33
C ALA D 295 -1.62 -38.11 12.57
N PRO D 296 -1.82 -38.88 13.66
CA PRO D 296 -2.14 -38.30 14.96
C PRO D 296 -0.96 -37.51 15.56
N LYS D 297 -1.28 -36.54 16.43
CA LYS D 297 -0.34 -35.82 17.32
C LYS D 297 -0.15 -36.71 18.55
N VAL D 298 1.10 -36.99 18.92
CA VAL D 298 1.42 -37.99 20.00
C VAL D 298 2.58 -37.46 20.86
N ASP D 299 2.83 -38.18 21.96
CA ASP D 299 3.97 -38.04 22.89
C ASP D 299 5.01 -39.11 22.53
N MET E 11 -22.07 29.74 -15.82
CA MET E 11 -23.33 29.23 -15.18
C MET E 11 -23.78 27.93 -15.87
N LEU E 12 -22.90 26.92 -15.93
CA LEU E 12 -23.19 25.48 -16.28
C LEU E 12 -24.18 24.85 -15.28
N GLU E 13 -25.10 24.02 -15.77
CA GLU E 13 -25.96 23.12 -14.96
C GLU E 13 -26.19 21.84 -15.77
N ALA E 14 -25.99 20.65 -15.18
CA ALA E 14 -26.06 19.35 -15.90
C ALA E 14 -26.67 18.26 -15.00
N GLN E 15 -27.99 18.26 -14.90
CA GLN E 15 -28.72 17.33 -14.02
C GLN E 15 -29.09 16.07 -14.81
N VAL E 16 -28.43 14.95 -14.52
CA VAL E 16 -28.91 13.57 -14.81
C VAL E 16 -30.07 13.25 -13.87
N GLN E 17 -30.84 12.22 -14.16
CA GLN E 17 -32.02 11.85 -13.33
C GLN E 17 -31.66 10.66 -12.44
N PHE E 18 -31.00 9.65 -13.03
CA PHE E 18 -30.47 8.46 -12.31
C PHE E 18 -28.92 8.58 -12.27
N ALA E 19 -28.37 8.89 -11.08
CA ALA E 19 -26.94 9.25 -10.86
C ALA E 19 -26.05 8.06 -11.16
N SER E 20 -26.64 6.87 -11.26
CA SER E 20 -25.89 5.62 -11.52
C SER E 20 -25.03 5.81 -12.78
N LEU E 21 -25.44 6.66 -13.72
CA LEU E 21 -24.73 6.85 -15.01
C LEU E 21 -23.39 7.55 -14.78
N TRP E 22 -23.45 8.69 -14.10
CA TRP E 22 -22.26 9.44 -13.62
C TRP E 22 -21.37 8.48 -12.82
N LYS E 23 -21.98 7.67 -11.94
CA LYS E 23 -21.25 6.71 -11.08
C LYS E 23 -20.51 5.74 -12.01
N ARG E 24 -21.22 5.10 -12.95
CA ARG E 24 -20.71 3.90 -13.69
C ARG E 24 -19.64 4.36 -14.68
N LEU E 25 -19.69 5.65 -15.06
CA LEU E 25 -18.84 6.30 -16.10
C LEU E 25 -17.47 6.64 -15.52
N VAL E 26 -17.47 7.58 -14.56
CA VAL E 26 -16.26 8.08 -13.84
C VAL E 26 -15.42 6.88 -13.44
N GLU E 27 -16.08 5.87 -12.87
CA GLU E 27 -15.51 4.51 -12.65
C GLU E 27 -14.63 4.09 -13.82
N CYS E 28 -15.19 3.93 -15.03
CA CYS E 28 -14.49 3.33 -16.20
C CYS E 28 -13.25 4.15 -16.52
N ILE E 29 -13.41 5.47 -16.54
CA ILE E 29 -12.45 6.44 -17.11
C ILE E 29 -11.40 6.79 -16.05
N ASN E 30 -11.78 6.71 -14.76
CA ASN E 30 -10.83 6.76 -13.61
C ASN E 30 -9.85 5.59 -13.70
N GLY E 31 -10.29 4.50 -14.32
CA GLY E 31 -9.40 3.39 -14.68
C GLY E 31 -8.18 3.86 -15.45
N LEU E 32 -8.30 4.93 -16.25
CA LEU E 32 -7.22 5.28 -17.22
C LEU E 32 -6.40 6.48 -16.74
N VAL E 33 -7.05 7.47 -16.11
CA VAL E 33 -6.45 8.80 -15.77
C VAL E 33 -6.90 9.23 -14.38
N ASN E 34 -6.12 10.07 -13.69
CA ASN E 34 -6.43 10.50 -12.30
C ASN E 34 -7.18 11.81 -12.34
N GLU E 35 -7.15 12.47 -13.50
CA GLU E 35 -7.72 13.83 -13.73
C GLU E 35 -8.04 13.97 -15.21
N ALA E 36 -8.99 14.83 -15.57
CA ALA E 36 -9.43 14.97 -16.96
C ALA E 36 -10.26 16.24 -17.14
N ASN E 37 -10.12 16.91 -18.30
CA ASN E 37 -10.89 18.13 -18.60
C ASN E 37 -12.26 17.68 -19.09
N PHE E 38 -13.32 18.35 -18.59
CA PHE E 38 -14.73 18.19 -19.01
C PHE E 38 -15.13 19.38 -19.90
N ASP E 39 -14.86 19.29 -21.21
CA ASP E 39 -15.41 20.22 -22.25
C ASP E 39 -16.94 20.27 -22.18
N CYS E 40 -17.53 21.42 -21.86
CA CYS E 40 -19.00 21.61 -21.81
C CYS E 40 -19.47 22.66 -22.83
N ASN E 41 -19.61 22.23 -24.09
CA ASN E 41 -20.32 22.96 -25.16
C ASN E 41 -21.79 22.92 -24.79
N PRO E 42 -22.70 23.65 -25.49
CA PRO E 42 -24.15 23.39 -25.40
C PRO E 42 -24.53 22.16 -26.22
N GLY E 43 -23.55 21.65 -27.00
CA GLY E 43 -23.48 20.27 -27.53
C GLY E 43 -23.70 19.25 -26.43
N GLY E 44 -22.88 19.32 -25.37
CA GLY E 44 -22.95 18.47 -24.19
C GLY E 44 -21.58 18.31 -23.55
N LEU E 45 -21.43 17.37 -22.62
CA LEU E 45 -20.14 17.11 -21.93
C LEU E 45 -19.35 16.16 -22.80
N SER E 46 -18.05 16.41 -22.91
CA SER E 46 -17.09 15.48 -23.53
C SER E 46 -15.83 15.50 -22.66
N VAL E 47 -15.35 14.32 -22.31
CA VAL E 47 -14.00 14.12 -21.73
C VAL E 47 -13.14 13.62 -22.87
N GLN E 48 -11.92 14.11 -23.00
CA GLN E 48 -10.93 13.50 -23.94
C GLN E 48 -9.59 13.47 -23.21
N ALA E 49 -8.88 12.32 -23.21
CA ALA E 49 -7.70 12.13 -22.34
C ALA E 49 -6.87 10.89 -22.72
N MET E 50 -5.62 10.89 -22.24
CA MET E 50 -4.55 9.88 -22.50
C MET E 50 -4.03 9.37 -21.16
N ASP E 51 -3.61 8.11 -21.08
CA ASP E 51 -2.90 7.61 -19.88
C ASP E 51 -1.54 8.30 -19.83
N SER E 52 -0.85 8.15 -18.70
CA SER E 52 0.53 8.63 -18.44
C SER E 52 1.46 8.22 -19.60
N SER E 53 1.46 6.94 -20.01
CA SER E 53 2.44 6.38 -20.99
C SER E 53 2.01 6.72 -22.43
N HIS E 54 0.99 7.56 -22.62
CA HIS E 54 0.62 8.09 -23.96
C HIS E 54 0.43 6.94 -24.97
N VAL E 55 0.02 5.74 -24.51
CA VAL E 55 -0.33 4.57 -25.38
C VAL E 55 -1.85 4.53 -25.65
N ALA E 56 -2.69 5.05 -24.75
CA ALA E 56 -4.17 4.84 -24.77
C ALA E 56 -4.94 6.14 -24.56
N LEU E 57 -6.16 6.17 -25.12
CA LEU E 57 -6.94 7.41 -25.36
C LEU E 57 -8.39 7.13 -24.96
N VAL E 58 -9.03 8.05 -24.25
CA VAL E 58 -10.49 7.99 -23.94
C VAL E 58 -11.14 9.22 -24.57
N HIS E 59 -12.12 8.96 -25.40
CA HIS E 59 -13.12 9.98 -25.80
C HIS E 59 -14.45 9.52 -25.18
N MET E 60 -15.09 10.34 -24.35
CA MET E 60 -16.50 10.12 -23.94
C MET E 60 -17.27 11.39 -24.29
N LEU E 61 -18.49 11.22 -24.77
CA LEU E 61 -19.43 12.31 -25.10
C LEU E 61 -20.79 11.92 -24.54
N LEU E 62 -21.37 12.79 -23.74
CA LEU E 62 -22.83 12.79 -23.42
C LEU E 62 -23.46 13.99 -24.10
N ARG E 63 -24.13 13.77 -25.23
CA ARG E 63 -25.02 14.77 -25.89
C ARG E 63 -25.98 15.36 -24.85
N ASP E 64 -26.28 16.65 -24.94
CA ASP E 64 -27.30 17.39 -24.12
C ASP E 64 -28.64 16.65 -24.01
N ASP E 65 -29.04 15.82 -24.98
CA ASP E 65 -30.33 15.05 -24.92
C ASP E 65 -30.28 14.12 -23.70
N CYS E 66 -29.07 13.85 -23.19
CA CYS E 66 -28.68 12.87 -22.12
C CYS E 66 -29.17 13.28 -20.73
N PHE E 67 -29.27 14.60 -20.49
CA PHE E 67 -29.67 15.25 -19.22
C PHE E 67 -31.18 15.49 -19.18
N VAL E 68 -31.65 16.10 -18.11
CA VAL E 68 -33.09 16.42 -17.90
C VAL E 68 -33.10 17.90 -17.52
N LYS E 69 -31.93 18.52 -17.61
CA LYS E 69 -31.74 19.96 -17.29
C LYS E 69 -30.30 20.28 -17.63
N TYR E 70 -29.99 20.27 -18.92
CA TYR E 70 -28.73 20.86 -19.46
C TYR E 70 -28.93 22.36 -19.65
N GLN E 71 -27.80 23.08 -19.72
CA GLN E 71 -27.76 24.56 -19.72
C GLN E 71 -26.30 25.04 -19.77
N CYS E 72 -25.92 25.65 -20.89
CA CYS E 72 -24.51 25.95 -21.20
C CYS E 72 -24.44 26.91 -22.41
N GLY E 73 -24.83 28.18 -22.22
CA GLY E 73 -24.62 29.29 -23.16
C GLY E 73 -23.24 29.22 -23.81
N ARG E 74 -22.19 29.62 -23.08
CA ARG E 74 -20.79 29.65 -23.58
C ARG E 74 -20.25 28.22 -23.54
N ASN E 75 -18.94 28.02 -23.61
CA ASN E 75 -18.25 26.70 -23.53
C ASN E 75 -17.12 26.77 -22.49
N SER E 76 -17.35 26.34 -21.25
CA SER E 76 -16.29 26.17 -20.21
C SER E 76 -15.65 24.78 -20.32
N ILE E 77 -14.35 24.73 -20.04
CA ILE E 77 -13.56 23.53 -19.63
C ILE E 77 -13.66 23.46 -18.10
N LEU E 78 -13.69 22.25 -17.52
CA LEU E 78 -13.62 21.96 -16.05
C LEU E 78 -12.56 20.89 -15.82
N GLY E 79 -11.53 21.20 -15.06
CA GLY E 79 -10.51 20.22 -14.64
C GLY E 79 -10.96 19.57 -13.35
N LEU E 80 -10.91 18.24 -13.27
CA LEU E 80 -11.39 17.50 -12.08
C LEU E 80 -10.37 16.44 -11.70
N ASN E 81 -10.08 16.33 -10.40
CA ASN E 81 -9.43 15.12 -9.83
C ASN E 81 -10.47 14.01 -9.86
N LEU E 82 -10.24 13.00 -10.68
CA LEU E 82 -11.23 11.93 -10.95
C LEU E 82 -11.30 11.03 -9.73
N ALA E 83 -10.13 10.74 -9.13
CA ALA E 83 -10.01 10.01 -7.84
C ALA E 83 -10.90 10.70 -6.77
N SER E 84 -10.71 11.99 -6.45
CA SER E 84 -11.64 12.78 -5.59
C SER E 84 -13.09 12.62 -6.05
N LEU E 85 -13.36 12.72 -7.35
CA LEU E 85 -14.75 12.68 -7.85
C LEU E 85 -15.31 11.26 -7.68
N SER E 86 -14.45 10.25 -7.88
CA SER E 86 -14.85 8.82 -7.79
C SER E 86 -15.23 8.49 -6.35
N LYS E 87 -14.43 8.94 -5.38
CA LYS E 87 -14.67 8.79 -3.91
C LYS E 87 -16.05 9.39 -3.55
N VAL E 88 -16.33 10.60 -4.01
CA VAL E 88 -17.61 11.29 -3.73
C VAL E 88 -18.75 10.51 -4.38
N LEU E 89 -18.54 10.04 -5.61
CA LEU E 89 -19.62 9.38 -6.41
C LEU E 89 -19.92 7.98 -5.84
N LYS E 90 -18.96 7.33 -5.18
CA LYS E 90 -19.16 6.05 -4.46
C LYS E 90 -20.21 6.22 -3.36
N ILE E 91 -20.29 7.38 -2.70
CA ILE E 91 -21.26 7.60 -1.58
C ILE E 91 -22.63 7.97 -2.15
N VAL E 92 -22.78 8.15 -3.46
CA VAL E 92 -24.05 8.73 -3.99
C VAL E 92 -24.94 7.57 -4.38
N ASP E 93 -26.24 7.71 -4.14
CA ASP E 93 -27.21 6.64 -4.42
C ASP E 93 -27.51 6.60 -5.93
N SER E 94 -27.07 5.54 -6.60
CA SER E 94 -27.56 5.02 -7.92
C SER E 94 -28.84 5.76 -8.38
N ASN E 95 -29.85 5.81 -7.52
CA ASN E 95 -31.25 6.12 -7.90
C ASN E 95 -31.63 7.51 -7.37
N ASP E 96 -30.69 8.44 -7.37
CA ASP E 96 -30.92 9.85 -6.97
C ASP E 96 -30.56 10.77 -8.15
N SER E 97 -31.15 11.96 -8.18
CA SER E 97 -30.67 13.17 -8.90
C SER E 97 -29.14 13.33 -8.78
N LEU E 98 -28.48 13.87 -9.80
CA LEU E 98 -27.10 14.39 -9.66
C LEU E 98 -26.85 15.58 -10.60
N SER E 99 -27.27 16.76 -10.15
CA SER E 99 -27.01 18.07 -10.76
C SER E 99 -25.53 18.48 -10.55
N LEU E 100 -24.75 18.53 -11.64
CA LEU E 100 -23.44 19.24 -11.69
C LEU E 100 -23.67 20.76 -11.66
N ARG E 101 -22.62 21.60 -11.52
CA ARG E 101 -22.74 23.09 -11.52
C ARG E 101 -21.40 23.79 -11.18
N HIS E 102 -20.80 24.44 -12.18
CA HIS E 102 -19.76 25.51 -12.09
C HIS E 102 -20.46 26.88 -12.19
N ASP E 103 -19.89 27.93 -11.59
CA ASP E 103 -20.38 29.34 -11.71
C ASP E 103 -19.13 30.17 -12.02
N ASP E 104 -19.26 31.43 -12.43
CA ASP E 104 -18.19 32.13 -13.19
C ASP E 104 -16.96 32.35 -12.28
N ASP E 105 -15.77 31.96 -12.75
CA ASP E 105 -14.43 32.27 -12.16
C ASP E 105 -14.24 31.56 -10.80
N SER E 106 -14.94 30.44 -10.56
CA SER E 106 -15.43 30.03 -9.21
C SER E 106 -14.55 29.00 -8.51
N ASP E 107 -13.47 28.48 -9.12
CA ASP E 107 -12.51 27.59 -8.38
C ASP E 107 -13.12 26.20 -8.06
N VAL E 108 -14.45 26.08 -7.83
CA VAL E 108 -15.10 24.80 -7.40
C VAL E 108 -16.38 24.51 -8.19
N VAL E 109 -16.48 23.25 -8.60
CA VAL E 109 -17.68 22.56 -9.16
C VAL E 109 -18.48 22.00 -7.99
N THR E 110 -19.79 21.76 -8.16
CA THR E 110 -20.69 21.23 -7.08
C THR E 110 -21.66 20.17 -7.62
N LEU E 111 -21.55 18.94 -7.10
CA LEU E 111 -22.52 17.83 -7.31
C LEU E 111 -23.64 17.94 -6.25
N THR E 112 -24.87 17.53 -6.60
CA THR E 112 -26.10 17.75 -5.78
C THR E 112 -27.11 16.64 -6.04
N SER E 113 -27.02 15.55 -5.27
CA SER E 113 -28.00 14.43 -5.25
C SER E 113 -29.26 14.88 -4.52
N GLU E 114 -30.38 14.22 -4.82
CA GLU E 114 -31.68 14.37 -4.13
C GLU E 114 -32.53 13.15 -4.50
N ASN E 115 -33.30 12.60 -3.56
CA ASN E 115 -34.07 11.34 -3.76
C ASN E 115 -35.27 11.65 -4.66
N PRO E 116 -35.90 10.64 -5.30
CA PRO E 116 -37.29 10.73 -5.75
C PRO E 116 -38.22 11.45 -4.77
N GLU E 117 -38.24 11.00 -3.51
CA GLU E 117 -39.20 11.42 -2.47
C GLU E 117 -38.83 12.82 -1.93
N LYS E 118 -37.73 13.42 -2.40
CA LYS E 118 -37.33 14.84 -2.15
C LYS E 118 -37.31 15.15 -0.64
N THR E 119 -36.79 14.21 0.16
CA THR E 119 -36.61 14.28 1.63
C THR E 119 -35.16 14.03 2.04
N ARG E 120 -34.20 14.17 1.12
CA ARG E 120 -32.75 14.04 1.43
C ARG E 120 -31.91 14.74 0.36
N LYS E 121 -31.55 16.00 0.62
CA LYS E 121 -30.61 16.75 -0.26
C LYS E 121 -29.20 16.35 0.18
N CYS E 122 -28.36 15.89 -0.75
CA CYS E 122 -26.89 15.80 -0.56
C CYS E 122 -26.23 16.80 -1.50
N GLU E 123 -25.12 17.42 -1.09
CA GLU E 123 -24.40 18.43 -1.90
C GLU E 123 -22.92 18.42 -1.55
N TYR E 124 -22.06 18.16 -2.54
CA TYR E 124 -20.59 18.04 -2.40
C TYR E 124 -19.92 19.16 -3.21
N GLN E 125 -18.67 19.50 -2.93
CA GLN E 125 -17.94 20.64 -3.55
C GLN E 125 -16.48 20.31 -3.78
N LEU E 126 -16.06 20.12 -5.03
CA LEU E 126 -14.68 19.68 -5.36
C LEU E 126 -13.89 20.88 -5.88
N LYS E 127 -12.62 20.98 -5.51
CA LYS E 127 -11.62 21.91 -6.10
C LYS E 127 -11.54 21.57 -7.58
N LEU E 128 -11.53 22.56 -8.47
CA LEU E 128 -11.19 22.34 -9.90
C LEU E 128 -9.67 22.34 -10.02
N LEU E 129 -9.12 21.54 -10.95
CA LEU E 129 -7.68 21.63 -11.34
C LEU E 129 -7.53 22.47 -12.60
N GLU E 130 -6.28 22.85 -12.88
CA GLU E 130 -5.80 23.34 -14.17
C GLU E 130 -5.03 22.16 -14.77
N ILE E 131 -5.34 21.76 -16.01
CA ILE E 131 -4.61 20.65 -16.72
C ILE E 131 -4.32 21.08 -18.15
N GLU E 132 -3.07 20.94 -18.60
CA GLU E 132 -2.62 21.28 -19.98
C GLU E 132 -3.54 20.54 -20.97
N ALA E 133 -4.49 21.26 -21.59
CA ALA E 133 -5.50 20.71 -22.53
C ALA E 133 -4.85 19.64 -23.44
N GLU E 134 -5.65 18.69 -23.91
CA GLU E 134 -5.22 17.44 -24.61
C GLU E 134 -4.36 17.78 -25.83
N SER E 135 -3.14 17.22 -25.91
CA SER E 135 -2.15 17.50 -27.00
C SER E 135 -2.39 16.58 -28.20
N MET E 136 -2.14 15.26 -28.08
CA MET E 136 -2.56 14.21 -29.07
C MET E 136 -4.08 14.04 -28.93
N GLY E 137 -4.82 13.95 -30.04
CA GLY E 137 -6.30 14.05 -30.03
C GLY E 137 -6.98 13.27 -31.15
N ILE E 138 -7.05 11.94 -31.03
CA ILE E 138 -7.87 10.99 -31.85
C ILE E 138 -7.10 10.60 -33.10
N PRO E 139 -6.92 9.29 -33.41
CA PRO E 139 -6.52 8.84 -34.75
C PRO E 139 -7.46 9.23 -35.92
N GLU E 140 -8.79 9.10 -35.73
CA GLU E 140 -9.88 9.40 -36.71
C GLU E 140 -9.64 8.63 -38.01
N MET E 141 -10.07 7.35 -38.04
CA MET E 141 -9.61 6.31 -38.98
C MET E 141 -10.78 5.80 -39.84
N ASP E 142 -10.49 4.80 -40.68
CA ASP E 142 -11.44 4.02 -41.52
C ASP E 142 -12.14 2.95 -40.67
N TYR E 143 -11.34 1.99 -40.19
CA TYR E 143 -11.71 0.72 -39.49
C TYR E 143 -12.22 -0.30 -40.52
N ARG E 144 -11.25 -1.05 -41.09
CA ARG E 144 -11.41 -2.17 -42.06
C ARG E 144 -12.23 -3.28 -41.39
N SER E 145 -11.65 -3.95 -40.38
CA SER E 145 -12.29 -5.04 -39.60
C SER E 145 -13.15 -4.48 -38.44
N THR E 146 -14.34 -5.04 -38.23
CA THR E 146 -15.24 -4.80 -37.06
C THR E 146 -15.48 -6.13 -36.32
N VAL E 147 -16.03 -6.07 -35.11
CA VAL E 147 -16.59 -7.24 -34.36
C VAL E 147 -17.32 -6.72 -33.14
N THR E 148 -18.64 -6.93 -33.08
CA THR E 148 -19.49 -6.67 -31.89
C THR E 148 -19.64 -8.01 -31.15
N LEU E 149 -19.99 -7.97 -29.86
CA LEU E 149 -20.10 -9.14 -28.94
C LEU E 149 -20.56 -8.67 -27.55
N ASN E 150 -21.01 -9.57 -26.69
CA ASN E 150 -21.51 -9.22 -25.34
C ASN E 150 -20.34 -8.62 -24.51
N SER E 151 -20.47 -7.32 -24.17
CA SER E 151 -19.58 -6.51 -23.31
C SER E 151 -18.98 -7.33 -22.15
N ALA E 152 -19.86 -8.08 -21.49
CA ALA E 152 -19.58 -8.91 -20.31
C ALA E 152 -18.69 -10.08 -20.69
N GLU E 153 -18.94 -10.73 -21.84
CA GLU E 153 -18.10 -11.85 -22.34
C GLU E 153 -16.72 -11.27 -22.65
N PHE E 154 -16.66 -10.12 -23.33
CA PHE E 154 -15.40 -9.42 -23.69
C PHE E 154 -14.60 -9.21 -22.41
N ALA E 155 -15.26 -8.75 -21.35
CA ALA E 155 -14.63 -8.47 -20.04
C ALA E 155 -14.07 -9.78 -19.48
N LYS E 156 -14.93 -10.80 -19.34
CA LYS E 156 -14.54 -12.19 -18.93
C LYS E 156 -13.27 -12.55 -19.70
N ILE E 157 -13.31 -12.49 -21.03
CA ILE E 157 -12.21 -12.97 -21.92
C ILE E 157 -10.91 -12.24 -21.59
N VAL E 158 -10.91 -10.93 -21.32
CA VAL E 158 -9.60 -10.26 -21.05
C VAL E 158 -9.05 -10.82 -19.74
N ARG E 159 -9.85 -10.87 -18.67
CA ARG E 159 -9.36 -11.29 -17.32
C ARG E 159 -9.02 -12.80 -17.34
N ASP E 160 -9.65 -13.56 -18.25
CA ASP E 160 -9.22 -14.92 -18.68
C ASP E 160 -7.75 -14.86 -19.10
N MET E 161 -7.47 -14.16 -20.22
CA MET E 161 -6.15 -14.11 -20.90
C MET E 161 -5.09 -13.56 -19.93
N GLN E 162 -5.51 -12.81 -18.91
CA GLN E 162 -4.60 -12.23 -17.89
C GLN E 162 -4.00 -13.35 -17.01
N VAL E 163 -4.60 -14.53 -16.86
CA VAL E 163 -3.97 -15.57 -15.99
C VAL E 163 -2.70 -16.05 -16.68
N PHE E 164 -2.58 -15.81 -17.98
CA PHE E 164 -1.51 -16.38 -18.84
C PHE E 164 -0.35 -15.40 -18.96
N GLY E 165 -0.55 -14.35 -19.77
CA GLY E 165 0.43 -13.29 -20.02
C GLY E 165 -0.22 -11.94 -19.80
N ASP E 166 0.28 -10.90 -20.46
CA ASP E 166 -0.34 -9.55 -20.42
C ASP E 166 -0.31 -8.97 -21.84
N THR E 167 -0.22 -9.84 -22.85
CA THR E 167 -0.45 -9.50 -24.27
C THR E 167 -1.50 -10.46 -24.85
N VAL E 168 -2.65 -9.91 -25.28
CA VAL E 168 -3.70 -10.65 -26.01
C VAL E 168 -3.46 -10.44 -27.50
N THR E 169 -3.54 -11.51 -28.27
CA THR E 169 -3.52 -11.49 -29.76
C THR E 169 -4.94 -11.77 -30.24
N ILE E 170 -5.61 -10.74 -30.75
CA ILE E 170 -6.98 -10.83 -31.34
C ILE E 170 -6.79 -11.18 -32.80
N ALA E 171 -7.34 -12.32 -33.25
CA ALA E 171 -7.35 -12.78 -34.66
C ALA E 171 -8.78 -12.80 -35.19
N ILE E 172 -9.09 -12.02 -36.23
CA ILE E 172 -10.45 -12.04 -36.86
C ILE E 172 -10.35 -12.66 -38.26
N SER E 173 -11.22 -13.64 -38.52
CA SER E 173 -11.73 -14.06 -39.87
C SER E 173 -13.26 -14.07 -39.79
N LYS E 174 -13.96 -14.55 -40.85
CA LYS E 174 -15.45 -14.53 -40.93
C LYS E 174 -16.03 -15.64 -40.04
N GLU E 175 -15.23 -16.67 -39.72
CA GLU E 175 -15.58 -17.81 -38.83
C GLU E 175 -15.94 -17.29 -37.44
N GLY E 176 -15.12 -16.36 -36.95
CA GLY E 176 -15.21 -15.76 -35.61
C GLY E 176 -13.95 -15.00 -35.26
N VAL E 177 -13.65 -14.88 -33.97
CA VAL E 177 -12.48 -14.13 -33.46
C VAL E 177 -11.82 -14.97 -32.36
N LYS E 178 -10.52 -15.24 -32.53
CA LYS E 178 -9.68 -15.98 -31.54
C LYS E 178 -8.96 -14.95 -30.68
N PHE E 179 -9.07 -15.09 -29.36
CA PHE E 179 -8.28 -14.33 -28.37
C PHE E 179 -7.19 -15.26 -27.79
N SER E 180 -5.95 -15.11 -28.26
CA SER E 180 -4.78 -15.95 -27.91
C SER E 180 -3.90 -15.21 -26.89
N SER E 181 -3.20 -15.96 -26.04
CA SER E 181 -2.26 -15.40 -25.04
C SER E 181 -1.35 -16.50 -24.47
N SER E 182 -0.08 -16.18 -24.23
CA SER E 182 1.00 -17.10 -23.80
C SER E 182 1.69 -16.59 -22.51
N GLY E 183 2.45 -17.44 -21.81
CA GLY E 183 3.24 -17.10 -20.61
C GLY E 183 3.55 -18.31 -19.73
N ASP E 184 4.28 -18.09 -18.62
CA ASP E 184 4.78 -19.14 -17.68
C ASP E 184 3.79 -20.30 -17.50
N VAL E 185 2.53 -19.97 -17.19
CA VAL E 185 1.44 -20.95 -16.93
C VAL E 185 1.25 -21.87 -18.15
N GLY E 186 1.19 -21.30 -19.36
CA GLY E 186 0.92 -22.04 -20.61
C GLY E 186 0.41 -21.13 -21.70
N GLN E 187 -0.63 -21.56 -22.42
CA GLN E 187 -1.30 -20.76 -23.48
C GLN E 187 -2.78 -21.09 -23.51
N GLY E 188 -3.62 -20.05 -23.60
CA GLY E 188 -5.07 -20.18 -23.85
C GLY E 188 -5.44 -19.57 -25.19
N TYR E 189 -6.55 -20.01 -25.75
CA TYR E 189 -7.27 -19.25 -26.79
C TYR E 189 -8.77 -19.49 -26.56
N THR E 190 -9.49 -18.39 -26.36
CA THR E 190 -10.97 -18.33 -26.40
C THR E 190 -11.36 -17.91 -27.83
N PHE E 191 -12.20 -18.70 -28.49
CA PHE E 191 -12.70 -18.50 -29.88
C PHE E 191 -14.21 -18.32 -29.82
N LEU E 192 -14.73 -17.31 -30.51
CA LEU E 192 -16.18 -17.03 -30.62
C LEU E 192 -16.61 -17.18 -32.08
N GLN E 193 -17.90 -17.49 -32.34
CA GLN E 193 -18.44 -17.82 -33.68
C GLN E 193 -19.45 -16.78 -34.16
N ALA E 194 -19.54 -16.58 -35.48
CA ALA E 194 -20.12 -15.37 -36.14
C ALA E 194 -21.65 -15.49 -36.35
N ALA E 195 -22.12 -15.35 -37.60
CA ALA E 195 -23.50 -14.98 -38.02
C ALA E 195 -24.48 -15.08 -36.85
N GLY E 237 -24.20 -12.84 -28.58
CA GLY E 237 -24.32 -13.20 -30.01
C GLY E 237 -23.37 -12.37 -30.89
N VAL E 238 -22.38 -13.03 -31.51
CA VAL E 238 -21.12 -12.38 -32.01
C VAL E 238 -21.31 -11.85 -33.43
N GLU E 239 -21.45 -10.53 -33.61
CA GLU E 239 -21.66 -9.88 -34.92
C GLU E 239 -20.31 -9.45 -35.54
N VAL E 240 -19.47 -10.42 -35.92
CA VAL E 240 -18.27 -10.15 -36.78
C VAL E 240 -18.75 -9.52 -38.07
N THR E 241 -17.85 -8.83 -38.78
CA THR E 241 -17.94 -8.53 -40.23
C THR E 241 -16.73 -7.67 -40.62
N MET E 242 -15.77 -8.25 -41.34
CA MET E 242 -14.49 -7.59 -41.76
C MET E 242 -14.47 -7.35 -43.28
N GLU E 243 -13.28 -7.19 -43.84
CA GLU E 243 -13.02 -6.93 -45.27
C GLU E 243 -11.54 -7.26 -45.51
N GLU E 244 -11.13 -8.47 -45.12
CA GLU E 244 -9.72 -8.92 -44.96
C GLU E 244 -9.55 -9.47 -43.55
N PRO E 245 -9.26 -10.79 -43.39
CA PRO E 245 -8.80 -11.30 -42.11
C PRO E 245 -7.49 -10.59 -41.74
N ILE E 246 -7.47 -9.90 -40.59
CA ILE E 246 -6.22 -9.43 -39.92
C ILE E 246 -6.26 -9.84 -38.44
N THR E 247 -5.10 -9.70 -37.79
CA THR E 247 -4.83 -10.14 -36.40
C THR E 247 -3.78 -9.23 -35.75
N LEU E 248 -4.19 -8.43 -34.77
CA LEU E 248 -3.30 -7.52 -34.00
C LEU E 248 -3.10 -8.07 -32.59
N SER E 249 -2.25 -7.40 -31.81
CA SER E 249 -1.94 -7.71 -30.40
C SER E 249 -1.96 -6.42 -29.58
N PHE E 250 -2.19 -6.55 -28.26
CA PHE E 250 -2.46 -5.40 -27.35
C PHE E 250 -2.10 -5.75 -25.89
N ALA E 251 -1.83 -4.72 -25.10
CA ALA E 251 -1.63 -4.84 -23.65
C ALA E 251 -2.99 -5.13 -22.98
N LEU E 252 -3.07 -6.22 -22.22
CA LEU E 252 -4.32 -6.59 -21.52
C LEU E 252 -4.56 -5.59 -20.38
N ARG E 253 -3.47 -5.03 -19.84
CA ARG E 253 -3.55 -3.92 -18.85
C ARG E 253 -4.67 -2.99 -19.28
N PHE E 254 -4.65 -2.59 -20.55
CA PHE E 254 -5.53 -1.53 -21.09
C PHE E 254 -6.89 -2.11 -21.51
N MET E 255 -6.88 -3.27 -22.17
CA MET E 255 -8.15 -3.96 -22.53
C MET E 255 -8.94 -4.15 -21.24
N GLY E 256 -8.26 -4.54 -20.15
CA GLY E 256 -8.86 -4.57 -18.80
C GLY E 256 -9.59 -3.28 -18.48
N ILE E 257 -8.90 -2.15 -18.55
CA ILE E 257 -9.41 -0.83 -18.06
C ILE E 257 -10.66 -0.46 -18.87
N PHE E 258 -10.61 -0.78 -20.17
CA PHE E 258 -11.69 -0.55 -21.16
C PHE E 258 -12.92 -1.37 -20.77
N ALA E 259 -12.76 -2.70 -20.75
CA ALA E 259 -13.79 -3.73 -20.49
C ALA E 259 -14.72 -3.35 -19.33
N LYS E 260 -14.22 -2.54 -18.38
CA LYS E 260 -15.00 -2.03 -17.22
C LYS E 260 -16.19 -1.22 -17.73
N GLY E 261 -16.19 -0.87 -19.01
CA GLY E 261 -17.33 -0.24 -19.71
C GLY E 261 -18.54 -1.13 -19.79
N SER E 262 -18.36 -2.45 -19.60
CA SER E 262 -19.47 -3.43 -19.56
C SER E 262 -20.58 -2.95 -18.61
N THR E 263 -20.29 -2.08 -17.62
CA THR E 263 -21.31 -1.48 -16.72
C THR E 263 -22.30 -0.60 -17.51
N LEU E 264 -21.96 -0.07 -18.70
CA LEU E 264 -22.85 0.85 -19.44
C LEU E 264 -23.59 0.06 -20.54
N SER E 265 -23.01 -0.08 -21.72
CA SER E 265 -23.55 -0.84 -22.89
C SER E 265 -23.47 -2.34 -22.59
N GLU E 266 -24.52 -3.10 -22.91
CA GLU E 266 -24.52 -4.59 -22.83
C GLU E 266 -23.69 -5.16 -23.98
N ARG E 267 -23.76 -4.58 -25.17
CA ARG E 267 -22.87 -4.96 -26.30
C ARG E 267 -21.66 -4.02 -26.28
N VAL E 268 -20.65 -4.31 -27.10
CA VAL E 268 -19.38 -3.53 -27.24
C VAL E 268 -18.90 -3.73 -28.68
N THR E 269 -18.46 -2.68 -29.34
CA THR E 269 -17.89 -2.80 -30.70
C THR E 269 -16.39 -2.59 -30.64
N LEU E 270 -15.62 -3.53 -31.19
CA LEU E 270 -14.18 -3.36 -31.47
C LEU E 270 -14.04 -3.07 -32.96
N LYS E 271 -13.14 -2.16 -33.32
CA LYS E 271 -12.75 -1.86 -34.73
C LYS E 271 -11.23 -1.88 -34.81
N PHE E 272 -10.67 -2.35 -35.93
CA PHE E 272 -9.21 -2.55 -36.11
C PHE E 272 -8.81 -2.06 -37.51
N ALA E 273 -7.50 -2.08 -37.77
CA ALA E 273 -6.91 -1.78 -39.09
C ALA E 273 -5.40 -2.01 -38.97
N LYS E 274 -4.82 -2.74 -39.91
CA LYS E 274 -3.36 -3.02 -39.96
C LYS E 274 -2.62 -1.78 -39.44
N ASP E 275 -1.77 -1.95 -38.42
CA ASP E 275 -0.90 -0.91 -37.81
C ASP E 275 -1.69 0.36 -37.46
N SER E 276 -2.97 0.20 -37.13
CA SER E 276 -3.84 1.30 -36.64
C SER E 276 -4.22 1.03 -35.17
N PRO E 277 -3.95 2.02 -34.29
CA PRO E 277 -4.83 2.33 -33.18
C PRO E 277 -6.24 1.74 -33.32
N CYS E 278 -6.40 0.48 -32.90
CA CYS E 278 -7.72 -0.15 -32.62
C CYS E 278 -8.56 0.81 -31.76
N MET E 279 -9.88 0.63 -31.78
CA MET E 279 -10.85 1.37 -30.94
C MET E 279 -11.86 0.38 -30.34
N VAL E 280 -12.27 0.62 -29.09
CA VAL E 280 -13.37 -0.16 -28.47
C VAL E 280 -14.43 0.83 -28.02
N GLU E 281 -15.57 0.78 -28.69
CA GLU E 281 -16.70 1.74 -28.53
C GLU E 281 -17.66 1.09 -27.57
N TYR E 282 -18.47 1.89 -26.88
CA TYR E 282 -19.50 1.48 -25.90
C TYR E 282 -20.59 2.54 -25.97
N GLY E 283 -21.68 2.28 -26.68
CA GLY E 283 -22.84 3.18 -26.70
C GLY E 283 -23.44 3.31 -25.31
N ILE E 284 -23.45 4.52 -24.75
CA ILE E 284 -24.32 4.84 -23.58
C ILE E 284 -25.78 4.82 -24.09
N ASP E 285 -26.30 3.62 -24.40
CA ASP E 285 -27.49 3.37 -25.27
C ASP E 285 -27.40 4.28 -26.50
N ASN E 286 -27.88 5.53 -26.41
CA ASN E 286 -27.99 6.45 -27.57
C ASN E 286 -27.90 7.93 -27.13
N VAL E 287 -27.73 8.23 -25.83
CA VAL E 287 -27.54 9.62 -25.35
C VAL E 287 -26.03 9.94 -25.24
N GLY E 288 -25.18 9.02 -25.68
CA GLY E 288 -23.74 9.33 -25.85
C GLY E 288 -22.92 8.10 -26.18
N TYR E 289 -21.60 8.24 -26.13
CA TYR E 289 -20.67 7.10 -26.24
C TYR E 289 -19.50 7.25 -25.25
N LEU E 290 -18.77 6.15 -25.10
CA LEU E 290 -17.46 6.03 -24.43
C LEU E 290 -16.57 5.21 -25.36
N ARG E 291 -15.53 5.83 -25.85
CA ARG E 291 -14.62 5.26 -26.87
C ARG E 291 -13.22 5.16 -26.29
N TYR E 292 -12.58 4.00 -26.42
CA TYR E 292 -11.15 3.84 -26.10
C TYR E 292 -10.42 3.60 -27.42
N TYR E 293 -9.18 4.06 -27.54
CA TYR E 293 -8.25 3.74 -28.65
C TYR E 293 -6.95 3.23 -28.04
N LEU E 294 -6.38 2.15 -28.57
CA LEU E 294 -5.07 1.63 -28.10
C LEU E 294 -4.12 1.30 -29.28
N ALA E 295 -2.86 1.75 -29.18
CA ALA E 295 -1.70 1.31 -29.99
C ALA E 295 -1.54 -0.20 -29.90
N PRO E 296 -1.50 -0.93 -31.04
CA PRO E 296 -1.05 -2.32 -31.07
C PRO E 296 0.42 -2.56 -30.66
N LYS E 297 0.74 -3.75 -30.14
CA LYS E 297 2.13 -4.23 -29.97
C LYS E 297 2.56 -4.70 -31.36
N VAL E 298 3.74 -4.26 -31.80
CA VAL E 298 4.20 -4.29 -33.23
C VAL E 298 5.55 -5.02 -33.29
N ASP E 299 5.95 -5.51 -34.48
CA ASP E 299 7.26 -6.16 -34.78
C ASP E 299 7.99 -5.34 -35.85
N MET F 11 31.81 -28.42 -13.51
CA MET F 11 32.59 -27.90 -12.33
C MET F 11 33.17 -26.51 -12.66
N LEU F 12 32.51 -25.44 -12.17
CA LEU F 12 32.87 -23.99 -12.30
C LEU F 12 33.17 -23.40 -10.92
N GLU F 13 34.19 -22.54 -10.80
CA GLU F 13 34.53 -21.79 -9.57
C GLU F 13 35.10 -20.42 -9.94
N ALA F 14 34.25 -19.45 -10.25
CA ALA F 14 34.61 -18.08 -10.68
C ALA F 14 34.46 -17.09 -9.50
N GLN F 15 35.59 -16.61 -9.00
CA GLN F 15 35.70 -15.74 -7.80
C GLN F 15 36.40 -14.40 -8.14
N VAL F 16 35.63 -13.32 -8.30
CA VAL F 16 36.13 -11.92 -8.28
C VAL F 16 36.44 -11.52 -6.82
N GLN F 17 37.42 -10.64 -6.64
CA GLN F 17 37.98 -10.25 -5.32
C GLN F 17 37.05 -9.24 -4.65
N PHE F 18 36.65 -8.19 -5.39
CA PHE F 18 35.65 -7.17 -4.96
C PHE F 18 34.32 -7.39 -5.72
N ALA F 19 33.27 -7.82 -4.99
CA ALA F 19 31.89 -8.04 -5.50
C ALA F 19 31.27 -6.73 -6.05
N SER F 20 31.84 -5.57 -5.71
CA SER F 20 31.59 -4.26 -6.38
C SER F 20 31.12 -4.53 -7.82
N LEU F 21 31.89 -5.35 -8.54
CA LEU F 21 31.75 -5.56 -10.00
C LEU F 21 30.51 -6.41 -10.30
N TRP F 22 30.42 -7.57 -9.68
CA TRP F 22 29.31 -8.53 -9.93
C TRP F 22 27.95 -7.83 -9.73
N LYS F 23 27.80 -7.04 -8.66
CA LYS F 23 26.60 -6.18 -8.41
C LYS F 23 26.40 -5.21 -9.59
N ARG F 24 27.27 -4.23 -9.75
CA ARG F 24 27.08 -3.12 -10.74
C ARG F 24 26.68 -3.67 -12.12
N LEU F 25 27.17 -4.87 -12.45
CA LEU F 25 26.94 -5.55 -13.75
C LEU F 25 25.50 -6.02 -13.77
N VAL F 26 25.18 -6.95 -12.87
CA VAL F 26 23.84 -7.59 -12.80
C VAL F 26 22.77 -6.51 -12.84
N GLU F 27 22.97 -5.40 -12.09
CA GLU F 27 22.08 -4.20 -12.12
C GLU F 27 21.90 -3.76 -13.57
N CYS F 28 22.98 -3.58 -14.33
CA CYS F 28 22.94 -3.09 -15.73
C CYS F 28 22.15 -4.04 -16.63
N ILE F 29 22.52 -5.32 -16.62
CA ILE F 29 22.00 -6.32 -17.59
C ILE F 29 20.54 -6.67 -17.16
N ASN F 30 20.25 -6.74 -15.84
CA ASN F 30 18.91 -6.92 -15.20
C ASN F 30 18.00 -5.72 -15.44
N GLY F 31 18.55 -4.61 -15.98
CA GLY F 31 17.77 -3.47 -16.47
C GLY F 31 17.18 -3.73 -17.85
N LEU F 32 17.52 -4.84 -18.50
CA LEU F 32 17.19 -5.09 -19.93
C LEU F 32 16.49 -6.45 -20.10
N VAL F 33 16.88 -7.48 -19.36
CA VAL F 33 16.24 -8.82 -19.40
C VAL F 33 16.15 -9.40 -18.00
N ASN F 34 15.16 -10.26 -17.73
CA ASN F 34 14.79 -10.74 -16.37
C ASN F 34 15.44 -12.10 -16.08
N GLU F 35 15.64 -12.90 -17.13
CA GLU F 35 16.44 -14.16 -17.08
C GLU F 35 17.47 -14.11 -18.20
N ALA F 36 18.63 -14.73 -17.99
CA ALA F 36 19.71 -14.76 -19.00
C ALA F 36 20.69 -15.91 -18.73
N ASN F 37 21.41 -16.30 -19.79
CA ASN F 37 22.30 -17.50 -19.83
C ASN F 37 23.75 -17.12 -19.53
N PHE F 38 24.39 -17.85 -18.62
CA PHE F 38 25.80 -17.63 -18.21
C PHE F 38 26.69 -18.62 -18.98
N ASP F 39 27.12 -18.23 -20.19
CA ASP F 39 28.01 -19.04 -21.06
C ASP F 39 29.39 -19.09 -20.37
N CYS F 40 29.80 -20.27 -19.89
CA CYS F 40 31.05 -20.46 -19.09
C CYS F 40 32.09 -21.28 -19.88
N ASN F 41 32.64 -20.70 -20.96
CA ASN F 41 33.92 -21.10 -21.62
C ASN F 41 35.03 -21.05 -20.57
N PRO F 42 36.18 -21.75 -20.77
CA PRO F 42 37.38 -21.55 -19.96
C PRO F 42 38.18 -20.30 -20.36
N GLY F 43 37.76 -19.64 -21.45
CA GLY F 43 38.16 -18.26 -21.82
C GLY F 43 37.57 -17.20 -20.89
N GLY F 44 36.42 -17.51 -20.28
CA GLY F 44 35.70 -16.63 -19.33
C GLY F 44 34.19 -16.71 -19.51
N LEU F 45 33.44 -15.87 -18.78
CA LEU F 45 31.95 -15.78 -18.80
C LEU F 45 31.50 -14.78 -19.87
N SER F 46 30.45 -15.14 -20.59
CA SER F 46 29.67 -14.16 -21.38
C SER F 46 28.18 -14.38 -21.10
N VAL F 47 27.49 -13.29 -20.76
CA VAL F 47 26.02 -13.17 -20.90
C VAL F 47 25.80 -12.45 -22.23
N GLN F 48 24.93 -13.00 -23.06
CA GLN F 48 24.52 -12.39 -24.33
C GLN F 48 23.03 -12.68 -24.44
N ALA F 49 22.20 -11.66 -24.63
CA ALA F 49 20.73 -11.79 -24.63
C ALA F 49 20.07 -10.47 -25.03
N MET F 50 18.79 -10.58 -25.41
CA MET F 50 17.99 -9.53 -26.05
C MET F 50 16.75 -9.33 -25.16
N ASP F 51 16.07 -8.17 -25.19
CA ASP F 51 14.86 -7.95 -24.35
C ASP F 51 13.68 -8.75 -24.89
N SER F 52 12.58 -8.83 -24.13
CA SER F 52 11.32 -9.45 -24.58
C SER F 52 10.67 -8.59 -25.69
N SER F 53 10.99 -7.29 -25.75
CA SER F 53 10.53 -6.37 -26.83
C SER F 53 11.39 -6.55 -28.10
N HIS F 54 12.40 -7.42 -28.05
CA HIS F 54 13.12 -7.97 -29.23
C HIS F 54 13.85 -6.89 -30.05
N VAL F 55 14.20 -5.73 -29.48
CA VAL F 55 14.69 -4.55 -30.25
C VAL F 55 16.12 -4.14 -29.82
N ALA F 56 16.73 -4.85 -28.87
CA ALA F 56 18.02 -4.42 -28.26
C ALA F 56 18.72 -5.56 -27.51
N LEU F 57 20.05 -5.45 -27.45
CA LEU F 57 20.96 -6.61 -27.25
C LEU F 57 22.03 -6.25 -26.22
N VAL F 58 22.33 -7.20 -25.33
CA VAL F 58 23.45 -7.15 -24.37
C VAL F 58 24.44 -8.26 -24.68
N HIS F 59 25.66 -7.89 -25.02
CA HIS F 59 26.83 -8.79 -24.86
C HIS F 59 27.61 -8.27 -23.66
N MET F 60 27.87 -9.14 -22.70
CA MET F 60 28.82 -8.90 -21.59
C MET F 60 29.86 -10.01 -21.63
N LEU F 61 31.14 -9.63 -21.68
CA LEU F 61 32.31 -10.55 -21.66
C LEU F 61 33.06 -10.33 -20.36
N LEU F 62 33.42 -11.42 -19.67
CA LEU F 62 34.39 -11.38 -18.52
C LEU F 62 35.49 -12.40 -18.75
N ARG F 63 36.62 -11.94 -19.31
CA ARG F 63 37.84 -12.77 -19.55
C ARG F 63 38.32 -13.35 -18.21
N ASP F 64 38.75 -14.60 -18.20
CA ASP F 64 39.37 -15.25 -17.00
C ASP F 64 40.44 -14.35 -16.37
N ASP F 65 40.98 -13.36 -17.11
CA ASP F 65 41.96 -12.35 -16.60
C ASP F 65 41.33 -11.56 -15.44
N CYS F 66 40.01 -11.64 -15.30
CA CYS F 66 39.16 -10.73 -14.51
C CYS F 66 38.97 -11.24 -13.08
N PHE F 67 39.13 -12.54 -12.84
CA PHE F 67 38.84 -13.19 -11.55
C PHE F 67 40.17 -13.34 -10.81
N VAL F 68 40.17 -13.77 -9.56
CA VAL F 68 41.44 -14.14 -8.86
C VAL F 68 41.57 -15.66 -8.98
N LYS F 69 40.43 -16.32 -9.23
CA LYS F 69 40.34 -17.78 -9.45
C LYS F 69 39.25 -18.01 -10.49
N TYR F 70 39.46 -18.98 -11.38
CA TYR F 70 38.54 -19.35 -12.48
C TYR F 70 38.80 -20.82 -12.83
N GLN F 71 37.75 -21.55 -13.23
CA GLN F 71 37.91 -22.98 -13.59
C GLN F 71 36.88 -23.41 -14.63
N CYS F 72 37.34 -23.84 -15.79
CA CYS F 72 36.58 -24.75 -16.67
C CYS F 72 37.51 -25.82 -17.27
N GLY F 73 37.16 -27.10 -17.04
CA GLY F 73 37.36 -28.18 -18.03
C GLY F 73 36.53 -27.84 -19.26
N ARG F 74 35.29 -28.31 -19.33
CA ARG F 74 34.39 -28.14 -20.51
C ARG F 74 33.82 -26.71 -20.50
N ASN F 75 32.90 -26.41 -21.43
CA ASN F 75 31.96 -25.25 -21.42
C ASN F 75 30.64 -25.71 -20.79
N SER F 76 29.90 -24.82 -20.12
CA SER F 76 28.53 -25.10 -19.61
C SER F 76 27.68 -23.82 -19.56
N ILE F 77 26.41 -23.93 -19.91
CA ILE F 77 25.41 -22.82 -19.91
C ILE F 77 24.60 -22.92 -18.59
N LEU F 78 24.55 -21.83 -17.80
CA LEU F 78 23.69 -21.65 -16.59
C LEU F 78 22.62 -20.58 -16.87
N GLY F 79 21.37 -21.00 -17.02
CA GLY F 79 20.23 -20.07 -16.95
C GLY F 79 20.08 -19.55 -15.53
N LEU F 80 19.90 -18.23 -15.37
CA LEU F 80 19.73 -17.54 -14.06
C LEU F 80 18.60 -16.51 -14.14
N ASN F 81 17.73 -16.51 -13.12
CA ASN F 81 16.73 -15.45 -12.89
C ASN F 81 17.46 -14.20 -12.38
N LEU F 82 17.42 -13.11 -13.12
CA LEU F 82 18.28 -11.94 -12.79
C LEU F 82 17.61 -11.10 -11.73
N ALA F 83 16.31 -10.88 -11.87
CA ALA F 83 15.42 -10.46 -10.76
C ALA F 83 15.98 -11.07 -9.46
N SER F 84 15.98 -12.41 -9.33
CA SER F 84 16.49 -13.14 -8.14
C SER F 84 17.94 -12.76 -7.82
N LEU F 85 18.86 -12.97 -8.76
CA LEU F 85 20.31 -12.73 -8.54
C LEU F 85 20.51 -11.30 -8.05
N SER F 86 19.78 -10.33 -8.63
CA SER F 86 19.83 -8.89 -8.28
C SER F 86 19.50 -8.70 -6.79
N LYS F 87 18.29 -9.12 -6.36
CA LYS F 87 17.83 -9.12 -4.95
C LYS F 87 18.97 -9.59 -4.02
N VAL F 88 19.63 -10.70 -4.35
CA VAL F 88 20.72 -11.29 -3.50
C VAL F 88 21.95 -10.40 -3.56
N LEU F 89 22.36 -9.99 -4.75
CA LEU F 89 23.61 -9.22 -4.87
C LEU F 89 23.45 -7.93 -4.07
N LYS F 90 22.26 -7.32 -4.10
CA LYS F 90 21.92 -6.10 -3.31
C LYS F 90 22.36 -6.28 -1.85
N ILE F 91 22.24 -7.47 -1.23
CA ILE F 91 22.62 -7.68 0.19
C ILE F 91 24.14 -7.86 0.37
N VAL F 92 24.91 -8.19 -0.67
CA VAL F 92 26.34 -8.58 -0.52
C VAL F 92 27.18 -7.30 -0.46
N ASP F 93 28.07 -7.20 0.53
CA ASP F 93 28.90 -5.97 0.74
C ASP F 93 29.72 -5.76 -0.53
N SER F 94 29.62 -4.57 -1.12
CA SER F 94 30.60 -3.97 -2.07
C SER F 94 31.95 -4.71 -1.97
N ASN F 95 32.65 -4.58 -0.84
CA ASN F 95 34.10 -4.89 -0.72
C ASN F 95 34.30 -6.27 -0.08
N ASP F 96 33.40 -7.22 -0.36
CA ASP F 96 33.55 -8.65 0.00
C ASP F 96 33.90 -9.46 -1.25
N SER F 97 34.65 -10.55 -1.07
CA SER F 97 34.96 -11.54 -2.14
C SER F 97 33.66 -12.27 -2.48
N LEU F 98 33.46 -12.61 -3.75
CA LEU F 98 32.22 -13.28 -4.20
C LEU F 98 32.54 -14.41 -5.20
N SER F 99 32.63 -15.62 -4.67
CA SER F 99 32.81 -16.91 -5.40
C SER F 99 31.47 -17.41 -5.94
N LEU F 100 31.25 -17.32 -7.26
CA LEU F 100 30.22 -18.10 -8.00
C LEU F 100 30.74 -19.54 -8.15
N ARG F 101 29.88 -20.57 -8.16
CA ARG F 101 30.34 -21.98 -8.01
C ARG F 101 29.20 -22.96 -8.34
N HIS F 102 29.39 -23.80 -9.36
CA HIS F 102 28.41 -24.83 -9.84
C HIS F 102 29.11 -26.20 -9.93
N ASP F 103 28.53 -27.25 -9.35
CA ASP F 103 29.05 -28.64 -9.36
C ASP F 103 28.23 -29.47 -10.37
N ASP F 104 28.84 -30.53 -10.91
CA ASP F 104 28.46 -31.18 -12.20
C ASP F 104 26.97 -31.55 -12.24
N ASP F 105 26.38 -31.90 -11.09
CA ASP F 105 24.94 -32.24 -10.91
C ASP F 105 24.18 -30.98 -10.46
N SER F 106 23.55 -31.03 -9.27
CA SER F 106 23.26 -29.91 -8.32
C SER F 106 22.06 -29.05 -8.75
N ASP F 107 21.99 -28.57 -10.00
CA ASP F 107 20.90 -27.70 -10.54
C ASP F 107 20.79 -26.39 -9.73
N VAL F 108 21.91 -25.91 -9.18
CA VAL F 108 21.96 -24.75 -8.24
C VAL F 108 23.35 -24.10 -8.32
N VAL F 109 23.43 -22.84 -8.77
CA VAL F 109 24.66 -22.00 -8.66
C VAL F 109 24.77 -21.54 -7.21
N THR F 110 25.97 -21.21 -6.71
CA THR F 110 26.23 -20.94 -5.28
C THR F 110 27.15 -19.73 -5.09
N LEU F 111 26.55 -18.56 -4.90
CA LEU F 111 27.30 -17.33 -4.55
C LEU F 111 27.71 -17.41 -3.08
N THR F 112 28.94 -17.85 -2.83
CA THR F 112 29.63 -17.75 -1.52
C THR F 112 30.34 -16.41 -1.50
N SER F 113 30.84 -15.95 -0.35
CA SER F 113 31.29 -14.55 -0.14
C SER F 113 31.73 -14.29 1.30
N GLU F 114 32.79 -13.50 1.45
CA GLU F 114 33.56 -13.40 2.72
C GLU F 114 34.22 -12.03 2.76
N ASN F 115 34.56 -11.56 3.98
CA ASN F 115 35.20 -10.24 4.20
C ASN F 115 36.71 -10.42 4.22
N PRO F 116 37.46 -9.33 3.99
CA PRO F 116 38.89 -9.28 4.31
C PRO F 116 39.38 -10.17 5.46
N GLU F 117 38.66 -10.18 6.59
CA GLU F 117 39.23 -10.66 7.88
C GLU F 117 38.55 -11.96 8.32
N LYS F 118 37.83 -12.65 7.45
CA LYS F 118 37.32 -14.04 7.67
C LYS F 118 36.22 -14.10 8.75
N THR F 119 35.86 -12.98 9.39
CA THR F 119 34.94 -12.96 10.55
C THR F 119 33.51 -13.28 10.12
N ARG F 120 33.19 -13.14 8.83
CA ARG F 120 31.82 -13.32 8.29
C ARG F 120 31.88 -14.05 6.94
N LYS F 121 31.07 -15.09 6.75
CA LYS F 121 30.95 -15.81 5.46
C LYS F 121 29.47 -15.99 5.12
N CYS F 122 29.10 -15.70 3.87
CA CYS F 122 27.70 -15.58 3.39
C CYS F 122 27.50 -16.41 2.13
N GLU F 123 26.62 -17.40 2.15
CA GLU F 123 26.47 -18.37 1.04
C GLU F 123 25.00 -18.49 0.61
N TYR F 124 24.66 -17.87 -0.52
CA TYR F 124 23.30 -17.92 -1.13
C TYR F 124 23.31 -19.05 -2.18
N GLN F 125 22.13 -19.48 -2.66
CA GLN F 125 21.94 -20.65 -3.56
C GLN F 125 20.72 -20.44 -4.46
N LEU F 126 20.89 -19.94 -5.68
CA LEU F 126 19.77 -19.73 -6.64
C LEU F 126 19.60 -20.99 -7.49
N LYS F 127 18.35 -21.47 -7.63
CA LYS F 127 17.98 -22.55 -8.56
C LYS F 127 18.21 -22.00 -9.97
N LEU F 128 18.74 -22.84 -10.87
CA LEU F 128 19.02 -22.51 -12.29
C LEU F 128 17.73 -22.61 -13.11
N LEU F 129 17.43 -21.58 -13.90
CA LEU F 129 16.38 -21.62 -14.96
C LEU F 129 16.90 -22.48 -16.11
N GLU F 130 16.02 -22.86 -17.04
CA GLU F 130 16.37 -23.48 -18.34
C GLU F 130 15.88 -22.53 -19.45
N ILE F 131 16.77 -22.00 -20.30
CA ILE F 131 16.46 -20.85 -21.19
C ILE F 131 16.89 -21.12 -22.63
N GLU F 132 15.94 -21.04 -23.57
CA GLU F 132 16.20 -20.99 -25.04
C GLU F 132 17.22 -19.88 -25.31
N ALA F 133 18.26 -20.11 -26.13
CA ALA F 133 19.26 -19.10 -26.56
C ALA F 133 18.64 -18.19 -27.65
N GLU F 134 19.32 -17.09 -28.06
CA GLU F 134 18.70 -15.84 -28.63
C GLU F 134 18.84 -15.74 -30.17
N SER F 135 18.62 -14.53 -30.77
CA SER F 135 18.52 -14.28 -32.25
C SER F 135 19.21 -12.96 -32.73
N MET F 136 18.46 -12.06 -33.42
CA MET F 136 18.82 -11.22 -34.64
C MET F 136 20.18 -11.65 -35.22
N GLY F 137 21.24 -11.54 -34.40
CA GLY F 137 22.59 -12.10 -34.61
C GLY F 137 23.57 -11.72 -33.49
N ILE F 138 24.59 -10.92 -33.85
CA ILE F 138 25.39 -9.96 -33.02
C ILE F 138 25.94 -8.91 -34.01
N PRO F 139 25.08 -8.02 -34.55
CA PRO F 139 25.39 -7.29 -35.79
C PRO F 139 26.86 -6.95 -36.03
N GLU F 140 27.47 -6.22 -35.09
CA GLU F 140 28.91 -5.82 -35.00
C GLU F 140 29.46 -5.32 -36.35
N MET F 141 30.73 -4.88 -36.34
CA MET F 141 31.50 -4.12 -37.38
C MET F 141 30.58 -3.59 -38.51
N ASP F 142 30.99 -2.48 -39.13
CA ASP F 142 30.11 -1.53 -39.87
C ASP F 142 30.59 -0.08 -39.63
N TYR F 143 31.48 0.15 -38.65
CA TYR F 143 31.38 1.36 -37.77
C TYR F 143 32.13 2.55 -38.38
N ARG F 144 31.32 3.41 -39.02
CA ARG F 144 31.68 4.72 -39.64
C ARG F 144 32.08 5.73 -38.58
N SER F 145 31.17 6.01 -37.62
CA SER F 145 31.27 7.13 -36.65
C SER F 145 31.40 6.59 -35.22
N THR F 146 32.47 6.99 -34.53
CA THR F 146 32.74 6.75 -33.09
C THR F 146 32.51 8.07 -32.35
N VAL F 147 32.06 7.98 -31.10
CA VAL F 147 32.09 9.11 -30.14
C VAL F 147 32.27 8.53 -28.73
N THR F 148 33.17 9.16 -27.98
CA THR F 148 33.58 8.72 -26.62
C THR F 148 33.56 9.95 -25.71
N LEU F 149 32.78 9.86 -24.63
CA LEU F 149 32.45 10.97 -23.69
C LEU F 149 32.25 10.39 -22.29
N ASN F 150 32.06 11.26 -21.30
CA ASN F 150 32.11 10.88 -19.86
C ASN F 150 30.82 10.12 -19.54
N SER F 151 30.96 8.88 -19.07
CA SER F 151 29.87 7.87 -19.01
C SER F 151 28.70 8.44 -18.21
N ALA F 152 29.05 9.29 -17.24
CA ALA F 152 28.19 10.09 -16.34
C ALA F 152 27.46 11.17 -17.15
N GLU F 153 28.19 12.02 -17.85
CA GLU F 153 27.60 13.05 -18.75
C GLU F 153 26.61 12.38 -19.72
N PHE F 154 26.94 11.20 -20.24
CA PHE F 154 26.03 10.49 -21.15
C PHE F 154 24.71 10.25 -20.41
N ALA F 155 24.76 9.62 -19.24
CA ALA F 155 23.57 9.36 -18.39
C ALA F 155 22.78 10.66 -18.16
N LYS F 156 23.43 11.76 -17.78
CA LYS F 156 22.72 13.04 -17.55
C LYS F 156 21.96 13.38 -18.83
N ILE F 157 22.65 13.39 -19.97
CA ILE F 157 22.03 13.85 -21.25
C ILE F 157 20.84 12.95 -21.60
N VAL F 158 20.93 11.63 -21.41
CA VAL F 158 19.83 10.69 -21.75
C VAL F 158 18.60 11.10 -20.95
N ARG F 159 18.71 11.12 -19.61
CA ARG F 159 17.58 11.46 -18.69
C ARG F 159 17.13 12.91 -18.92
N ASP F 160 18.06 13.86 -19.08
CA ASP F 160 17.77 15.27 -19.44
C ASP F 160 16.92 15.33 -20.73
N MET F 161 17.07 14.38 -21.65
CA MET F 161 16.31 14.40 -22.93
C MET F 161 14.89 13.89 -22.69
N GLN F 162 14.68 13.05 -21.68
CA GLN F 162 13.37 12.40 -21.43
C GLN F 162 12.34 13.44 -20.94
N VAL F 163 12.73 14.61 -20.43
CA VAL F 163 11.71 15.60 -19.96
C VAL F 163 10.95 16.16 -21.16
N PHE F 164 11.34 15.81 -22.39
CA PHE F 164 10.68 16.24 -23.66
C PHE F 164 9.94 15.04 -24.26
N GLY F 165 10.69 14.16 -24.94
CA GLY F 165 10.15 13.02 -25.71
C GLY F 165 10.59 11.70 -25.13
N ASP F 166 10.39 10.59 -25.86
CA ASP F 166 11.02 9.28 -25.58
C ASP F 166 11.84 8.86 -26.80
N THR F 167 12.13 9.83 -27.67
CA THR F 167 12.89 9.65 -28.93
C THR F 167 13.95 10.75 -28.99
N VAL F 168 15.23 10.36 -29.05
CA VAL F 168 16.42 11.27 -29.06
C VAL F 168 17.10 11.18 -30.43
N THR F 169 17.76 12.27 -30.84
CA THR F 169 18.33 12.47 -32.19
C THR F 169 19.79 12.89 -32.06
N ILE F 170 20.67 11.89 -32.05
CA ILE F 170 22.15 12.07 -32.02
C ILE F 170 22.57 12.56 -33.41
N ALA F 171 23.31 13.67 -33.46
CA ALA F 171 23.80 14.32 -34.70
C ALA F 171 25.32 14.48 -34.57
N ILE F 172 26.08 13.46 -35.00
CA ILE F 172 27.57 13.47 -34.95
C ILE F 172 28.11 14.20 -36.18
N SER F 173 29.15 15.02 -35.99
CA SER F 173 29.62 16.02 -36.97
C SER F 173 30.85 16.74 -36.43
N LYS F 174 32.05 16.39 -36.91
CA LYS F 174 33.34 16.99 -36.42
C LYS F 174 33.08 18.45 -36.03
N GLU F 175 33.45 18.80 -34.79
CA GLU F 175 33.15 20.06 -34.02
C GLU F 175 32.37 19.67 -32.76
N GLY F 176 31.57 18.59 -32.81
CA GLY F 176 30.88 18.00 -31.65
C GLY F 176 29.80 17.00 -32.01
N VAL F 177 28.98 16.63 -31.03
CA VAL F 177 27.77 15.76 -31.16
C VAL F 177 26.62 16.45 -30.43
N LYS F 178 25.49 16.62 -31.11
CA LYS F 178 24.27 17.26 -30.54
C LYS F 178 23.16 16.21 -30.42
N PHE F 179 22.72 15.96 -29.19
CA PHE F 179 21.51 15.17 -28.86
C PHE F 179 20.33 16.13 -28.69
N SER F 180 19.18 15.77 -29.22
CA SER F 180 17.98 16.63 -29.37
C SER F 180 16.73 15.79 -29.09
N SER F 181 15.71 16.38 -28.48
CA SER F 181 14.37 15.75 -28.36
C SER F 181 13.27 16.80 -28.34
N SER F 182 12.04 16.33 -28.54
CA SER F 182 10.82 17.14 -28.68
C SER F 182 9.62 16.44 -28.02
N GLY F 183 8.65 17.22 -27.53
CA GLY F 183 7.43 16.72 -26.86
C GLY F 183 6.59 17.86 -26.32
N ASP F 184 5.61 17.54 -25.47
CA ASP F 184 4.62 18.52 -24.91
C ASP F 184 5.39 19.74 -24.40
N VAL F 185 6.30 19.52 -23.45
CA VAL F 185 7.07 20.58 -22.71
C VAL F 185 7.76 21.55 -23.69
N GLY F 186 8.27 21.04 -24.82
CA GLY F 186 8.97 21.85 -25.84
C GLY F 186 10.00 21.05 -26.63
N GLN F 187 11.02 21.76 -27.13
CA GLN F 187 12.20 21.18 -27.83
C GLN F 187 13.45 21.53 -27.03
N GLY F 188 14.38 20.58 -26.92
CA GLY F 188 15.68 20.79 -26.29
C GLY F 188 16.77 20.01 -27.01
N TYR F 189 17.98 20.59 -27.05
CA TYR F 189 19.21 19.91 -27.48
C TYR F 189 20.32 20.27 -26.49
N THR F 190 21.24 19.31 -26.32
CA THR F 190 22.53 19.44 -25.62
C THR F 190 23.63 19.15 -26.65
N PHE F 191 24.45 20.16 -26.95
CA PHE F 191 25.60 20.12 -27.90
C PHE F 191 26.89 19.96 -27.09
N LEU F 192 27.75 19.00 -27.47
CA LEU F 192 29.06 18.74 -26.82
C LEU F 192 30.22 19.06 -27.78
N GLN F 193 30.79 20.25 -27.68
CA GLN F 193 32.09 20.66 -28.31
C GLN F 193 33.15 19.57 -28.14
N ALA F 194 33.90 19.28 -29.21
CA ALA F 194 35.04 18.32 -29.22
C ALA F 194 36.37 19.08 -29.04
N ALA F 195 36.32 20.26 -28.40
CA ALA F 195 37.43 21.25 -28.27
C ALA F 195 38.61 20.60 -27.56
N GLY F 237 35.63 16.40 -22.31
CA GLY F 237 36.52 15.54 -23.12
C GLY F 237 35.74 14.65 -24.07
N VAL F 238 35.29 15.21 -25.20
CA VAL F 238 34.49 14.51 -26.26
C VAL F 238 35.40 14.13 -27.43
N GLU F 239 35.26 12.92 -27.98
CA GLU F 239 36.16 12.35 -29.01
C GLU F 239 35.34 11.81 -30.18
N VAL F 240 34.91 12.74 -31.05
CA VAL F 240 34.27 12.49 -32.38
C VAL F 240 35.30 11.81 -33.31
N THR F 241 34.86 10.88 -34.16
CA THR F 241 35.70 10.16 -35.16
C THR F 241 34.82 9.63 -36.30
N MET F 242 34.45 10.48 -37.25
CA MET F 242 33.46 10.14 -38.31
C MET F 242 34.16 9.99 -39.67
N GLU F 243 33.59 9.15 -40.54
CA GLU F 243 33.84 9.17 -42.00
C GLU F 243 33.08 10.37 -42.59
N GLU F 244 31.73 10.36 -42.53
CA GLU F 244 30.89 11.51 -43.00
C GLU F 244 30.04 12.07 -41.85
N PRO F 245 29.61 13.36 -41.95
CA PRO F 245 28.58 13.91 -41.08
C PRO F 245 27.32 13.03 -41.18
N ILE F 246 26.64 12.86 -40.04
CA ILE F 246 25.62 11.79 -39.82
C ILE F 246 24.55 12.31 -38.86
N THR F 247 23.42 11.61 -38.81
CA THR F 247 22.30 11.84 -37.87
C THR F 247 21.68 10.47 -37.63
N LEU F 248 20.92 10.31 -36.55
CA LEU F 248 20.23 9.04 -36.18
C LEU F 248 19.25 9.33 -35.04
N SER F 249 18.46 8.35 -34.65
CA SER F 249 17.38 8.47 -33.64
C SER F 249 17.25 7.17 -32.87
N PHE F 250 17.00 7.24 -31.57
CA PHE F 250 16.79 6.03 -30.73
C PHE F 250 15.70 6.23 -29.68
N ALA F 251 15.29 5.08 -29.12
CA ALA F 251 14.33 4.95 -28.01
C ALA F 251 15.05 5.34 -26.73
N LEU F 252 14.57 6.40 -26.06
CA LEU F 252 15.21 6.89 -24.82
C LEU F 252 14.98 5.90 -23.70
N ARG F 253 13.91 5.10 -23.78
CA ARG F 253 13.70 3.93 -22.88
C ARG F 253 15.02 3.15 -22.78
N PHE F 254 15.60 2.75 -23.92
CA PHE F 254 16.75 1.82 -23.95
C PHE F 254 18.08 2.58 -23.71
N MET F 255 18.24 3.77 -24.29
CA MET F 255 19.43 4.59 -23.99
C MET F 255 19.58 4.70 -22.47
N GLY F 256 18.47 5.01 -21.78
CA GLY F 256 18.38 5.11 -20.31
C GLY F 256 18.88 3.84 -19.64
N ILE F 257 18.44 2.70 -20.14
CA ILE F 257 18.78 1.38 -19.52
C ILE F 257 20.29 1.13 -19.63
N PHE F 258 20.92 1.60 -20.72
CA PHE F 258 22.36 1.43 -20.98
C PHE F 258 23.14 2.39 -20.06
N ALA F 259 22.76 3.68 -20.09
CA ALA F 259 23.45 4.81 -19.42
C ALA F 259 23.96 4.40 -18.02
N LYS F 260 23.36 3.36 -17.42
CA LYS F 260 23.69 2.81 -16.08
C LYS F 260 25.05 2.10 -16.11
N GLY F 261 25.61 1.87 -17.29
CA GLY F 261 26.97 1.34 -17.47
C GLY F 261 28.01 2.25 -16.86
N SER F 262 27.64 3.51 -16.64
CA SER F 262 28.48 4.56 -16.00
C SER F 262 28.89 4.16 -14.57
N THR F 263 28.34 3.07 -14.04
CA THR F 263 28.76 2.49 -12.74
C THR F 263 30.03 1.64 -12.94
N LEU F 264 30.44 1.37 -14.19
CA LEU F 264 31.53 0.39 -14.54
C LEU F 264 32.72 1.15 -15.14
N SER F 265 32.62 1.55 -16.42
CA SER F 265 33.56 2.44 -17.13
C SER F 265 33.32 3.87 -16.64
N GLU F 266 34.35 4.70 -16.66
CA GLU F 266 34.27 6.17 -16.48
C GLU F 266 34.00 6.84 -17.83
N ARG F 267 34.12 6.12 -18.96
CA ARG F 267 33.84 6.69 -20.31
C ARG F 267 33.04 5.68 -21.12
N VAL F 268 32.44 6.15 -22.22
CA VAL F 268 31.48 5.32 -22.99
C VAL F 268 31.67 5.60 -24.49
N THR F 269 31.78 4.53 -25.26
CA THR F 269 31.90 4.62 -26.73
C THR F 269 30.53 4.29 -27.31
N LEU F 270 30.08 5.16 -28.20
CA LEU F 270 28.87 4.96 -29.04
C LEU F 270 29.32 4.95 -30.50
N LYS F 271 29.13 3.82 -31.20
CA LYS F 271 29.48 3.61 -32.63
C LYS F 271 28.18 3.51 -33.45
N PHE F 272 28.17 4.08 -34.65
CA PHE F 272 26.96 4.23 -35.50
C PHE F 272 27.26 3.77 -36.93
N ALA F 273 26.22 3.71 -37.77
CA ALA F 273 26.28 3.31 -39.19
C ALA F 273 24.87 3.42 -39.78
N LYS F 274 24.68 4.27 -40.80
CA LYS F 274 23.35 4.61 -41.37
C LYS F 274 22.43 3.37 -41.35
N ASP F 275 21.22 3.54 -40.83
CA ASP F 275 20.15 2.50 -40.78
C ASP F 275 20.79 1.14 -40.46
N SER F 276 21.49 1.06 -39.32
CA SER F 276 22.06 -0.18 -38.71
C SER F 276 22.22 -0.03 -37.20
N PRO F 277 21.99 -1.13 -36.44
CA PRO F 277 22.28 -1.18 -35.01
C PRO F 277 23.49 -0.33 -34.59
N CYS F 278 23.24 0.72 -33.82
CA CYS F 278 24.27 1.40 -32.98
C CYS F 278 24.63 0.51 -31.80
N MET F 279 25.79 0.78 -31.21
CA MET F 279 26.38 0.03 -30.06
C MET F 279 26.88 1.05 -29.04
N VAL F 280 26.63 0.81 -27.75
CA VAL F 280 27.26 1.60 -26.67
C VAL F 280 28.12 0.60 -25.86
N GLU F 281 29.37 0.99 -25.65
CA GLU F 281 30.41 0.05 -25.14
C GLU F 281 30.91 0.60 -23.82
N TYR F 282 30.88 -0.25 -22.80
CA TYR F 282 31.42 0.08 -21.47
C TYR F 282 32.67 -0.78 -21.28
N GLY F 283 33.82 -0.11 -21.19
CA GLY F 283 35.10 -0.76 -20.86
C GLY F 283 35.19 -1.21 -19.41
N ILE F 284 35.23 -2.53 -19.17
CA ILE F 284 35.68 -3.09 -17.85
C ILE F 284 37.21 -3.26 -17.90
N ASP F 285 37.93 -2.25 -18.41
CA ASP F 285 39.40 -2.16 -18.68
C ASP F 285 40.05 -3.53 -18.91
N ASN F 286 40.03 -4.00 -20.17
CA ASN F 286 40.79 -5.17 -20.64
C ASN F 286 40.07 -6.47 -20.30
N VAL F 287 39.78 -6.68 -19.01
CA VAL F 287 39.38 -8.00 -18.46
C VAL F 287 37.92 -8.29 -18.87
N GLY F 288 37.24 -7.31 -19.46
CA GLY F 288 36.00 -7.57 -20.21
C GLY F 288 35.40 -6.29 -20.76
N TYR F 289 34.16 -6.40 -21.21
CA TYR F 289 33.36 -5.27 -21.72
C TYR F 289 31.88 -5.60 -21.46
N LEU F 290 31.07 -4.56 -21.34
CA LEU F 290 29.59 -4.63 -21.48
C LEU F 290 29.19 -3.83 -22.72
N ARG F 291 28.52 -4.50 -23.64
CA ARG F 291 28.22 -3.92 -24.96
C ARG F 291 26.70 -4.02 -25.19
N TYR F 292 26.07 -2.88 -25.45
CA TYR F 292 24.61 -2.80 -25.76
C TYR F 292 24.49 -2.37 -27.21
N TYR F 293 23.72 -3.13 -27.99
CA TYR F 293 23.33 -2.79 -29.38
C TYR F 293 21.84 -2.53 -29.35
N LEU F 294 21.39 -1.47 -30.03
CA LEU F 294 19.95 -1.13 -30.20
C LEU F 294 19.70 -0.57 -31.60
N ALA F 295 18.60 -1.01 -32.23
CA ALA F 295 18.18 -0.64 -33.59
C ALA F 295 17.62 0.78 -33.63
N PRO F 296 18.05 1.64 -34.59
CA PRO F 296 17.53 3.01 -34.72
C PRO F 296 16.04 3.13 -35.06
N LYS F 297 15.58 4.34 -35.36
CA LYS F 297 14.24 4.59 -35.95
C LYS F 297 14.41 5.70 -37.02
N VAL F 298 14.03 5.43 -38.28
CA VAL F 298 13.93 6.45 -39.38
C VAL F 298 12.50 6.41 -39.95
N ASP F 299 12.00 7.59 -40.35
CA ASP F 299 10.61 7.88 -40.77
C ASP F 299 10.40 9.39 -40.62
N ARG G . -16.58 12.24 34.39
CA ARG G . -16.54 13.54 35.17
C ARG G . -17.68 13.51 36.19
O ARG G . -18.82 13.84 35.89
CB ARG G . -16.52 14.77 34.23
CG ARG G . -17.69 14.96 33.27
CD ARG G . -17.81 14.01 32.05
NE ARG G . -17.02 14.39 30.88
CZ ARG G . -16.84 13.65 29.76
NH1 ARG G . -17.39 12.45 29.61
NH2 ARG G . -16.10 14.15 28.79
OXT ARG G . -17.50 13.12 37.34
N ARG H . 4.51 -15.30 26.16
CA ARG H . 5.36 -16.52 26.44
C ARG H . 5.25 -17.53 25.27
O ARG H . 4.40 -17.50 24.34
CB ARG H . 5.04 -17.07 27.85
CG ARG H . 3.66 -17.69 28.09
CD ARG H . 2.68 -16.85 28.89
NE ARG H . 2.84 -16.78 30.34
CZ ARG H . 1.99 -16.19 31.23
NH1 ARG H . 2.27 -16.19 32.52
NH2 ARG H . 0.87 -15.60 30.85
OXT ARG H . 6.08 -18.46 25.18
#